data_2N39
#
_entry.id   2N39
#
_entity_poly.entity_id   1
_entity_poly.type   'polypeptide(L)'
_entity_poly.pdbx_seq_one_letter_code
;GPLGSLDQKTFSICKERMRPVKAALKQLDRPEKGLSEREQLEHTRQCLIKIGDHITECLKEYTNPEQIKQWRKNLWIFVS
KFTEFDARKLHKLYKHAIKKRQESQQNS
;
_entity_poly.pdbx_strand_id   A
#
# COMPACT_ATOMS: atom_id res chain seq x y z
N GLY A 1 -19.93 -16.51 7.09
CA GLY A 1 -20.36 -15.11 7.12
C GLY A 1 -19.17 -14.17 7.17
N PRO A 2 -18.77 -13.70 8.36
CA PRO A 2 -17.84 -12.58 8.49
C PRO A 2 -16.39 -12.94 8.18
N LEU A 3 -16.03 -14.23 8.20
CA LEU A 3 -14.68 -14.75 7.96
C LEU A 3 -13.63 -13.93 8.71
N GLY A 4 -12.41 -13.94 8.21
CA GLY A 4 -11.24 -13.26 8.68
C GLY A 4 -10.06 -13.78 7.86
N SER A 5 -8.87 -13.25 8.10
CA SER A 5 -7.71 -13.57 7.28
C SER A 5 -7.99 -13.28 5.78
N LEU A 6 -7.30 -13.97 4.88
CA LEU A 6 -7.45 -13.86 3.43
C LEU A 6 -7.65 -15.28 2.88
N ASP A 7 -8.39 -15.44 1.77
CA ASP A 7 -8.58 -16.72 1.12
C ASP A 7 -7.23 -17.23 0.62
N GLN A 8 -7.09 -18.54 0.42
CA GLN A 8 -5.87 -19.11 -0.15
C GLN A 8 -5.58 -18.51 -1.53
N LYS A 9 -6.59 -18.41 -2.40
CA LYS A 9 -6.40 -17.77 -3.71
C LYS A 9 -5.99 -16.31 -3.52
N THR A 10 -6.80 -15.54 -2.80
CA THR A 10 -6.61 -14.12 -2.57
C THR A 10 -5.21 -13.79 -2.00
N PHE A 11 -4.69 -14.63 -1.11
CA PHE A 11 -3.32 -14.62 -0.60
C PHE A 11 -2.30 -14.72 -1.74
N SER A 12 -2.45 -15.67 -2.64
CA SER A 12 -1.56 -15.82 -3.77
C SER A 12 -1.64 -14.61 -4.70
N ILE A 13 -2.84 -14.04 -4.89
CA ILE A 13 -3.07 -12.90 -5.77
C ILE A 13 -2.28 -11.68 -5.26
N CYS A 14 -2.44 -11.31 -3.98
CA CYS A 14 -1.67 -10.19 -3.45
C CYS A 14 -0.16 -10.42 -3.53
N LYS A 15 0.34 -11.61 -3.23
CA LYS A 15 1.75 -11.99 -3.47
C LYS A 15 2.17 -11.63 -4.89
N GLU A 16 1.40 -12.02 -5.90
CA GLU A 16 1.75 -11.76 -7.29
C GLU A 16 1.71 -10.27 -7.62
N ARG A 17 0.82 -9.49 -7.01
CA ARG A 17 0.79 -8.04 -7.26
C ARG A 17 1.96 -7.36 -6.56
N MET A 18 2.25 -7.76 -5.32
CA MET A 18 3.37 -7.27 -4.55
C MET A 18 4.64 -8.01 -4.99
N ARG A 19 5.08 -7.74 -6.23
CA ARG A 19 6.35 -8.21 -6.76
C ARG A 19 7.30 -7.03 -6.80
N PRO A 20 7.12 -6.01 -7.66
CA PRO A 20 8.07 -4.91 -7.77
C PRO A 20 8.21 -4.15 -6.45
N VAL A 21 7.10 -3.92 -5.75
CA VAL A 21 7.06 -3.14 -4.51
C VAL A 21 7.54 -3.92 -3.28
N LYS A 22 8.11 -5.13 -3.44
CA LYS A 22 8.59 -5.91 -2.30
C LYS A 22 9.53 -5.13 -1.40
N ALA A 23 10.51 -4.41 -1.97
CA ALA A 23 11.43 -3.63 -1.17
C ALA A 23 10.68 -2.68 -0.25
N ALA A 24 9.78 -1.88 -0.83
CA ALA A 24 9.10 -0.82 -0.10
C ALA A 24 8.25 -1.42 1.02
N LEU A 25 7.44 -2.42 0.70
CA LEU A 25 6.57 -3.05 1.68
C LEU A 25 7.38 -3.72 2.80
N LYS A 26 8.50 -4.35 2.46
CA LYS A 26 9.35 -4.99 3.48
C LYS A 26 10.01 -3.94 4.35
N GLN A 27 10.43 -2.80 3.79
CA GLN A 27 10.93 -1.66 4.58
C GLN A 27 9.87 -1.15 5.57
N LEU A 28 8.57 -1.35 5.30
CA LEU A 28 7.50 -0.93 6.21
C LEU A 28 7.32 -1.88 7.39
N ASP A 29 7.80 -3.12 7.29
CA ASP A 29 7.85 -4.09 8.38
C ASP A 29 9.06 -3.80 9.26
N ARG A 30 10.20 -3.58 8.61
CA ARG A 30 11.52 -3.47 9.21
C ARG A 30 12.25 -2.27 8.60
N PRO A 31 12.07 -1.05 9.13
CA PRO A 31 12.73 0.13 8.60
C PRO A 31 14.25 0.04 8.77
N GLU A 32 14.95 0.92 8.04
CA GLU A 32 16.39 1.10 8.10
C GLU A 32 16.73 1.94 9.35
N LYS A 33 17.97 1.82 9.85
CA LYS A 33 18.43 2.39 11.11
C LYS A 33 19.77 3.11 11.02
N GLY A 34 20.43 3.07 9.87
CA GLY A 34 21.79 3.55 9.67
C GLY A 34 21.89 4.84 8.85
N LEU A 35 20.78 5.55 8.64
CA LEU A 35 20.72 6.78 7.86
C LEU A 35 20.46 7.96 8.79
N SER A 36 20.31 9.10 8.16
CA SER A 36 20.08 10.40 8.75
C SER A 36 18.60 10.56 9.11
N GLU A 37 18.20 11.66 9.75
CA GLU A 37 16.80 11.95 10.03
C GLU A 37 16.07 12.38 8.75
N ARG A 38 16.69 13.28 7.97
CA ARG A 38 16.06 13.81 6.76
C ARG A 38 15.93 12.72 5.71
N GLU A 39 16.89 11.79 5.74
CA GLU A 39 16.93 10.60 4.91
C GLU A 39 15.71 9.75 5.19
N GLN A 40 15.49 9.40 6.47
CA GLN A 40 14.34 8.61 6.89
C GLN A 40 13.05 9.27 6.42
N LEU A 41 12.99 10.60 6.51
CA LEU A 41 11.80 11.35 6.18
C LEU A 41 11.42 11.13 4.72
N GLU A 42 12.34 11.27 3.76
CA GLU A 42 12.00 10.97 2.37
C GLU A 42 11.75 9.49 2.11
N HIS A 43 12.60 8.66 2.70
CA HIS A 43 12.60 7.22 2.59
C HIS A 43 11.19 6.65 2.82
N THR A 44 10.59 6.94 3.98
CA THR A 44 9.31 6.35 4.33
C THR A 44 8.24 6.75 3.30
N ARG A 45 8.25 8.00 2.80
CA ARG A 45 7.26 8.42 1.81
C ARG A 45 7.49 7.69 0.51
N GLN A 46 8.73 7.62 0.03
CA GLN A 46 9.07 6.96 -1.24
C GLN A 46 8.68 5.48 -1.21
N CYS A 47 8.82 4.80 -0.07
CA CYS A 47 8.24 3.50 0.16
C CYS A 47 6.71 3.56 0.03
N LEU A 48 6.06 4.32 0.91
CA LEU A 48 4.62 4.43 1.07
C LEU A 48 3.90 4.70 -0.24
N ILE A 49 4.25 5.76 -0.98
CA ILE A 49 3.59 6.07 -2.23
C ILE A 49 3.80 4.96 -3.25
N LYS A 50 4.98 4.35 -3.35
CA LYS A 50 5.21 3.34 -4.38
C LYS A 50 4.32 2.14 -4.14
N ILE A 51 4.17 1.74 -2.87
CA ILE A 51 3.25 0.68 -2.49
C ILE A 51 1.83 1.11 -2.85
N GLY A 52 1.38 2.25 -2.32
CA GLY A 52 -0.03 2.66 -2.41
C GLY A 52 -0.46 2.98 -3.84
N ASP A 53 0.46 3.45 -4.68
CA ASP A 53 0.24 3.75 -6.07
C ASP A 53 0.22 2.45 -6.88
N HIS A 54 1.12 1.50 -6.59
CA HIS A 54 1.02 0.18 -7.23
C HIS A 54 -0.26 -0.54 -6.81
N ILE A 55 -0.67 -0.44 -5.54
CA ILE A 55 -1.99 -0.88 -5.08
C ILE A 55 -3.05 -0.24 -5.97
N THR A 56 -3.02 1.09 -6.11
CA THR A 56 -4.01 1.82 -6.90
C THR A 56 -4.08 1.24 -8.30
N GLU A 57 -2.94 1.06 -8.98
CA GLU A 57 -2.92 0.65 -10.37
C GLU A 57 -3.35 -0.80 -10.53
N CYS A 58 -2.97 -1.66 -9.59
CA CYS A 58 -3.47 -3.01 -9.47
C CYS A 58 -4.99 -3.04 -9.41
N LEU A 59 -5.61 -2.12 -8.67
CA LEU A 59 -7.05 -2.06 -8.53
C LEU A 59 -7.71 -1.38 -9.73
N LYS A 60 -7.08 -0.46 -10.48
CA LYS A 60 -7.75 0.04 -11.69
C LYS A 60 -7.74 -1.01 -12.81
N GLU A 61 -6.99 -2.11 -12.64
CA GLU A 61 -6.95 -3.19 -13.61
C GLU A 61 -8.36 -3.77 -13.76
N TYR A 62 -9.04 -4.02 -12.63
CA TYR A 62 -10.38 -4.59 -12.64
C TYR A 62 -11.42 -3.55 -13.07
N THR A 63 -12.59 -4.01 -13.53
CA THR A 63 -13.68 -3.14 -13.94
C THR A 63 -14.90 -3.25 -13.03
N ASN A 64 -15.22 -4.45 -12.53
CA ASN A 64 -16.43 -4.65 -11.77
C ASN A 64 -16.33 -3.90 -10.45
N PRO A 65 -17.44 -3.34 -9.95
CA PRO A 65 -17.45 -2.58 -8.70
C PRO A 65 -17.07 -3.51 -7.56
N GLU A 66 -17.55 -4.75 -7.59
CA GLU A 66 -17.26 -5.78 -6.59
C GLU A 66 -15.75 -5.94 -6.42
N GLN A 67 -15.06 -6.19 -7.54
CA GLN A 67 -13.63 -6.42 -7.62
C GLN A 67 -12.88 -5.18 -7.17
N ILE A 68 -13.10 -4.03 -7.81
CA ILE A 68 -12.32 -2.83 -7.48
C ILE A 68 -12.52 -2.50 -6.00
N LYS A 69 -13.73 -2.64 -5.44
CA LYS A 69 -13.99 -2.38 -4.03
C LYS A 69 -13.30 -3.41 -3.13
N GLN A 70 -13.44 -4.70 -3.43
CA GLN A 70 -12.89 -5.75 -2.60
C GLN A 70 -11.36 -5.68 -2.64
N TRP A 71 -10.75 -5.61 -3.82
CA TRP A 71 -9.31 -5.54 -3.95
C TRP A 71 -8.80 -4.23 -3.31
N ARG A 72 -9.57 -3.14 -3.37
CA ARG A 72 -9.26 -1.87 -2.67
C ARG A 72 -9.10 -2.08 -1.17
N LYS A 73 -9.62 -3.15 -0.58
CA LYS A 73 -9.35 -3.50 0.81
C LYS A 73 -8.36 -4.65 0.91
N ASN A 74 -8.46 -5.68 0.06
CA ASN A 74 -7.61 -6.88 0.14
C ASN A 74 -6.13 -6.50 0.11
N LEU A 75 -5.71 -5.65 -0.82
CA LEU A 75 -4.30 -5.30 -0.95
C LEU A 75 -3.83 -4.53 0.28
N TRP A 76 -4.62 -3.55 0.74
CA TRP A 76 -4.35 -2.83 1.98
C TRP A 76 -4.23 -3.78 3.18
N ILE A 77 -5.08 -4.81 3.28
CA ILE A 77 -5.02 -5.79 4.35
C ILE A 77 -3.69 -6.53 4.25
N PHE A 78 -3.38 -7.10 3.09
CA PHE A 78 -2.16 -7.86 2.88
C PHE A 78 -0.93 -7.05 3.27
N VAL A 79 -0.81 -5.82 2.79
CA VAL A 79 0.32 -4.96 3.11
C VAL A 79 0.34 -4.65 4.61
N SER A 80 -0.81 -4.33 5.20
CA SER A 80 -0.93 -4.04 6.62
C SER A 80 -0.40 -5.17 7.52
N LYS A 81 -0.36 -6.43 7.06
CA LYS A 81 0.23 -7.53 7.86
C LYS A 81 1.73 -7.33 8.01
N PHE A 82 2.38 -6.82 6.98
CA PHE A 82 3.80 -6.52 6.91
C PHE A 82 4.13 -5.14 7.48
N THR A 83 3.37 -4.59 8.43
CA THR A 83 3.77 -3.34 9.07
C THR A 83 3.07 -3.19 10.42
N GLU A 84 3.46 -2.20 11.22
CA GLU A 84 2.76 -1.81 12.43
C GLU A 84 1.47 -1.01 12.10
N PHE A 85 1.36 -0.50 10.88
CA PHE A 85 0.30 0.39 10.46
C PHE A 85 -0.89 -0.41 9.97
N ASP A 86 -2.00 -0.31 10.71
CA ASP A 86 -3.27 -0.87 10.25
C ASP A 86 -3.66 -0.24 8.92
N ALA A 87 -4.52 -0.93 8.18
CA ALA A 87 -5.12 -0.44 6.95
C ALA A 87 -5.97 0.82 7.18
N ARG A 88 -6.39 1.08 8.42
CA ARG A 88 -7.05 2.33 8.81
C ARG A 88 -6.05 3.50 8.83
N LYS A 89 -4.80 3.26 9.26
CA LYS A 89 -3.72 4.24 9.25
C LYS A 89 -3.22 4.38 7.82
N LEU A 90 -2.83 3.27 7.19
CA LEU A 90 -2.02 3.25 5.97
C LEU A 90 -2.71 4.04 4.87
N HIS A 91 -3.99 3.79 4.62
CA HIS A 91 -4.80 4.52 3.66
C HIS A 91 -4.78 6.03 3.96
N LYS A 92 -4.94 6.44 5.23
CA LYS A 92 -4.93 7.84 5.64
C LYS A 92 -3.56 8.47 5.42
N LEU A 93 -2.49 7.76 5.77
CA LEU A 93 -1.11 8.21 5.69
C LEU A 93 -0.70 8.35 4.22
N TYR A 94 -1.02 7.36 3.40
CA TYR A 94 -0.87 7.39 1.95
C TYR A 94 -1.57 8.62 1.40
N LYS A 95 -2.86 8.81 1.70
CA LYS A 95 -3.61 10.01 1.31
C LYS A 95 -2.85 11.27 1.67
N HIS A 96 -2.37 11.42 2.90
CA HIS A 96 -1.60 12.60 3.29
C HIS A 96 -0.40 12.82 2.37
N ALA A 97 0.35 11.76 2.06
CA ALA A 97 1.52 11.83 1.19
C ALA A 97 1.10 12.34 -0.19
N ILE A 98 0.30 11.60 -0.94
CA ILE A 98 -0.09 11.93 -2.30
C ILE A 98 -0.71 13.33 -2.34
N LYS A 99 -1.63 13.62 -1.41
CA LYS A 99 -2.34 14.89 -1.39
C LYS A 99 -1.38 16.06 -1.23
N LYS A 100 -0.54 16.00 -0.20
CA LYS A 100 0.47 17.02 0.09
C LYS A 100 1.33 17.25 -1.15
N ARG A 101 1.91 16.17 -1.68
CA ARG A 101 2.88 16.22 -2.76
C ARG A 101 2.27 16.72 -4.06
N GLN A 102 0.94 16.58 -4.22
CA GLN A 102 0.17 16.91 -5.40
C GLN A 102 0.55 16.09 -6.62
N GLU A 103 1.40 15.08 -6.45
CA GLU A 103 1.63 14.05 -7.45
C GLU A 103 0.38 13.17 -7.53
N SER A 104 0.20 12.50 -8.67
CA SER A 104 -0.81 11.49 -8.97
C SER A 104 -0.58 11.04 -10.42
N GLN A 105 -0.43 11.99 -11.35
CA GLN A 105 -0.17 11.76 -12.78
C GLN A 105 -1.22 10.84 -13.42
N GLN A 106 -0.91 10.29 -14.60
CA GLN A 106 -1.65 9.21 -15.21
C GLN A 106 -0.66 8.26 -15.88
N ASN A 107 -1.04 6.98 -15.96
CA ASN A 107 -0.38 5.92 -16.73
C ASN A 107 1.12 5.78 -16.42
N SER A 108 1.50 6.11 -15.19
CA SER A 108 2.81 5.79 -14.63
C SER A 108 2.95 4.29 -14.49
N GLY A 1 -12.42 -6.40 13.32
CA GLY A 1 -12.51 -7.66 14.06
C GLY A 1 -11.21 -8.43 13.96
N PRO A 2 -11.06 -9.39 13.03
CA PRO A 2 -10.05 -10.43 13.17
C PRO A 2 -8.62 -10.03 12.83
N LEU A 3 -8.40 -8.86 12.22
CA LEU A 3 -7.09 -8.43 11.68
C LEU A 3 -6.45 -9.47 10.72
N GLY A 4 -7.25 -10.36 10.14
CA GLY A 4 -6.83 -11.33 9.13
C GLY A 4 -8.07 -11.88 8.42
N SER A 5 -8.20 -11.63 7.11
CA SER A 5 -9.30 -12.13 6.29
C SER A 5 -8.91 -12.05 4.82
N LEU A 6 -8.28 -13.10 4.30
CA LEU A 6 -7.95 -13.32 2.90
C LEU A 6 -8.08 -14.82 2.65
N ASP A 7 -8.79 -15.24 1.61
CA ASP A 7 -8.88 -16.66 1.28
C ASP A 7 -7.52 -17.22 0.83
N GLN A 8 -7.42 -18.52 0.62
CA GLN A 8 -6.21 -19.19 0.16
C GLN A 8 -5.72 -18.59 -1.16
N LYS A 9 -6.59 -18.48 -2.16
CA LYS A 9 -6.29 -17.95 -3.48
C LYS A 9 -6.08 -16.45 -3.42
N THR A 10 -6.94 -15.73 -2.70
CA THR A 10 -6.90 -14.29 -2.56
C THR A 10 -5.55 -13.87 -1.98
N PHE A 11 -5.14 -14.50 -0.88
CA PHE A 11 -3.86 -14.31 -0.22
C PHE A 11 -2.73 -14.50 -1.24
N SER A 12 -2.77 -15.58 -2.01
CA SER A 12 -1.76 -15.88 -3.01
C SER A 12 -1.62 -14.72 -4.01
N ILE A 13 -2.75 -14.21 -4.52
CA ILE A 13 -2.80 -13.12 -5.50
C ILE A 13 -2.22 -11.83 -4.90
N CYS A 14 -2.44 -11.56 -3.61
CA CYS A 14 -1.83 -10.40 -2.96
C CYS A 14 -0.31 -10.37 -3.14
N LYS A 15 0.36 -11.49 -2.88
CA LYS A 15 1.82 -11.61 -3.02
C LYS A 15 2.24 -11.32 -4.47
N GLU A 16 1.49 -11.81 -5.43
CA GLU A 16 1.78 -11.63 -6.85
C GLU A 16 1.61 -10.16 -7.25
N ARG A 17 0.63 -9.44 -6.71
CA ARG A 17 0.49 -7.99 -6.93
C ARG A 17 1.65 -7.24 -6.31
N MET A 18 1.97 -7.52 -5.04
CA MET A 18 3.06 -6.86 -4.32
C MET A 18 4.42 -7.45 -4.74
N ARG A 19 4.69 -7.55 -6.04
CA ARG A 19 5.94 -8.03 -6.61
C ARG A 19 6.89 -6.85 -6.79
N PRO A 20 6.54 -5.81 -7.58
CA PRO A 20 7.43 -4.67 -7.78
C PRO A 20 7.74 -3.96 -6.48
N VAL A 21 6.76 -3.81 -5.58
CA VAL A 21 6.92 -3.05 -4.34
C VAL A 21 7.48 -3.88 -3.18
N LYS A 22 7.95 -5.13 -3.38
CA LYS A 22 8.45 -5.99 -2.29
C LYS A 22 9.43 -5.26 -1.37
N ALA A 23 10.43 -4.58 -1.94
CA ALA A 23 11.43 -3.86 -1.16
C ALA A 23 10.76 -2.81 -0.27
N ALA A 24 9.78 -2.06 -0.81
CA ALA A 24 9.03 -1.05 -0.08
C ALA A 24 8.22 -1.64 1.07
N LEU A 25 7.57 -2.81 0.86
CA LEU A 25 6.87 -3.47 1.95
C LEU A 25 7.85 -3.76 3.08
N LYS A 26 8.95 -4.46 2.79
CA LYS A 26 9.89 -4.83 3.84
C LYS A 26 10.48 -3.59 4.51
N GLN A 27 10.79 -2.54 3.76
CA GLN A 27 11.21 -1.24 4.28
C GLN A 27 10.22 -0.65 5.30
N LEU A 28 8.90 -0.79 5.11
CA LEU A 28 7.89 -0.23 6.02
C LEU A 28 7.74 -1.01 7.33
N ASP A 29 8.56 -2.05 7.56
CA ASP A 29 8.60 -2.90 8.74
C ASP A 29 10.02 -2.98 9.30
N ARG A 30 10.99 -3.35 8.46
CA ARG A 30 12.39 -3.48 8.80
C ARG A 30 13.21 -2.93 7.63
N PRO A 31 13.46 -1.61 7.58
CA PRO A 31 14.35 -1.01 6.60
C PRO A 31 15.80 -1.39 6.94
N GLU A 32 16.72 -0.96 6.08
CA GLU A 32 18.15 -1.32 6.11
C GLU A 32 18.88 -0.92 7.39
N LYS A 33 18.26 -0.04 8.16
CA LYS A 33 18.73 0.45 9.46
C LYS A 33 20.23 0.79 9.37
N GLY A 34 20.53 1.67 8.43
CA GLY A 34 21.86 2.01 7.98
C GLY A 34 21.75 3.08 6.91
N LEU A 35 20.84 4.04 7.12
CA LEU A 35 20.84 5.31 6.42
C LEU A 35 20.83 6.39 7.53
N SER A 36 20.79 7.66 7.14
CA SER A 36 20.76 8.80 8.06
C SER A 36 19.36 9.05 8.62
N GLU A 37 19.23 9.99 9.55
CA GLU A 37 17.96 10.33 10.19
C GLU A 37 16.98 10.91 9.17
N ARG A 38 17.42 11.88 8.34
CA ARG A 38 16.54 12.46 7.33
C ARG A 38 16.27 11.46 6.23
N GLU A 39 17.28 10.68 5.85
CA GLU A 39 17.18 9.74 4.76
C GLU A 39 16.09 8.73 5.07
N GLN A 40 16.10 8.16 6.28
CA GLN A 40 15.08 7.23 6.75
C GLN A 40 13.69 7.87 6.64
N LEU A 41 13.58 9.12 7.09
CA LEU A 41 12.35 9.90 7.07
C LEU A 41 11.80 9.95 5.65
N GLU A 42 12.60 10.45 4.70
CA GLU A 42 12.19 10.58 3.30
C GLU A 42 11.92 9.23 2.66
N HIS A 43 12.68 8.21 3.02
CA HIS A 43 12.50 6.88 2.50
C HIS A 43 11.11 6.35 2.83
N THR A 44 10.64 6.55 4.05
CA THR A 44 9.30 6.08 4.41
C THR A 44 8.24 6.71 3.50
N ARG A 45 8.36 8.02 3.22
CA ARG A 45 7.42 8.71 2.32
C ARG A 45 7.47 8.09 0.93
N GLN A 46 8.69 7.97 0.39
CA GLN A 46 8.98 7.40 -0.92
C GLN A 46 8.34 6.02 -1.07
N CYS A 47 8.55 5.15 -0.09
CA CYS A 47 8.06 3.80 -0.03
C CYS A 47 6.53 3.77 0.04
N LEU A 48 5.91 4.56 0.93
CA LEU A 48 4.45 4.58 1.08
C LEU A 48 3.79 4.95 -0.24
N ILE A 49 4.19 6.05 -0.89
CA ILE A 49 3.55 6.41 -2.16
C ILE A 49 3.72 5.30 -3.21
N LYS A 50 4.88 4.63 -3.25
CA LYS A 50 5.11 3.49 -4.13
C LYS A 50 4.01 2.47 -3.93
N ILE A 51 3.81 2.01 -2.70
CA ILE A 51 2.92 0.91 -2.41
C ILE A 51 1.50 1.32 -2.81
N GLY A 52 1.02 2.47 -2.32
CA GLY A 52 -0.37 2.84 -2.52
C GLY A 52 -0.71 3.05 -4.00
N ASP A 53 0.26 3.55 -4.75
CA ASP A 53 0.08 3.84 -6.17
C ASP A 53 0.07 2.54 -6.98
N HIS A 54 0.98 1.59 -6.70
CA HIS A 54 0.99 0.29 -7.38
C HIS A 54 -0.28 -0.50 -7.05
N ILE A 55 -0.80 -0.38 -5.82
CA ILE A 55 -2.11 -0.93 -5.49
C ILE A 55 -3.13 -0.31 -6.44
N THR A 56 -3.17 1.03 -6.55
CA THR A 56 -4.13 1.67 -7.43
C THR A 56 -4.02 1.15 -8.87
N GLU A 57 -2.81 1.00 -9.42
CA GLU A 57 -2.58 0.62 -10.81
C GLU A 57 -3.04 -0.81 -11.09
N CYS A 58 -2.92 -1.73 -10.13
CA CYS A 58 -3.45 -3.07 -10.24
C CYS A 58 -4.98 -3.04 -10.24
N LEU A 59 -5.57 -2.33 -9.29
CA LEU A 59 -7.02 -2.24 -9.16
C LEU A 59 -7.64 -1.50 -10.34
N LYS A 60 -6.88 -0.70 -11.07
CA LYS A 60 -7.29 -0.08 -12.33
C LYS A 60 -7.58 -1.10 -13.40
N GLU A 61 -7.13 -2.35 -13.26
CA GLU A 61 -7.42 -3.38 -14.23
C GLU A 61 -8.91 -3.70 -14.19
N TYR A 62 -9.45 -3.85 -12.98
CA TYR A 62 -10.71 -4.59 -12.90
C TYR A 62 -11.87 -3.72 -13.36
N THR A 63 -12.89 -4.36 -13.91
CA THR A 63 -14.01 -3.70 -14.56
C THR A 63 -15.30 -3.82 -13.73
N ASN A 64 -15.47 -4.88 -12.94
CA ASN A 64 -16.67 -5.03 -12.11
C ASN A 64 -16.55 -4.19 -10.83
N PRO A 65 -17.68 -3.69 -10.30
CA PRO A 65 -17.69 -2.89 -9.09
C PRO A 65 -17.21 -3.72 -7.89
N GLU A 66 -17.74 -4.94 -7.73
CA GLU A 66 -17.36 -5.80 -6.63
C GLU A 66 -15.88 -6.15 -6.70
N GLN A 67 -15.30 -6.33 -7.89
CA GLN A 67 -13.87 -6.56 -8.04
C GLN A 67 -13.08 -5.37 -7.49
N ILE A 68 -13.28 -4.17 -8.06
CA ILE A 68 -12.47 -3.01 -7.66
C ILE A 68 -12.65 -2.76 -6.16
N LYS A 69 -13.86 -2.89 -5.60
CA LYS A 69 -14.11 -2.71 -4.18
C LYS A 69 -13.40 -3.76 -3.36
N GLN A 70 -13.58 -5.04 -3.66
CA GLN A 70 -13.04 -6.16 -2.90
C GLN A 70 -11.52 -6.07 -2.87
N TRP A 71 -10.90 -6.07 -4.05
CA TRP A 71 -9.46 -6.05 -4.16
C TRP A 71 -8.86 -4.79 -3.54
N ARG A 72 -9.55 -3.64 -3.61
CA ARG A 72 -9.02 -2.42 -3.01
C ARG A 72 -8.76 -2.63 -1.52
N LYS A 73 -9.70 -3.26 -0.80
CA LYS A 73 -9.53 -3.60 0.60
C LYS A 73 -8.43 -4.64 0.72
N ASN A 74 -8.53 -5.74 -0.02
CA ASN A 74 -7.69 -6.90 0.17
C ASN A 74 -6.20 -6.56 0.05
N LEU A 75 -5.81 -5.73 -0.92
CA LEU A 75 -4.40 -5.34 -1.04
C LEU A 75 -3.97 -4.48 0.16
N TRP A 76 -4.78 -3.49 0.56
CA TRP A 76 -4.52 -2.70 1.76
C TRP A 76 -4.33 -3.59 3.00
N ILE A 77 -5.20 -4.56 3.21
CA ILE A 77 -5.21 -5.45 4.38
C ILE A 77 -4.01 -6.41 4.30
N PHE A 78 -3.62 -6.81 3.10
CA PHE A 78 -2.41 -7.60 2.90
C PHE A 78 -1.17 -6.84 3.37
N VAL A 79 -1.05 -5.56 3.01
CA VAL A 79 0.13 -4.78 3.36
C VAL A 79 0.10 -4.40 4.84
N SER A 80 -1.09 -4.12 5.38
CA SER A 80 -1.31 -3.74 6.78
C SER A 80 -0.50 -4.66 7.72
N LYS A 81 -0.54 -5.97 7.45
CA LYS A 81 0.00 -6.96 8.36
C LYS A 81 1.50 -7.21 8.21
N PHE A 82 2.12 -6.63 7.18
CA PHE A 82 3.57 -6.44 7.16
C PHE A 82 3.99 -5.37 8.16
N THR A 83 3.25 -4.26 8.28
CA THR A 83 3.76 -3.04 8.86
C THR A 83 3.20 -2.83 10.27
N GLU A 84 3.69 -1.79 10.93
CA GLU A 84 3.25 -1.25 12.19
C GLU A 84 1.92 -0.48 12.03
N PHE A 85 1.55 -0.16 10.78
CA PHE A 85 0.41 0.66 10.41
C PHE A 85 -0.77 -0.21 9.98
N ASP A 86 -1.76 -0.36 10.86
CA ASP A 86 -3.03 -0.98 10.47
C ASP A 86 -3.68 -0.20 9.33
N ALA A 87 -4.58 -0.86 8.61
CA ALA A 87 -5.20 -0.38 7.37
C ALA A 87 -5.88 1.00 7.53
N ARG A 88 -6.40 1.35 8.72
CA ARG A 88 -6.91 2.70 9.00
C ARG A 88 -5.77 3.69 8.87
N LYS A 89 -4.65 3.44 9.54
CA LYS A 89 -3.45 4.27 9.45
C LYS A 89 -2.95 4.24 8.00
N LEU A 90 -2.59 3.08 7.46
CA LEU A 90 -1.94 2.92 6.16
C LEU A 90 -2.65 3.75 5.08
N HIS A 91 -3.95 3.56 4.91
CA HIS A 91 -4.66 4.19 3.80
C HIS A 91 -4.69 5.72 3.96
N LYS A 92 -4.83 6.23 5.20
CA LYS A 92 -4.91 7.67 5.42
C LYS A 92 -3.52 8.27 5.28
N LEU A 93 -2.48 7.57 5.76
CA LEU A 93 -1.09 7.95 5.58
C LEU A 93 -0.84 8.17 4.11
N TYR A 94 -1.15 7.19 3.25
CA TYR A 94 -1.01 7.31 1.82
C TYR A 94 -1.87 8.44 1.24
N LYS A 95 -3.18 8.50 1.51
CA LYS A 95 -4.02 9.51 0.87
C LYS A 95 -3.60 10.93 1.28
N HIS A 96 -3.32 11.16 2.56
CA HIS A 96 -2.76 12.42 3.04
C HIS A 96 -1.36 12.66 2.44
N ALA A 97 -0.57 11.60 2.20
CA ALA A 97 0.78 11.73 1.68
C ALA A 97 0.76 12.23 0.25
N ILE A 98 -0.09 11.64 -0.61
CA ILE A 98 -0.22 12.12 -1.98
C ILE A 98 -0.84 13.50 -1.96
N LYS A 99 -1.92 13.74 -1.21
CA LYS A 99 -2.53 15.07 -1.11
C LYS A 99 -1.51 16.16 -0.74
N LYS A 100 -0.67 15.91 0.27
CA LYS A 100 0.40 16.82 0.70
C LYS A 100 1.26 17.32 -0.46
N ARG A 101 1.50 16.51 -1.50
CA ARG A 101 2.34 16.88 -2.65
C ARG A 101 1.52 17.14 -3.92
N GLN A 102 0.30 16.63 -4.01
CA GLN A 102 -0.56 16.58 -5.18
C GLN A 102 -2.00 16.54 -4.66
N GLU A 103 -2.55 17.71 -4.31
CA GLU A 103 -3.94 17.85 -3.89
C GLU A 103 -4.88 17.59 -5.09
N SER A 104 -6.19 17.69 -4.85
CA SER A 104 -7.23 17.67 -5.85
C SER A 104 -8.08 18.94 -5.75
N GLN A 105 -9.01 19.11 -6.69
CA GLN A 105 -9.86 20.29 -6.84
C GLN A 105 -11.27 19.98 -6.34
N GLN A 106 -11.87 18.90 -6.85
CA GLN A 106 -13.20 18.40 -6.49
C GLN A 106 -14.29 19.48 -6.46
N ASN A 107 -15.43 19.16 -5.82
CA ASN A 107 -16.66 19.97 -5.80
C ASN A 107 -17.06 20.42 -4.39
N SER A 108 -16.21 20.26 -3.38
CA SER A 108 -16.42 20.75 -2.02
C SER A 108 -15.06 20.83 -1.33
N GLY A 1 -21.13 -9.57 3.16
CA GLY A 1 -20.47 -8.45 3.83
C GLY A 1 -19.08 -8.21 3.30
N PRO A 2 -18.36 -7.20 3.84
CA PRO A 2 -17.11 -6.69 3.25
C PRO A 2 -15.87 -7.56 3.46
N LEU A 3 -15.95 -8.66 4.22
CA LEU A 3 -14.90 -9.69 4.35
C LEU A 3 -13.57 -9.08 4.83
N GLY A 4 -12.45 -9.73 4.50
CA GLY A 4 -11.09 -9.31 4.82
C GLY A 4 -10.14 -10.50 4.95
N SER A 5 -10.65 -11.73 5.02
CA SER A 5 -9.82 -12.93 5.03
C SER A 5 -9.19 -13.09 3.65
N LEU A 6 -7.91 -13.41 3.60
CA LEU A 6 -7.19 -13.78 2.40
C LEU A 6 -7.06 -15.28 2.41
N ASP A 7 -7.75 -15.93 1.49
CA ASP A 7 -7.73 -17.38 1.32
C ASP A 7 -6.54 -17.80 0.47
N GLN A 8 -6.34 -19.10 0.26
CA GLN A 8 -5.18 -19.62 -0.46
C GLN A 8 -5.04 -19.03 -1.88
N LYS A 9 -6.13 -18.68 -2.58
CA LYS A 9 -6.04 -17.91 -3.83
C LYS A 9 -5.69 -16.46 -3.52
N THR A 10 -6.53 -15.78 -2.74
CA THR A 10 -6.48 -14.34 -2.49
C THR A 10 -5.08 -13.90 -2.01
N PHE A 11 -4.49 -14.71 -1.12
CA PHE A 11 -3.17 -14.49 -0.55
C PHE A 11 -2.07 -14.52 -1.63
N SER A 12 -2.17 -15.47 -2.55
CA SER A 12 -1.25 -15.61 -3.67
C SER A 12 -1.35 -14.34 -4.51
N ILE A 13 -2.58 -13.91 -4.85
CA ILE A 13 -2.82 -12.75 -5.70
C ILE A 13 -2.14 -11.52 -5.09
N CYS A 14 -2.37 -11.22 -3.81
CA CYS A 14 -1.70 -10.07 -3.23
C CYS A 14 -0.17 -10.18 -3.22
N LYS A 15 0.38 -11.35 -2.92
CA LYS A 15 1.81 -11.55 -2.92
C LYS A 15 2.39 -11.22 -4.29
N GLU A 16 1.78 -11.71 -5.37
CA GLU A 16 2.25 -11.43 -6.73
C GLU A 16 2.15 -9.93 -7.02
N ARG A 17 1.04 -9.29 -6.63
CA ARG A 17 0.86 -7.85 -6.93
C ARG A 17 1.92 -6.99 -6.20
N MET A 18 2.39 -7.36 -5.00
CA MET A 18 3.49 -6.75 -4.28
C MET A 18 4.90 -7.07 -4.80
N ARG A 19 5.08 -7.67 -5.99
CA ARG A 19 6.40 -8.02 -6.54
C ARG A 19 7.23 -6.75 -6.68
N PRO A 20 6.77 -5.75 -7.48
CA PRO A 20 7.54 -4.55 -7.75
C PRO A 20 7.99 -3.79 -6.50
N VAL A 21 7.23 -3.87 -5.42
CA VAL A 21 7.42 -3.09 -4.21
C VAL A 21 7.97 -3.94 -3.07
N LYS A 22 8.52 -5.13 -3.32
CA LYS A 22 9.03 -6.02 -2.26
C LYS A 22 9.95 -5.31 -1.27
N ALA A 23 10.90 -4.49 -1.74
CA ALA A 23 11.81 -3.76 -0.86
C ALA A 23 11.04 -2.77 -0.02
N ALA A 24 10.12 -2.00 -0.62
CA ALA A 24 9.30 -1.04 0.09
C ALA A 24 8.48 -1.72 1.18
N LEU A 25 7.88 -2.87 0.85
CA LEU A 25 7.08 -3.72 1.71
C LEU A 25 7.89 -4.09 2.96
N LYS A 26 9.08 -4.67 2.79
CA LYS A 26 9.88 -5.12 3.92
C LYS A 26 10.41 -3.95 4.75
N GLN A 27 10.83 -2.87 4.11
CA GLN A 27 11.29 -1.67 4.81
C GLN A 27 10.20 -0.98 5.63
N LEU A 28 8.96 -1.46 5.62
CA LEU A 28 7.92 -1.07 6.55
C LEU A 28 7.70 -2.16 7.61
N ASP A 29 7.80 -3.45 7.24
CA ASP A 29 7.53 -4.54 8.17
C ASP A 29 8.57 -4.64 9.28
N ARG A 30 9.86 -4.47 8.94
CA ARG A 30 10.92 -4.36 9.93
C ARG A 30 11.89 -3.25 9.52
N PRO A 31 12.45 -2.50 10.48
CA PRO A 31 13.23 -1.30 10.18
C PRO A 31 14.52 -1.64 9.43
N GLU A 32 15.02 -0.70 8.63
CA GLU A 32 16.15 -0.88 7.74
C GLU A 32 17.20 0.20 8.07
N LYS A 33 18.48 -0.09 7.89
CA LYS A 33 19.57 0.87 8.08
C LYS A 33 20.68 0.67 7.04
N GLY A 34 20.29 0.44 5.79
CA GLY A 34 21.25 0.35 4.70
C GLY A 34 21.76 1.73 4.31
N LEU A 35 20.85 2.70 4.12
CA LEU A 35 21.22 4.05 3.70
C LEU A 35 21.80 4.82 4.90
N SER A 36 20.94 5.43 5.71
CA SER A 36 21.21 6.21 6.92
C SER A 36 19.87 6.57 7.53
N GLU A 37 19.85 7.21 8.70
CA GLU A 37 18.62 7.51 9.41
C GLU A 37 17.82 8.63 8.75
N ARG A 38 18.51 9.67 8.28
CA ARG A 38 17.82 10.77 7.60
C ARG A 38 17.40 10.35 6.19
N GLU A 39 18.18 9.47 5.56
CA GLU A 39 17.83 8.90 4.26
C GLU A 39 16.58 8.05 4.40
N GLN A 40 16.51 7.18 5.42
CA GLN A 40 15.37 6.33 5.67
C GLN A 40 14.10 7.16 5.78
N LEU A 41 14.18 8.35 6.39
CA LEU A 41 13.03 9.21 6.61
C LEU A 41 12.31 9.50 5.28
N GLU A 42 13.03 10.01 4.27
CA GLU A 42 12.41 10.21 2.97
C GLU A 42 12.14 8.89 2.27
N HIS A 43 12.97 7.87 2.50
CA HIS A 43 12.79 6.55 1.90
C HIS A 43 11.43 5.98 2.29
N THR A 44 10.98 6.16 3.55
CA THR A 44 9.68 5.69 4.01
C THR A 44 8.57 6.33 3.19
N ARG A 45 8.63 7.65 3.03
CA ARG A 45 7.63 8.41 2.28
C ARG A 45 7.56 7.90 0.83
N GLN A 46 8.73 7.69 0.20
CA GLN A 46 8.83 7.16 -1.14
C GLN A 46 8.24 5.74 -1.20
N CYS A 47 8.57 4.85 -0.24
CA CYS A 47 8.00 3.53 -0.12
C CYS A 47 6.47 3.60 -0.03
N LEU A 48 5.94 4.44 0.88
CA LEU A 48 4.52 4.64 1.10
C LEU A 48 3.82 4.93 -0.22
N ILE A 49 4.27 5.95 -0.95
CA ILE A 49 3.64 6.28 -2.22
C ILE A 49 3.83 5.18 -3.26
N LYS A 50 5.02 4.57 -3.41
CA LYS A 50 5.23 3.55 -4.41
C LYS A 50 4.33 2.34 -4.18
N ILE A 51 4.17 1.91 -2.92
CA ILE A 51 3.27 0.82 -2.56
C ILE A 51 1.86 1.23 -2.97
N GLY A 52 1.39 2.39 -2.49
CA GLY A 52 0.02 2.80 -2.68
C GLY A 52 -0.29 3.01 -4.15
N ASP A 53 0.67 3.46 -4.95
CA ASP A 53 0.54 3.58 -6.40
C ASP A 53 0.35 2.20 -6.99
N HIS A 54 1.25 1.23 -6.74
CA HIS A 54 1.10 -0.10 -7.33
C HIS A 54 -0.21 -0.77 -6.89
N ILE A 55 -0.72 -0.45 -5.70
CA ILE A 55 -2.07 -0.84 -5.28
C ILE A 55 -3.09 -0.17 -6.20
N THR A 56 -3.07 1.16 -6.33
CA THR A 56 -4.02 1.95 -7.10
C THR A 56 -4.11 1.44 -8.55
N GLU A 57 -2.95 1.26 -9.18
CA GLU A 57 -2.77 0.78 -10.55
C GLU A 57 -3.35 -0.63 -10.69
N CYS A 58 -3.01 -1.54 -9.77
CA CYS A 58 -3.52 -2.90 -9.77
C CYS A 58 -5.04 -2.96 -9.70
N LEU A 59 -5.65 -2.05 -8.95
CA LEU A 59 -7.09 -1.98 -8.78
C LEU A 59 -7.77 -1.31 -9.98
N LYS A 60 -7.12 -0.34 -10.65
CA LYS A 60 -7.61 0.25 -11.90
C LYS A 60 -7.76 -0.79 -13.01
N GLU A 61 -7.13 -1.96 -12.87
CA GLU A 61 -7.23 -3.09 -13.77
C GLU A 61 -8.67 -3.58 -13.87
N TYR A 62 -9.35 -3.71 -12.72
CA TYR A 62 -10.68 -4.30 -12.69
C TYR A 62 -11.75 -3.30 -13.13
N THR A 63 -12.96 -3.80 -13.43
CA THR A 63 -14.08 -2.96 -13.84
C THR A 63 -15.32 -3.17 -12.95
N ASN A 64 -15.54 -4.38 -12.42
CA ASN A 64 -16.68 -4.65 -11.56
C ASN A 64 -16.48 -3.94 -10.22
N PRO A 65 -17.57 -3.45 -9.59
CA PRO A 65 -17.49 -2.82 -8.28
C PRO A 65 -17.04 -3.82 -7.23
N GLU A 66 -17.48 -5.07 -7.31
CA GLU A 66 -17.16 -6.06 -6.31
C GLU A 66 -15.67 -6.41 -6.34
N GLN A 67 -15.03 -6.40 -7.51
CA GLN A 67 -13.60 -6.55 -7.64
C GLN A 67 -12.91 -5.31 -7.09
N ILE A 68 -13.11 -4.13 -7.70
CA ILE A 68 -12.36 -2.93 -7.29
C ILE A 68 -12.52 -2.71 -5.78
N LYS A 69 -13.72 -2.85 -5.20
CA LYS A 69 -13.95 -2.62 -3.76
C LYS A 69 -13.37 -3.74 -2.90
N GLN A 70 -13.56 -5.02 -3.25
CA GLN A 70 -13.02 -6.07 -2.38
C GLN A 70 -11.50 -6.07 -2.47
N TRP A 71 -10.95 -6.02 -3.69
CA TRP A 71 -9.51 -5.97 -3.87
C TRP A 71 -8.94 -4.72 -3.22
N ARG A 72 -9.65 -3.58 -3.23
CA ARG A 72 -9.18 -2.35 -2.57
C ARG A 72 -8.81 -2.67 -1.13
N LYS A 73 -9.75 -3.27 -0.40
CA LYS A 73 -9.59 -3.72 0.97
C LYS A 73 -8.51 -4.78 1.02
N ASN A 74 -8.63 -5.87 0.27
CA ASN A 74 -7.78 -7.05 0.41
C ASN A 74 -6.30 -6.71 0.19
N LEU A 75 -5.98 -5.82 -0.77
CA LEU A 75 -4.62 -5.29 -0.97
C LEU A 75 -4.16 -4.52 0.26
N TRP A 76 -4.96 -3.57 0.75
CA TRP A 76 -4.61 -2.84 1.96
C TRP A 76 -4.42 -3.77 3.16
N ILE A 77 -5.26 -4.79 3.33
CA ILE A 77 -5.19 -5.77 4.42
C ILE A 77 -3.91 -6.57 4.28
N PHE A 78 -3.55 -6.96 3.06
CA PHE A 78 -2.30 -7.66 2.82
C PHE A 78 -1.12 -6.82 3.30
N VAL A 79 -0.99 -5.59 2.80
CA VAL A 79 0.13 -4.73 3.15
C VAL A 79 0.11 -4.44 4.65
N SER A 80 -1.06 -4.29 5.26
CA SER A 80 -1.26 -4.08 6.70
C SER A 80 -0.64 -5.16 7.58
N LYS A 81 -0.14 -6.28 7.05
CA LYS A 81 0.65 -7.24 7.83
C LYS A 81 2.09 -6.73 7.94
N PHE A 82 2.61 -6.17 6.85
CA PHE A 82 3.97 -5.73 6.66
C PHE A 82 4.17 -4.27 7.08
N THR A 83 3.56 -3.81 8.17
CA THR A 83 3.81 -2.46 8.66
C THR A 83 3.29 -2.29 10.09
N GLU A 84 3.71 -1.21 10.75
CA GLU A 84 3.12 -0.65 11.96
C GLU A 84 1.77 0.05 11.69
N PHE A 85 1.42 0.36 10.42
CA PHE A 85 0.19 1.06 10.04
C PHE A 85 -0.86 0.10 9.51
N ASP A 86 -1.90 -0.14 10.30
CA ASP A 86 -3.09 -0.91 9.90
C ASP A 86 -3.64 -0.43 8.56
N ALA A 87 -4.44 -1.27 7.90
CA ALA A 87 -5.11 -0.99 6.63
C ALA A 87 -5.96 0.28 6.70
N ARG A 88 -6.57 0.59 7.85
CA ARG A 88 -7.27 1.86 8.06
C ARG A 88 -6.26 3.01 7.96
N LYS A 89 -5.22 2.96 8.79
CA LYS A 89 -4.16 3.96 8.87
C LYS A 89 -3.53 4.11 7.49
N LEU A 90 -2.93 3.06 6.92
CA LEU A 90 -2.15 3.07 5.69
C LEU A 90 -2.90 3.74 4.56
N HIS A 91 -4.15 3.35 4.34
CA HIS A 91 -5.02 3.93 3.32
C HIS A 91 -5.15 5.46 3.49
N LYS A 92 -5.37 5.95 4.73
CA LYS A 92 -5.37 7.39 5.01
C LYS A 92 -3.98 7.99 4.78
N LEU A 93 -2.92 7.35 5.29
CA LEU A 93 -1.54 7.83 5.20
C LEU A 93 -1.15 8.02 3.74
N TYR A 94 -1.43 7.04 2.88
CA TYR A 94 -1.18 7.10 1.45
C TYR A 94 -1.99 8.21 0.81
N LYS A 95 -3.31 8.29 1.10
CA LYS A 95 -4.15 9.38 0.61
C LYS A 95 -3.47 10.71 0.91
N HIS A 96 -3.23 10.99 2.20
CA HIS A 96 -2.65 12.26 2.59
C HIS A 96 -1.25 12.46 2.00
N ALA A 97 -0.48 11.39 1.79
CA ALA A 97 0.84 11.50 1.16
C ALA A 97 0.71 12.12 -0.22
N ILE A 98 -0.09 11.52 -1.11
CA ILE A 98 -0.24 12.07 -2.44
C ILE A 98 -1.01 13.39 -2.37
N LYS A 99 -2.11 13.48 -1.62
CA LYS A 99 -2.95 14.68 -1.52
C LYS A 99 -2.17 15.92 -1.07
N LYS A 100 -1.19 15.75 -0.17
CA LYS A 100 -0.26 16.79 0.24
C LYS A 100 0.49 17.30 -0.99
N ARG A 101 1.04 16.40 -1.80
CA ARG A 101 1.77 16.74 -3.02
C ARG A 101 0.84 17.47 -3.97
N GLN A 102 -0.13 16.77 -4.53
CA GLN A 102 -0.99 17.21 -5.61
C GLN A 102 -2.27 16.36 -5.58
N GLU A 103 -3.19 16.57 -6.52
CA GLU A 103 -4.55 16.05 -6.50
C GLU A 103 -5.26 16.49 -5.22
N SER A 104 -5.59 17.79 -5.25
CA SER A 104 -6.20 18.59 -4.20
C SER A 104 -5.16 18.92 -3.13
N GLN A 105 -4.23 19.83 -3.47
CA GLN A 105 -3.22 20.36 -2.56
C GLN A 105 -3.81 20.89 -1.24
N GLN A 106 -5.09 21.27 -1.25
CA GLN A 106 -5.86 21.79 -0.12
C GLN A 106 -7.17 20.99 -0.04
N ASN A 107 -8.12 21.47 0.75
CA ASN A 107 -9.46 20.90 0.88
C ASN A 107 -9.37 19.58 1.67
N SER A 108 -9.52 19.72 2.99
CA SER A 108 -9.15 18.70 3.96
C SER A 108 -10.25 17.70 4.20
N GLY A 1 -17.81 -12.60 -3.63
CA GLY A 1 -16.73 -11.91 -2.92
C GLY A 1 -17.24 -11.21 -1.68
N PRO A 2 -17.34 -11.93 -0.55
CA PRO A 2 -17.53 -11.31 0.76
C PRO A 2 -16.26 -10.54 1.16
N LEU A 3 -16.25 -9.97 2.36
CA LEU A 3 -15.12 -9.21 2.89
C LEU A 3 -14.71 -9.82 4.24
N GLY A 4 -14.46 -11.13 4.22
CA GLY A 4 -13.89 -11.87 5.33
C GLY A 4 -12.37 -11.88 5.21
N SER A 5 -11.73 -13.02 5.47
CA SER A 5 -10.28 -13.19 5.31
C SER A 5 -9.86 -13.13 3.83
N LEU A 6 -8.57 -13.30 3.56
CA LEU A 6 -8.04 -13.55 2.23
C LEU A 6 -8.25 -15.05 1.97
N ASP A 7 -8.95 -15.40 0.90
CA ASP A 7 -9.06 -16.79 0.45
C ASP A 7 -7.71 -17.30 -0.02
N GLN A 8 -7.51 -18.62 -0.14
CA GLN A 8 -6.29 -19.20 -0.71
C GLN A 8 -5.89 -18.49 -2.00
N LYS A 9 -6.83 -18.36 -2.95
CA LYS A 9 -6.58 -17.72 -4.23
C LYS A 9 -6.21 -16.25 -4.06
N THR A 10 -6.96 -15.54 -3.23
CA THR A 10 -6.74 -14.12 -3.00
C THR A 10 -5.37 -13.90 -2.34
N PHE A 11 -5.00 -14.75 -1.40
CA PHE A 11 -3.73 -14.74 -0.68
C PHE A 11 -2.56 -15.08 -1.61
N SER A 12 -2.81 -15.94 -2.60
CA SER A 12 -1.91 -16.17 -3.72
C SER A 12 -1.64 -14.86 -4.48
N ILE A 13 -2.71 -14.16 -4.89
CA ILE A 13 -2.65 -12.97 -5.72
C ILE A 13 -1.88 -11.87 -5.00
N CYS A 14 -2.20 -11.51 -3.74
CA CYS A 14 -1.53 -10.38 -3.09
C CYS A 14 -0.02 -10.55 -3.07
N LYS A 15 0.49 -11.75 -2.75
CA LYS A 15 1.94 -11.97 -2.67
C LYS A 15 2.63 -11.76 -4.02
N GLU A 16 1.95 -12.03 -5.13
CA GLU A 16 2.47 -11.83 -6.49
C GLU A 16 2.27 -10.37 -6.90
N ARG A 17 1.16 -9.73 -6.51
CA ARG A 17 0.97 -8.29 -6.76
C ARG A 17 2.09 -7.50 -6.09
N MET A 18 2.50 -7.87 -4.88
CA MET A 18 3.55 -7.20 -4.12
C MET A 18 4.98 -7.51 -4.64
N ARG A 19 5.17 -7.78 -5.93
CA ARG A 19 6.47 -8.13 -6.51
C ARG A 19 7.33 -6.87 -6.64
N PRO A 20 6.90 -5.83 -7.36
CA PRO A 20 7.71 -4.64 -7.55
C PRO A 20 8.09 -4.00 -6.22
N VAL A 21 7.11 -3.86 -5.34
CA VAL A 21 7.22 -3.09 -4.11
C VAL A 21 7.71 -3.94 -2.94
N LYS A 22 8.17 -5.19 -3.15
CA LYS A 22 8.56 -6.07 -2.05
C LYS A 22 9.63 -5.46 -1.15
N ALA A 23 10.57 -4.70 -1.71
CA ALA A 23 11.54 -3.97 -0.90
C ALA A 23 10.83 -2.98 0.01
N ALA A 24 9.99 -2.11 -0.55
CA ALA A 24 9.28 -1.07 0.20
C ALA A 24 8.39 -1.70 1.27
N LEU A 25 7.71 -2.79 0.94
CA LEU A 25 6.92 -3.60 1.85
C LEU A 25 7.77 -4.02 3.05
N LYS A 26 8.97 -4.57 2.83
CA LYS A 26 9.80 -5.01 3.94
C LYS A 26 10.48 -3.85 4.67
N GLN A 27 10.68 -2.67 4.03
CA GLN A 27 11.07 -1.46 4.75
C GLN A 27 9.95 -1.05 5.73
N LEU A 28 8.68 -1.11 5.30
CA LEU A 28 7.52 -0.75 6.12
C LEU A 28 7.38 -1.66 7.35
N ASP A 29 7.91 -2.86 7.26
CA ASP A 29 7.86 -3.90 8.28
C ASP A 29 8.84 -3.59 9.42
N ARG A 30 10.11 -3.34 9.10
CA ARG A 30 11.13 -2.94 10.05
C ARG A 30 12.12 -1.97 9.39
N PRO A 31 12.64 -0.98 10.13
CA PRO A 31 13.41 0.12 9.55
C PRO A 31 14.82 -0.34 9.15
N GLU A 32 15.51 0.44 8.33
CA GLU A 32 16.86 0.14 7.87
C GLU A 32 17.84 1.20 8.40
N LYS A 33 19.14 1.00 8.19
CA LYS A 33 20.21 1.85 8.66
C LYS A 33 21.41 1.87 7.69
N GLY A 34 21.19 1.45 6.44
CA GLY A 34 22.20 1.31 5.41
C GLY A 34 22.37 2.54 4.50
N LEU A 35 21.81 3.70 4.86
CA LEU A 35 21.84 4.92 4.06
C LEU A 35 22.32 6.08 4.91
N SER A 36 21.42 6.75 5.64
CA SER A 36 21.68 7.72 6.67
C SER A 36 20.39 7.87 7.50
N GLU A 37 20.45 8.64 8.58
CA GLU A 37 19.29 8.95 9.42
C GLU A 37 18.32 9.82 8.62
N ARG A 38 18.84 10.86 7.96
CA ARG A 38 18.00 11.75 7.16
C ARG A 38 17.32 10.97 6.05
N GLU A 39 18.08 10.09 5.42
CA GLU A 39 17.65 9.29 4.28
C GLU A 39 16.46 8.47 4.65
N GLN A 40 16.50 7.75 5.79
CA GLN A 40 15.40 6.91 6.22
C GLN A 40 14.08 7.70 6.27
N LEU A 41 14.15 8.99 6.62
CA LEU A 41 12.99 9.86 6.62
C LEU A 41 12.39 9.95 5.21
N GLU A 42 13.18 10.34 4.21
CA GLU A 42 12.65 10.43 2.84
C GLU A 42 12.26 9.03 2.34
N HIS A 43 13.06 8.02 2.65
CA HIS A 43 12.82 6.63 2.31
C HIS A 43 11.46 6.18 2.82
N THR A 44 10.99 6.67 3.98
CA THR A 44 9.66 6.37 4.49
C THR A 44 8.61 6.86 3.49
N ARG A 45 8.58 8.17 3.19
CA ARG A 45 7.51 8.68 2.36
C ARG A 45 7.56 8.05 0.97
N GLN A 46 8.75 7.97 0.37
CA GLN A 46 8.99 7.28 -0.87
C GLN A 46 8.61 5.80 -0.87
N CYS A 47 8.82 5.07 0.22
CA CYS A 47 8.34 3.69 0.35
C CYS A 47 6.82 3.70 0.30
N LEU A 48 6.19 4.48 1.18
CA LEU A 48 4.75 4.39 1.38
C LEU A 48 3.97 4.75 0.11
N ILE A 49 4.37 5.84 -0.58
CA ILE A 49 3.79 6.22 -1.86
C ILE A 49 3.99 5.11 -2.88
N LYS A 50 5.19 4.53 -3.05
CA LYS A 50 5.44 3.47 -4.01
C LYS A 50 4.48 2.30 -3.77
N ILE A 51 4.26 1.92 -2.51
CA ILE A 51 3.36 0.82 -2.17
C ILE A 51 1.96 1.16 -2.65
N GLY A 52 1.39 2.25 -2.14
CA GLY A 52 -0.02 2.52 -2.37
C GLY A 52 -0.31 2.83 -3.84
N ASP A 53 0.71 3.30 -4.56
CA ASP A 53 0.70 3.57 -5.99
C ASP A 53 0.62 2.29 -6.79
N HIS A 54 1.57 1.35 -6.63
CA HIS A 54 1.51 0.12 -7.44
C HIS A 54 0.29 -0.74 -7.05
N ILE A 55 -0.19 -0.62 -5.81
CA ILE A 55 -1.51 -1.10 -5.41
C ILE A 55 -2.57 -0.48 -6.32
N THR A 56 -2.70 0.84 -6.29
CA THR A 56 -3.84 1.49 -6.90
C THR A 56 -3.83 1.30 -8.42
N GLU A 57 -2.67 1.29 -9.07
CA GLU A 57 -2.60 1.12 -10.52
C GLU A 57 -2.93 -0.34 -10.93
N CYS A 58 -2.74 -1.33 -10.04
CA CYS A 58 -3.25 -2.69 -10.27
C CYS A 58 -4.78 -2.73 -10.13
N LEU A 59 -5.32 -2.04 -9.13
CA LEU A 59 -6.75 -2.00 -8.84
C LEU A 59 -7.53 -1.18 -9.86
N LYS A 60 -6.87 -0.27 -10.61
CA LYS A 60 -7.49 0.41 -11.76
C LYS A 60 -7.79 -0.55 -12.90
N GLU A 61 -7.24 -1.77 -12.88
CA GLU A 61 -7.54 -2.75 -13.92
C GLU A 61 -8.98 -3.22 -13.80
N TYR A 62 -9.47 -3.43 -12.57
CA TYR A 62 -10.77 -4.09 -12.43
C TYR A 62 -11.93 -3.17 -12.84
N THR A 63 -12.99 -3.80 -13.33
CA THR A 63 -14.22 -3.17 -13.78
C THR A 63 -15.23 -3.10 -12.64
N ASN A 64 -15.78 -4.26 -12.24
CA ASN A 64 -16.96 -4.31 -11.39
C ASN A 64 -16.72 -3.66 -10.02
N PRO A 65 -17.72 -3.00 -9.42
CA PRO A 65 -17.57 -2.24 -8.18
C PRO A 65 -17.20 -3.17 -7.02
N GLU A 66 -17.77 -4.38 -7.00
CA GLU A 66 -17.43 -5.43 -6.05
C GLU A 66 -15.95 -5.76 -6.09
N GLN A 67 -15.37 -5.81 -7.30
CA GLN A 67 -14.00 -6.19 -7.50
C GLN A 67 -13.08 -5.07 -7.05
N ILE A 68 -13.23 -3.85 -7.58
CA ILE A 68 -12.41 -2.72 -7.16
C ILE A 68 -12.50 -2.55 -5.63
N LYS A 69 -13.68 -2.71 -5.00
CA LYS A 69 -13.80 -2.47 -3.56
C LYS A 69 -13.17 -3.58 -2.73
N GLN A 70 -13.39 -4.85 -3.11
CA GLN A 70 -12.82 -5.99 -2.42
C GLN A 70 -11.31 -5.89 -2.49
N TRP A 71 -10.74 -5.76 -3.69
CA TRP A 71 -9.30 -5.73 -3.86
C TRP A 71 -8.67 -4.49 -3.23
N ARG A 72 -9.35 -3.33 -3.25
CA ARG A 72 -8.83 -2.11 -2.59
C ARG A 72 -8.56 -2.41 -1.12
N LYS A 73 -9.49 -3.09 -0.44
CA LYS A 73 -9.33 -3.59 0.92
C LYS A 73 -8.25 -4.68 0.96
N ASN A 74 -8.34 -5.73 0.13
CA ASN A 74 -7.47 -6.90 0.19
C ASN A 74 -6.01 -6.46 0.24
N LEU A 75 -5.59 -5.59 -0.68
CA LEU A 75 -4.22 -5.13 -0.74
C LEU A 75 -3.84 -4.36 0.53
N TRP A 76 -4.68 -3.41 0.99
CA TRP A 76 -4.42 -2.69 2.23
C TRP A 76 -4.29 -3.64 3.44
N ILE A 77 -5.10 -4.69 3.55
CA ILE A 77 -5.08 -5.66 4.64
C ILE A 77 -3.84 -6.52 4.54
N PHE A 78 -3.43 -6.86 3.31
CA PHE A 78 -2.20 -7.59 3.05
C PHE A 78 -1.00 -6.79 3.54
N VAL A 79 -0.89 -5.50 3.20
CA VAL A 79 0.22 -4.65 3.64
C VAL A 79 0.20 -4.50 5.16
N SER A 80 -0.98 -4.44 5.78
CA SER A 80 -1.14 -4.36 7.23
C SER A 80 -0.32 -5.41 7.98
N LYS A 81 -0.11 -6.62 7.42
CA LYS A 81 0.67 -7.66 8.11
C LYS A 81 2.18 -7.44 7.99
N PHE A 82 2.64 -6.59 7.07
CA PHE A 82 4.02 -6.13 6.91
C PHE A 82 4.23 -4.74 7.49
N THR A 83 3.42 -4.26 8.44
CA THR A 83 3.76 -3.03 9.15
C THR A 83 3.05 -3.04 10.50
N GLU A 84 3.18 -1.95 11.27
CA GLU A 84 2.40 -1.76 12.49
C GLU A 84 1.15 -0.90 12.24
N PHE A 85 1.05 -0.21 11.10
CA PHE A 85 -0.10 0.61 10.75
C PHE A 85 -1.19 -0.27 10.12
N ASP A 86 -2.36 -0.32 10.77
CA ASP A 86 -3.59 -0.93 10.25
C ASP A 86 -3.87 -0.48 8.82
N ALA A 87 -4.63 -1.31 8.12
CA ALA A 87 -5.13 -1.04 6.77
C ALA A 87 -5.88 0.29 6.74
N ARG A 88 -6.61 0.63 7.81
CA ARG A 88 -7.31 1.89 7.99
C ARG A 88 -6.32 3.07 8.01
N LYS A 89 -5.41 3.13 8.99
CA LYS A 89 -4.54 4.29 9.13
C LYS A 89 -3.57 4.42 7.94
N LEU A 90 -3.05 3.33 7.40
CA LEU A 90 -2.14 3.33 6.25
C LEU A 90 -2.79 3.94 5.00
N HIS A 91 -4.02 3.53 4.68
CA HIS A 91 -4.84 4.14 3.61
C HIS A 91 -5.01 5.66 3.81
N LYS A 92 -5.33 6.12 5.03
CA LYS A 92 -5.45 7.56 5.30
C LYS A 92 -4.13 8.26 4.97
N LEU A 93 -3.04 7.70 5.49
CA LEU A 93 -1.68 8.19 5.37
C LEU A 93 -1.34 8.39 3.90
N TYR A 94 -1.54 7.34 3.10
CA TYR A 94 -1.32 7.33 1.66
C TYR A 94 -2.12 8.41 0.95
N LYS A 95 -3.45 8.45 1.14
CA LYS A 95 -4.28 9.44 0.45
C LYS A 95 -3.79 10.85 0.73
N HIS A 96 -3.42 11.16 1.98
CA HIS A 96 -2.87 12.47 2.29
C HIS A 96 -1.51 12.71 1.64
N ALA A 97 -0.62 11.72 1.62
CA ALA A 97 0.71 11.89 1.06
C ALA A 97 0.64 12.26 -0.43
N ILE A 98 -0.13 11.52 -1.24
CA ILE A 98 -0.30 11.85 -2.66
C ILE A 98 -1.04 13.17 -2.84
N LYS A 99 -2.08 13.44 -2.03
CA LYS A 99 -2.79 14.72 -2.11
C LYS A 99 -1.85 15.87 -1.82
N LYS A 100 -0.94 15.77 -0.83
CA LYS A 100 0.06 16.80 -0.60
C LYS A 100 0.92 17.01 -1.85
N ARG A 101 1.20 15.94 -2.62
CA ARG A 101 1.96 16.04 -3.86
C ARG A 101 1.25 16.82 -4.95
N GLN A 102 -0.08 16.82 -5.02
CA GLN A 102 -0.81 17.51 -6.08
C GLN A 102 -2.19 17.91 -5.56
N GLU A 103 -2.19 18.90 -4.66
CA GLU A 103 -3.41 19.47 -4.14
C GLU A 103 -4.21 20.05 -5.31
N SER A 104 -5.51 19.81 -5.31
CA SER A 104 -6.44 20.21 -6.36
C SER A 104 -7.86 19.86 -5.88
N GLN A 105 -8.87 20.67 -6.20
CA GLN A 105 -10.26 20.38 -5.88
C GLN A 105 -11.16 20.90 -7.01
N GLN A 106 -12.42 20.51 -6.97
CA GLN A 106 -13.44 20.75 -7.98
C GLN A 106 -14.72 21.11 -7.25
N ASN A 107 -15.58 21.95 -7.87
CA ASN A 107 -16.81 22.44 -7.25
C ASN A 107 -16.52 22.95 -5.83
N SER A 108 -15.72 24.02 -5.74
CA SER A 108 -14.88 24.38 -4.58
C SER A 108 -13.83 23.29 -4.42
N GLY A 1 -10.91 -17.15 7.47
CA GLY A 1 -10.68 -16.38 8.71
C GLY A 1 -11.85 -15.42 8.98
N PRO A 2 -12.06 -15.01 10.24
CA PRO A 2 -13.37 -14.57 10.73
C PRO A 2 -13.94 -13.36 9.99
N LEU A 3 -13.21 -12.24 9.90
CA LEU A 3 -13.67 -11.05 9.16
C LEU A 3 -13.33 -11.15 7.66
N GLY A 4 -12.92 -12.32 7.18
CA GLY A 4 -12.06 -12.53 6.03
C GLY A 4 -10.61 -12.43 6.51
N SER A 5 -9.70 -13.16 5.85
CA SER A 5 -8.27 -13.05 6.15
C SER A 5 -7.44 -13.34 4.90
N LEU A 6 -7.98 -12.98 3.74
CA LEU A 6 -7.54 -13.33 2.40
C LEU A 6 -7.59 -14.84 2.24
N ASP A 7 -8.58 -15.33 1.48
CA ASP A 7 -8.72 -16.75 1.12
C ASP A 7 -7.53 -17.22 0.30
N GLN A 8 -7.41 -18.54 0.03
CA GLN A 8 -6.23 -19.10 -0.62
C GLN A 8 -5.97 -18.39 -1.95
N LYS A 9 -6.97 -18.39 -2.84
CA LYS A 9 -6.99 -17.73 -4.13
C LYS A 9 -6.53 -16.27 -3.97
N THR A 10 -7.21 -15.55 -3.08
CA THR A 10 -7.05 -14.14 -2.84
C THR A 10 -5.62 -13.81 -2.41
N PHE A 11 -5.13 -14.50 -1.37
CA PHE A 11 -3.82 -14.33 -0.76
C PHE A 11 -2.70 -14.60 -1.76
N SER A 12 -2.86 -15.63 -2.59
CA SER A 12 -1.96 -15.90 -3.70
C SER A 12 -1.89 -14.70 -4.64
N ILE A 13 -3.03 -14.20 -5.12
CA ILE A 13 -3.03 -13.04 -6.02
C ILE A 13 -2.39 -11.83 -5.32
N CYS A 14 -2.61 -11.60 -4.03
CA CYS A 14 -1.95 -10.52 -3.31
C CYS A 14 -0.43 -10.60 -3.46
N LYS A 15 0.18 -11.79 -3.28
CA LYS A 15 1.60 -11.99 -3.54
C LYS A 15 1.96 -11.68 -4.99
N GLU A 16 1.17 -12.14 -5.98
CA GLU A 16 1.48 -11.89 -7.38
C GLU A 16 1.45 -10.40 -7.74
N ARG A 17 0.59 -9.62 -7.08
CA ARG A 17 0.43 -8.18 -7.31
C ARG A 17 1.55 -7.40 -6.61
N MET A 18 1.78 -7.66 -5.32
CA MET A 18 2.62 -6.82 -4.46
C MET A 18 4.12 -7.13 -4.64
N ARG A 19 4.52 -7.45 -5.86
CA ARG A 19 5.84 -7.97 -6.21
C ARG A 19 6.83 -6.82 -6.36
N PRO A 20 6.61 -5.84 -7.26
CA PRO A 20 7.59 -4.80 -7.51
C PRO A 20 7.95 -4.02 -6.25
N VAL A 21 6.95 -3.80 -5.39
CA VAL A 21 7.05 -3.05 -4.16
C VAL A 21 7.48 -3.91 -2.96
N LYS A 22 7.88 -5.18 -3.13
CA LYS A 22 8.22 -6.07 -2.01
C LYS A 22 9.15 -5.44 -0.98
N ALA A 23 10.25 -4.82 -1.42
CA ALA A 23 11.18 -4.17 -0.51
C ALA A 23 10.47 -3.06 0.26
N ALA A 24 9.73 -2.20 -0.43
CA ALA A 24 9.05 -1.06 0.18
C ALA A 24 7.99 -1.54 1.19
N LEU A 25 7.13 -2.47 0.78
CA LEU A 25 6.06 -3.00 1.62
C LEU A 25 6.65 -3.61 2.89
N LYS A 26 7.80 -4.30 2.78
CA LYS A 26 8.46 -4.83 3.97
C LYS A 26 9.10 -3.72 4.80
N GLN A 27 9.79 -2.75 4.18
CA GLN A 27 10.42 -1.60 4.84
C GLN A 27 9.43 -0.86 5.76
N LEU A 28 8.14 -0.88 5.45
CA LEU A 28 7.13 -0.24 6.28
C LEU A 28 6.95 -0.92 7.64
N ASP A 29 7.40 -2.16 7.84
CA ASP A 29 7.42 -2.82 9.14
C ASP A 29 8.50 -2.23 10.04
N ARG A 30 9.64 -1.91 9.45
CA ARG A 30 10.88 -1.59 10.14
C ARG A 30 11.86 -0.95 9.16
N PRO A 31 11.81 0.38 8.94
CA PRO A 31 12.81 1.02 8.11
C PRO A 31 14.21 0.89 8.73
N GLU A 32 15.25 1.05 7.90
CA GLU A 32 16.59 1.34 8.42
C GLU A 32 16.59 2.72 9.07
N LYS A 33 17.60 3.03 9.89
CA LYS A 33 17.75 4.32 10.55
C LYS A 33 19.12 4.96 10.35
N GLY A 34 19.98 4.34 9.55
CA GLY A 34 21.39 4.67 9.46
C GLY A 34 21.72 5.74 8.42
N LEU A 35 20.82 6.70 8.17
CA LEU A 35 20.91 7.74 7.15
C LEU A 35 20.74 9.11 7.84
N SER A 36 20.70 10.17 7.06
CA SER A 36 20.48 11.55 7.49
C SER A 36 19.02 11.81 7.90
N GLU A 37 18.69 13.03 8.37
CA GLU A 37 17.35 13.36 8.85
C GLU A 37 16.34 13.35 7.70
N ARG A 38 16.58 14.13 6.64
CA ARG A 38 15.63 14.22 5.53
C ARG A 38 15.56 12.88 4.82
N GLU A 39 16.73 12.24 4.65
CA GLU A 39 16.86 10.99 3.91
C GLU A 39 15.89 9.94 4.44
N GLN A 40 15.78 9.82 5.77
CA GLN A 40 14.86 8.90 6.43
C GLN A 40 13.42 9.16 6.03
N LEU A 41 12.97 10.42 6.15
CA LEU A 41 11.60 10.77 5.83
C LEU A 41 11.33 10.49 4.37
N GLU A 42 12.22 10.97 3.51
CA GLU A 42 12.16 10.80 2.08
C GLU A 42 12.06 9.31 1.73
N HIS A 43 12.83 8.45 2.42
CA HIS A 43 12.79 7.00 2.29
C HIS A 43 11.37 6.48 2.58
N THR A 44 10.81 6.81 3.74
CA THR A 44 9.48 6.33 4.13
C THR A 44 8.43 6.84 3.13
N ARG A 45 8.46 8.13 2.76
CA ARG A 45 7.52 8.70 1.81
C ARG A 45 7.62 7.98 0.47
N GLN A 46 8.82 7.83 -0.07
CA GLN A 46 9.06 7.15 -1.34
C GLN A 46 8.63 5.68 -1.31
N CYS A 47 8.79 4.98 -0.18
CA CYS A 47 8.25 3.66 0.00
C CYS A 47 6.71 3.72 -0.06
N LEU A 48 6.08 4.53 0.80
CA LEU A 48 4.64 4.61 0.97
C LEU A 48 3.93 4.91 -0.36
N ILE A 49 4.35 5.98 -1.05
CA ILE A 49 3.75 6.34 -2.32
C ILE A 49 3.88 5.17 -3.29
N LYS A 50 5.06 4.55 -3.40
CA LYS A 50 5.26 3.49 -4.38
C LYS A 50 4.30 2.34 -4.09
N ILE A 51 4.12 1.95 -2.83
CA ILE A 51 3.23 0.87 -2.46
C ILE A 51 1.81 1.24 -2.82
N GLY A 52 1.33 2.40 -2.33
CA GLY A 52 -0.06 2.77 -2.48
C GLY A 52 -0.42 2.97 -3.95
N ASP A 53 0.50 3.54 -4.72
CA ASP A 53 0.34 3.80 -6.13
C ASP A 53 0.33 2.48 -6.89
N HIS A 54 1.24 1.55 -6.61
CA HIS A 54 1.24 0.22 -7.21
C HIS A 54 -0.02 -0.57 -6.92
N ILE A 55 -0.61 -0.44 -5.72
CA ILE A 55 -1.92 -1.00 -5.44
C ILE A 55 -2.89 -0.37 -6.43
N THR A 56 -2.98 0.96 -6.49
CA THR A 56 -3.94 1.66 -7.35
C THR A 56 -3.80 1.23 -8.83
N GLU A 57 -2.56 1.03 -9.29
CA GLU A 57 -2.19 0.66 -10.65
C GLU A 57 -2.65 -0.75 -11.01
N CYS A 58 -2.90 -1.61 -10.03
CA CYS A 58 -3.49 -2.93 -10.23
C CYS A 58 -5.01 -2.84 -10.14
N LEU A 59 -5.53 -2.17 -9.12
CA LEU A 59 -6.96 -2.03 -8.87
C LEU A 59 -7.67 -1.39 -10.06
N LYS A 60 -7.03 -0.49 -10.81
CA LYS A 60 -7.67 0.10 -12.00
C LYS A 60 -7.97 -0.92 -13.09
N GLU A 61 -7.29 -2.08 -13.08
CA GLU A 61 -7.47 -3.04 -14.15
C GLU A 61 -8.85 -3.66 -14.04
N TYR A 62 -9.38 -3.81 -12.82
CA TYR A 62 -10.74 -4.31 -12.68
C TYR A 62 -11.74 -3.20 -13.02
N THR A 63 -12.96 -3.60 -13.40
CA THR A 63 -14.04 -2.70 -13.76
C THR A 63 -15.26 -2.91 -12.86
N ASN A 64 -15.52 -4.13 -12.38
CA ASN A 64 -16.67 -4.36 -11.51
C ASN A 64 -16.43 -3.64 -10.19
N PRO A 65 -17.47 -3.05 -9.58
CA PRO A 65 -17.32 -2.31 -8.33
C PRO A 65 -16.93 -3.24 -7.19
N GLU A 66 -17.44 -4.48 -7.19
CA GLU A 66 -17.08 -5.44 -6.18
C GLU A 66 -15.62 -5.86 -6.31
N GLN A 67 -15.10 -6.07 -7.54
CA GLN A 67 -13.70 -6.41 -7.74
C GLN A 67 -12.82 -5.28 -7.23
N ILE A 68 -13.01 -4.05 -7.72
CA ILE A 68 -12.16 -2.92 -7.32
C ILE A 68 -12.22 -2.72 -5.80
N LYS A 69 -13.38 -2.87 -5.17
CA LYS A 69 -13.56 -2.64 -3.73
C LYS A 69 -12.95 -3.78 -2.92
N GLN A 70 -13.23 -5.03 -3.28
CA GLN A 70 -12.71 -6.20 -2.60
C GLN A 70 -11.19 -6.16 -2.68
N TRP A 71 -10.63 -6.03 -3.89
CA TRP A 71 -9.19 -5.97 -4.07
C TRP A 71 -8.58 -4.76 -3.38
N ARG A 72 -9.27 -3.61 -3.39
CA ARG A 72 -8.79 -2.40 -2.73
C ARG A 72 -8.45 -2.74 -1.30
N LYS A 73 -9.43 -3.27 -0.54
CA LYS A 73 -9.15 -3.62 0.85
C LYS A 73 -8.23 -4.83 0.94
N ASN A 74 -8.28 -5.80 0.01
CA ASN A 74 -7.44 -6.99 0.08
C ASN A 74 -5.97 -6.61 0.13
N LEU A 75 -5.51 -5.82 -0.85
CA LEU A 75 -4.11 -5.42 -0.97
C LEU A 75 -3.69 -4.57 0.25
N TRP A 76 -4.55 -3.65 0.71
CA TRP A 76 -4.30 -2.93 1.94
C TRP A 76 -4.12 -3.89 3.12
N ILE A 77 -5.06 -4.83 3.34
CA ILE A 77 -5.03 -5.79 4.44
C ILE A 77 -3.74 -6.60 4.39
N PHE A 78 -3.39 -7.07 3.19
CA PHE A 78 -2.17 -7.83 2.92
C PHE A 78 -0.96 -7.08 3.44
N VAL A 79 -0.78 -5.81 3.06
CA VAL A 79 0.40 -5.06 3.52
C VAL A 79 0.31 -4.75 5.02
N SER A 80 -0.85 -4.42 5.56
CA SER A 80 -0.97 -4.10 7.00
C SER A 80 -0.61 -5.26 7.93
N LYS A 81 -0.49 -6.49 7.42
CA LYS A 81 0.04 -7.60 8.20
C LYS A 81 1.57 -7.54 8.23
N PHE A 82 2.19 -7.24 7.09
CA PHE A 82 3.63 -6.98 7.03
C PHE A 82 4.05 -5.85 7.97
N THR A 83 3.43 -4.67 7.88
CA THR A 83 3.75 -3.54 8.76
C THR A 83 2.96 -3.70 10.07
N GLU A 84 3.20 -2.84 11.07
CA GLU A 84 2.27 -2.67 12.19
C GLU A 84 1.10 -1.77 11.79
N PHE A 85 1.24 -0.96 10.73
CA PHE A 85 0.21 -0.01 10.35
C PHE A 85 -0.97 -0.69 9.65
N ASP A 86 -2.05 -0.84 10.42
CA ASP A 86 -3.35 -1.38 10.00
C ASP A 86 -3.89 -0.76 8.72
N ALA A 87 -4.87 -1.39 8.10
CA ALA A 87 -5.65 -0.84 6.99
C ALA A 87 -6.33 0.49 7.34
N ARG A 88 -6.61 0.74 8.64
CA ARG A 88 -7.13 2.03 9.09
C ARG A 88 -6.03 3.09 9.25
N LYS A 89 -4.75 2.71 9.33
CA LYS A 89 -3.63 3.65 9.40
C LYS A 89 -3.06 3.88 7.98
N LEU A 90 -2.65 2.82 7.29
CA LEU A 90 -1.85 2.89 6.05
C LEU A 90 -2.53 3.70 4.96
N HIS A 91 -3.84 3.45 4.80
CA HIS A 91 -4.68 4.17 3.86
C HIS A 91 -4.61 5.69 4.08
N LYS A 92 -4.55 6.15 5.34
CA LYS A 92 -4.42 7.57 5.68
C LYS A 92 -3.01 8.06 5.38
N LEU A 93 -1.96 7.29 5.75
CA LEU A 93 -0.57 7.58 5.42
C LEU A 93 -0.45 7.89 3.93
N TYR A 94 -0.91 6.99 3.07
CA TYR A 94 -0.87 7.15 1.61
C TYR A 94 -1.67 8.36 1.18
N LYS A 95 -2.93 8.50 1.66
CA LYS A 95 -3.72 9.70 1.34
C LYS A 95 -2.96 10.98 1.67
N HIS A 96 -2.23 11.06 2.78
CA HIS A 96 -1.57 12.32 3.17
C HIS A 96 -0.46 12.58 2.17
N ALA A 97 0.33 11.54 1.89
CA ALA A 97 1.46 11.63 0.98
C ALA A 97 1.01 12.10 -0.40
N ILE A 98 0.02 11.43 -1.00
CA ILE A 98 -0.44 11.80 -2.35
C ILE A 98 -1.09 13.18 -2.33
N LYS A 99 -1.84 13.53 -1.29
CA LYS A 99 -2.38 14.87 -1.10
C LYS A 99 -1.28 15.92 -1.13
N LYS A 100 -0.10 15.66 -0.57
CA LYS A 100 0.98 16.64 -0.65
C LYS A 100 1.37 17.00 -2.09
N ARG A 101 1.14 16.11 -3.06
CA ARG A 101 1.41 16.37 -4.47
C ARG A 101 0.19 16.91 -5.20
N GLN A 102 -0.98 16.32 -4.96
CA GLN A 102 -2.20 16.67 -5.68
C GLN A 102 -2.74 18.00 -5.14
N GLU A 103 -3.37 18.76 -6.02
CA GLU A 103 -3.82 20.15 -5.94
C GLU A 103 -4.99 20.39 -4.97
N SER A 104 -5.34 19.39 -4.14
CA SER A 104 -6.60 19.16 -3.45
C SER A 104 -7.65 18.58 -4.41
N GLN A 105 -7.67 17.25 -4.55
CA GLN A 105 -8.71 16.57 -5.33
C GLN A 105 -10.05 16.87 -4.63
N GLN A 106 -10.97 17.45 -5.38
CA GLN A 106 -12.27 17.90 -4.91
C GLN A 106 -13.24 16.72 -4.88
N ASN A 107 -14.50 16.97 -4.54
CA ASN A 107 -15.54 15.94 -4.46
C ASN A 107 -16.58 16.20 -5.54
N SER A 108 -17.37 15.18 -5.86
CA SER A 108 -18.69 15.36 -6.43
C SER A 108 -19.63 15.41 -5.23
N GLY A 1 -17.89 -20.28 0.26
CA GLY A 1 -19.14 -19.89 0.94
C GLY A 1 -18.94 -18.64 1.77
N PRO A 2 -18.38 -18.74 2.99
CA PRO A 2 -18.06 -17.58 3.82
C PRO A 2 -17.07 -16.65 3.10
N LEU A 3 -17.29 -15.33 3.17
CA LEU A 3 -16.56 -14.34 2.39
C LEU A 3 -15.86 -13.37 3.34
N GLY A 4 -14.71 -13.78 3.86
CA GLY A 4 -13.91 -13.01 4.79
C GLY A 4 -12.49 -13.54 4.82
N SER A 5 -11.59 -12.70 5.33
CA SER A 5 -10.15 -12.79 5.18
C SER A 5 -9.70 -12.94 3.71
N LEU A 6 -8.40 -13.12 3.49
CA LEU A 6 -7.84 -13.40 2.18
C LEU A 6 -7.97 -14.90 1.96
N ASP A 7 -8.97 -15.35 1.20
CA ASP A 7 -9.16 -16.76 0.87
C ASP A 7 -7.98 -17.32 0.09
N GLN A 8 -7.98 -18.63 -0.15
CA GLN A 8 -6.86 -19.35 -0.77
C GLN A 8 -6.33 -18.67 -2.04
N LYS A 9 -7.18 -18.37 -3.01
CA LYS A 9 -6.74 -17.67 -4.22
C LYS A 9 -6.22 -16.29 -3.86
N THR A 10 -7.00 -15.53 -3.12
CA THR A 10 -6.70 -14.17 -2.72
C THR A 10 -5.30 -14.07 -2.11
N PHE A 11 -4.96 -14.95 -1.16
CA PHE A 11 -3.67 -15.04 -0.51
C PHE A 11 -2.55 -15.43 -1.48
N SER A 12 -2.87 -16.31 -2.41
CA SER A 12 -1.94 -16.68 -3.49
C SER A 12 -1.77 -15.56 -4.53
N ILE A 13 -2.67 -14.58 -4.60
CA ILE A 13 -2.66 -13.49 -5.58
C ILE A 13 -1.95 -12.27 -5.00
N CYS A 14 -2.19 -11.91 -3.73
CA CYS A 14 -1.54 -10.75 -3.11
C CYS A 14 -0.02 -10.84 -3.18
N LYS A 15 0.49 -12.04 -2.92
CA LYS A 15 1.90 -12.41 -2.94
C LYS A 15 2.54 -12.18 -4.31
N GLU A 16 1.75 -12.20 -5.40
CA GLU A 16 2.21 -11.88 -6.75
C GLU A 16 1.98 -10.41 -7.10
N ARG A 17 0.95 -9.74 -6.53
CA ARG A 17 0.77 -8.31 -6.76
C ARG A 17 1.98 -7.55 -6.24
N MET A 18 2.36 -7.78 -4.98
CA MET A 18 3.32 -6.97 -4.24
C MET A 18 4.80 -7.25 -4.59
N ARG A 19 5.12 -7.57 -5.84
CA ARG A 19 6.48 -7.90 -6.27
C ARG A 19 7.33 -6.64 -6.41
N PRO A 20 6.93 -5.64 -7.23
CA PRO A 20 7.76 -4.47 -7.47
C PRO A 20 8.01 -3.72 -6.17
N VAL A 21 6.99 -3.63 -5.32
CA VAL A 21 7.01 -2.93 -4.06
C VAL A 21 7.36 -3.85 -2.87
N LYS A 22 7.89 -5.06 -3.09
CA LYS A 22 8.24 -5.97 -2.02
C LYS A 22 9.21 -5.33 -1.03
N ALA A 23 10.35 -4.81 -1.49
CA ALA A 23 11.32 -4.18 -0.60
C ALA A 23 10.69 -2.96 0.11
N ALA A 24 9.78 -2.25 -0.55
CA ALA A 24 9.08 -1.13 0.04
C ALA A 24 8.22 -1.64 1.19
N LEU A 25 7.28 -2.55 0.93
CA LEU A 25 6.39 -3.10 1.95
C LEU A 25 7.19 -3.77 3.08
N LYS A 26 8.28 -4.49 2.77
CA LYS A 26 9.14 -5.07 3.78
C LYS A 26 9.82 -4.01 4.61
N GLN A 27 10.15 -2.85 4.05
CA GLN A 27 10.63 -1.74 4.88
C GLN A 27 9.58 -1.13 5.79
N LEU A 28 8.29 -1.38 5.62
CA LEU A 28 7.29 -0.99 6.61
C LEU A 28 7.15 -2.04 7.72
N ASP A 29 7.61 -3.27 7.48
CA ASP A 29 7.76 -4.38 8.44
C ASP A 29 9.09 -4.26 9.20
N ARG A 30 10.15 -3.80 8.51
CA ARG A 30 11.49 -3.59 9.05
C ARG A 30 12.20 -2.39 8.38
N PRO A 31 11.94 -1.13 8.80
CA PRO A 31 12.70 0.01 8.32
C PRO A 31 14.13 -0.01 8.88
N GLU A 32 15.03 0.84 8.39
CA GLU A 32 16.43 0.94 8.77
C GLU A 32 16.84 2.40 8.95
N LYS A 33 18.09 2.68 9.32
CA LYS A 33 18.54 4.00 9.75
C LYS A 33 19.92 4.39 9.27
N GLY A 34 20.52 3.67 8.32
CA GLY A 34 21.90 3.90 7.90
C GLY A 34 22.15 5.21 7.13
N LEU A 35 21.19 6.14 7.03
CA LEU A 35 21.23 7.29 6.14
C LEU A 35 21.03 8.58 6.94
N SER A 36 20.94 9.69 6.21
CA SER A 36 20.78 11.03 6.75
C SER A 36 19.37 11.23 7.31
N GLU A 37 19.18 12.29 8.10
CA GLU A 37 18.01 12.48 8.94
C GLU A 37 16.76 12.86 8.15
N ARG A 38 16.91 13.63 7.06
CA ARG A 38 15.81 13.87 6.12
C ARG A 38 15.74 12.77 5.09
N GLU A 39 16.86 12.15 4.74
CA GLU A 39 16.87 11.08 3.76
C GLU A 39 15.99 9.93 4.24
N GLN A 40 16.05 9.64 5.53
CA GLN A 40 15.19 8.73 6.26
C GLN A 40 13.72 9.06 5.98
N LEU A 41 13.34 10.31 6.21
CA LEU A 41 11.99 10.80 6.11
C LEU A 41 11.49 10.64 4.68
N GLU A 42 12.28 11.11 3.71
CA GLU A 42 11.96 10.97 2.30
C GLU A 42 11.85 9.51 1.91
N HIS A 43 12.63 8.62 2.51
CA HIS A 43 12.53 7.20 2.27
C HIS A 43 11.15 6.71 2.69
N THR A 44 10.69 7.07 3.90
CA THR A 44 9.36 6.69 4.38
C THR A 44 8.30 7.17 3.39
N ARG A 45 8.42 8.42 2.91
CA ARG A 45 7.48 9.01 1.96
C ARG A 45 7.49 8.27 0.65
N GLN A 46 8.66 8.02 0.06
CA GLN A 46 8.81 7.32 -1.22
C GLN A 46 8.19 5.94 -1.12
N CYS A 47 8.43 5.26 -0.01
CA CYS A 47 7.86 3.95 0.26
C CYS A 47 6.33 4.06 0.18
N LEU A 48 5.73 4.89 1.04
CA LEU A 48 4.28 5.00 1.16
C LEU A 48 3.62 5.29 -0.18
N ILE A 49 4.09 6.34 -0.88
CA ILE A 49 3.55 6.69 -2.19
C ILE A 49 3.70 5.51 -3.16
N LYS A 50 4.89 4.91 -3.28
CA LYS A 50 5.16 3.84 -4.24
C LYS A 50 4.20 2.69 -4.01
N ILE A 51 4.10 2.25 -2.76
CA ILE A 51 3.26 1.14 -2.36
C ILE A 51 1.81 1.46 -2.75
N GLY A 52 1.28 2.60 -2.29
CA GLY A 52 -0.12 2.93 -2.49
C GLY A 52 -0.46 3.16 -3.95
N ASP A 53 0.46 3.71 -4.74
CA ASP A 53 0.25 3.91 -6.17
C ASP A 53 0.15 2.56 -6.87
N HIS A 54 1.06 1.62 -6.56
CA HIS A 54 0.99 0.29 -7.15
C HIS A 54 -0.31 -0.42 -6.80
N ILE A 55 -0.79 -0.28 -5.56
CA ILE A 55 -2.13 -0.74 -5.19
C ILE A 55 -3.16 -0.16 -6.17
N THR A 56 -3.21 1.16 -6.34
CA THR A 56 -4.22 1.79 -7.18
C THR A 56 -4.12 1.33 -8.66
N GLU A 57 -2.90 1.19 -9.19
CA GLU A 57 -2.69 0.75 -10.57
C GLU A 57 -3.17 -0.69 -10.78
N CYS A 58 -3.22 -1.53 -9.74
CA CYS A 58 -3.92 -2.80 -9.80
C CYS A 58 -5.44 -2.61 -9.74
N LEU A 59 -5.98 -1.78 -8.86
CA LEU A 59 -7.42 -1.76 -8.64
C LEU A 59 -8.19 -1.02 -9.73
N LYS A 60 -7.56 -0.17 -10.55
CA LYS A 60 -8.24 0.32 -11.75
C LYS A 60 -8.41 -0.78 -12.79
N GLU A 61 -7.59 -1.83 -12.70
CA GLU A 61 -7.46 -2.86 -13.73
C GLU A 61 -8.75 -3.66 -13.82
N TYR A 62 -9.45 -3.79 -12.69
CA TYR A 62 -10.74 -4.47 -12.66
C TYR A 62 -11.85 -3.56 -13.19
N THR A 63 -12.94 -4.18 -13.63
CA THR A 63 -14.12 -3.52 -14.14
C THR A 63 -15.25 -3.63 -13.10
N ASN A 64 -15.51 -4.85 -12.58
CA ASN A 64 -16.65 -5.11 -11.72
C ASN A 64 -16.56 -4.32 -10.41
N PRO A 65 -17.69 -3.85 -9.85
CA PRO A 65 -17.71 -3.06 -8.62
C PRO A 65 -17.28 -3.89 -7.40
N GLU A 66 -17.68 -5.17 -7.35
CA GLU A 66 -17.26 -6.08 -6.31
C GLU A 66 -15.73 -6.16 -6.30
N GLN A 67 -15.11 -6.42 -7.46
CA GLN A 67 -13.68 -6.59 -7.59
C GLN A 67 -12.93 -5.35 -7.19
N ILE A 68 -13.25 -4.19 -7.78
CA ILE A 68 -12.56 -2.96 -7.42
C ILE A 68 -12.67 -2.74 -5.91
N LYS A 69 -13.84 -2.91 -5.26
CA LYS A 69 -13.91 -2.66 -3.81
C LYS A 69 -13.21 -3.74 -2.98
N GLN A 70 -13.33 -5.00 -3.37
CA GLN A 70 -12.79 -6.11 -2.62
C GLN A 70 -11.27 -6.11 -2.72
N TRP A 71 -10.70 -5.92 -3.92
CA TRP A 71 -9.27 -5.82 -4.08
C TRP A 71 -8.75 -4.53 -3.44
N ARG A 72 -9.51 -3.42 -3.45
CA ARG A 72 -9.14 -2.15 -2.80
C ARG A 72 -8.68 -2.40 -1.37
N LYS A 73 -9.51 -3.10 -0.60
CA LYS A 73 -9.18 -3.46 0.77
C LYS A 73 -8.20 -4.62 0.81
N ASN A 74 -8.32 -5.66 -0.04
CA ASN A 74 -7.46 -6.85 0.05
C ASN A 74 -5.99 -6.46 0.00
N LEU A 75 -5.59 -5.59 -0.94
CA LEU A 75 -4.18 -5.21 -1.11
C LEU A 75 -3.70 -4.43 0.13
N TRP A 76 -4.48 -3.44 0.56
CA TRP A 76 -4.18 -2.68 1.76
C TRP A 76 -4.06 -3.59 2.99
N ILE A 77 -4.95 -4.57 3.19
CA ILE A 77 -4.91 -5.50 4.31
C ILE A 77 -3.64 -6.33 4.22
N PHE A 78 -3.31 -6.84 3.03
CA PHE A 78 -2.12 -7.62 2.79
C PHE A 78 -0.88 -6.88 3.29
N VAL A 79 -0.74 -5.60 2.95
CA VAL A 79 0.38 -4.82 3.47
C VAL A 79 0.24 -4.61 4.99
N SER A 80 -0.94 -4.25 5.49
CA SER A 80 -1.22 -4.04 6.91
C SER A 80 -0.84 -5.24 7.79
N LYS A 81 -0.72 -6.44 7.23
CA LYS A 81 -0.34 -7.62 7.99
C LYS A 81 1.16 -7.70 8.18
N PHE A 82 1.92 -7.31 7.16
CA PHE A 82 3.35 -7.13 7.26
C PHE A 82 3.72 -6.02 8.24
N THR A 83 3.19 -4.82 8.06
CA THR A 83 3.62 -3.68 8.85
C THR A 83 2.88 -3.68 10.20
N GLU A 84 3.36 -2.88 11.14
CA GLU A 84 2.59 -2.47 12.30
C GLU A 84 1.43 -1.52 11.97
N PHE A 85 1.51 -0.81 10.84
CA PHE A 85 0.60 0.28 10.50
C PHE A 85 -0.70 -0.29 9.97
N ASP A 86 -1.74 -0.16 10.80
CA ASP A 86 -3.05 -0.73 10.50
C ASP A 86 -3.57 -0.19 9.19
N ALA A 87 -4.52 -0.92 8.62
CA ALA A 87 -5.08 -0.61 7.32
C ALA A 87 -5.70 0.79 7.30
N ARG A 88 -6.28 1.21 8.42
CA ARG A 88 -6.81 2.55 8.66
C ARG A 88 -5.70 3.60 8.60
N LYS A 89 -4.62 3.40 9.36
CA LYS A 89 -3.50 4.33 9.45
C LYS A 89 -2.81 4.46 8.10
N LEU A 90 -2.45 3.34 7.47
CA LEU A 90 -1.73 3.31 6.20
C LEU A 90 -2.49 4.17 5.16
N HIS A 91 -3.80 4.00 5.10
CA HIS A 91 -4.68 4.70 4.17
C HIS A 91 -4.60 6.22 4.33
N LYS A 92 -4.74 6.73 5.56
CA LYS A 92 -4.75 8.17 5.78
C LYS A 92 -3.36 8.72 5.47
N LEU A 93 -2.30 8.07 5.97
CA LEU A 93 -0.92 8.45 5.71
C LEU A 93 -0.71 8.64 4.21
N TYR A 94 -1.11 7.65 3.41
CA TYR A 94 -1.02 7.69 1.95
C TYR A 94 -1.76 8.89 1.37
N LYS A 95 -3.08 9.01 1.56
CA LYS A 95 -3.83 10.04 0.81
C LYS A 95 -3.32 11.44 1.18
N HIS A 96 -3.01 11.66 2.46
CA HIS A 96 -2.35 12.88 2.90
C HIS A 96 -1.04 13.08 2.12
N ALA A 97 -0.20 12.06 1.99
CA ALA A 97 1.14 12.19 1.44
C ALA A 97 1.13 12.47 -0.07
N ILE A 98 0.28 11.79 -0.86
CA ILE A 98 0.13 12.12 -2.28
C ILE A 98 -0.36 13.56 -2.38
N LYS A 99 -1.41 13.93 -1.63
CA LYS A 99 -1.89 15.31 -1.64
C LYS A 99 -0.82 16.30 -1.18
N LYS A 100 0.13 15.88 -0.34
CA LYS A 100 1.25 16.71 0.09
C LYS A 100 2.24 16.94 -1.06
N ARG A 101 2.38 16.01 -2.00
CA ARG A 101 3.32 16.14 -3.12
C ARG A 101 2.69 16.91 -4.28
N GLN A 102 1.36 16.81 -4.45
CA GLN A 102 0.52 17.55 -5.40
C GLN A 102 1.09 17.62 -6.83
N GLU A 103 1.74 16.56 -7.30
CA GLU A 103 2.40 16.50 -8.61
C GLU A 103 3.42 17.62 -8.83
N SER A 104 4.05 18.11 -7.77
CA SER A 104 5.23 18.94 -7.83
C SER A 104 6.47 18.12 -7.54
N GLN A 105 6.83 17.96 -6.27
CA GLN A 105 8.20 17.66 -5.88
C GLN A 105 9.11 18.81 -6.32
N GLN A 106 9.26 19.82 -5.46
CA GLN A 106 10.07 21.00 -5.72
C GLN A 106 11.37 20.96 -4.90
N ASN A 107 11.24 20.65 -3.61
CA ASN A 107 12.29 20.44 -2.62
C ASN A 107 11.63 19.98 -1.32
N SER A 108 10.54 20.68 -0.97
CA SER A 108 9.70 20.54 0.20
C SER A 108 9.35 19.07 0.48
N GLY A 1 -9.71 -24.54 11.70
CA GLY A 1 -10.72 -23.64 12.27
C GLY A 1 -10.94 -22.45 11.36
N PRO A 2 -10.17 -21.34 11.54
CA PRO A 2 -10.00 -20.32 10.53
C PRO A 2 -9.03 -20.82 9.45
N LEU A 3 -8.75 -19.99 8.44
CA LEU A 3 -7.87 -20.29 7.32
C LEU A 3 -6.56 -19.51 7.37
N GLY A 4 -6.47 -18.47 8.19
CA GLY A 4 -5.33 -17.56 8.25
C GLY A 4 -5.67 -16.24 7.56
N SER A 5 -4.67 -15.45 7.20
CA SER A 5 -4.89 -14.21 6.49
C SER A 5 -5.47 -14.54 5.10
N LEU A 6 -6.55 -13.86 4.70
CA LEU A 6 -7.18 -13.90 3.38
C LEU A 6 -7.72 -15.30 3.00
N ASP A 7 -8.47 -15.38 1.89
CA ASP A 7 -8.80 -16.67 1.28
C ASP A 7 -7.53 -17.26 0.68
N GLN A 8 -7.49 -18.58 0.49
CA GLN A 8 -6.31 -19.30 0.01
C GLN A 8 -5.74 -18.68 -1.28
N LYS A 9 -6.57 -18.47 -2.29
CA LYS A 9 -6.16 -17.84 -3.54
C LYS A 9 -5.72 -16.42 -3.30
N THR A 10 -6.55 -15.61 -2.64
CA THR A 10 -6.28 -14.19 -2.43
C THR A 10 -4.93 -13.97 -1.75
N PHE A 11 -4.66 -14.75 -0.70
CA PHE A 11 -3.40 -14.80 0.02
C PHE A 11 -2.23 -15.17 -0.91
N SER A 12 -2.44 -16.17 -1.76
CA SER A 12 -1.46 -16.58 -2.76
C SER A 12 -1.17 -15.46 -3.77
N ILE A 13 -2.21 -14.73 -4.20
CA ILE A 13 -2.18 -13.71 -5.22
C ILE A 13 -1.40 -12.49 -4.72
N CYS A 14 -1.62 -11.99 -3.50
CA CYS A 14 -0.86 -10.84 -3.01
C CYS A 14 0.66 -11.02 -3.04
N LYS A 15 1.19 -12.19 -2.69
CA LYS A 15 2.62 -12.49 -2.83
C LYS A 15 3.12 -12.20 -4.25
N GLU A 16 2.35 -12.60 -5.26
CA GLU A 16 2.68 -12.38 -6.66
C GLU A 16 2.47 -10.91 -7.03
N ARG A 17 1.39 -10.29 -6.52
CA ARG A 17 1.00 -8.94 -6.94
C ARG A 17 2.02 -7.92 -6.46
N MET A 18 2.50 -8.04 -5.22
CA MET A 18 3.46 -7.13 -4.61
C MET A 18 4.90 -7.36 -5.13
N ARG A 19 5.07 -7.67 -6.41
CA ARG A 19 6.33 -8.05 -7.04
C ARG A 19 7.22 -6.83 -7.18
N PRO A 20 6.77 -5.74 -7.83
CA PRO A 20 7.62 -4.58 -8.04
C PRO A 20 8.01 -3.91 -6.72
N VAL A 21 7.05 -3.81 -5.79
CA VAL A 21 7.18 -3.07 -4.53
C VAL A 21 7.53 -4.00 -3.35
N LYS A 22 8.03 -5.22 -3.58
CA LYS A 22 8.33 -6.16 -2.50
C LYS A 22 9.30 -5.58 -1.48
N ALA A 23 10.32 -4.83 -1.93
CA ALA A 23 11.22 -4.12 -1.05
C ALA A 23 10.46 -3.06 -0.26
N ALA A 24 9.63 -2.23 -0.91
CA ALA A 24 8.89 -1.18 -0.24
C ALA A 24 7.95 -1.74 0.83
N LEU A 25 7.30 -2.88 0.57
CA LEU A 25 6.52 -3.61 1.54
C LEU A 25 7.40 -3.99 2.73
N LYS A 26 8.54 -4.66 2.50
CA LYS A 26 9.38 -5.11 3.61
C LYS A 26 10.01 -3.94 4.36
N GLN A 27 10.29 -2.81 3.69
CA GLN A 27 10.79 -1.58 4.30
C GLN A 27 9.89 -1.05 5.42
N LEU A 28 8.61 -1.42 5.44
CA LEU A 28 7.70 -1.00 6.50
C LEU A 28 7.78 -1.95 7.71
N ASP A 29 7.98 -3.26 7.53
CA ASP A 29 7.98 -4.19 8.66
C ASP A 29 9.40 -4.28 9.24
N ARG A 30 10.40 -4.21 8.36
CA ARG A 30 11.83 -4.24 8.63
C ARG A 30 12.52 -3.14 7.80
N PRO A 31 12.53 -1.89 8.29
CA PRO A 31 13.30 -0.78 7.73
C PRO A 31 14.81 -1.03 7.83
N GLU A 32 15.64 -0.01 7.56
CA GLU A 32 17.08 -0.05 7.78
C GLU A 32 17.51 1.07 8.74
N LYS A 33 18.83 1.25 8.87
CA LYS A 33 19.46 2.16 9.82
C LYS A 33 20.77 2.77 9.31
N GLY A 34 21.14 2.53 8.05
CA GLY A 34 22.46 2.87 7.52
C GLY A 34 22.44 4.08 6.59
N LEU A 35 21.40 4.91 6.64
CA LEU A 35 21.28 6.14 5.88
C LEU A 35 21.37 7.30 6.88
N SER A 36 21.18 8.51 6.37
CA SER A 36 21.02 9.73 7.11
C SER A 36 19.63 9.77 7.76
N GLU A 37 19.42 10.76 8.61
CA GLU A 37 18.17 10.98 9.34
C GLU A 37 17.06 11.29 8.36
N ARG A 38 17.32 12.25 7.46
CA ARG A 38 16.29 12.90 6.66
C ARG A 38 16.09 12.13 5.37
N GLU A 39 17.15 11.45 4.93
CA GLU A 39 17.08 10.35 3.98
C GLU A 39 16.03 9.35 4.46
N GLN A 40 16.15 8.87 5.69
CA GLN A 40 15.23 7.88 6.23
C GLN A 40 13.81 8.43 6.25
N LEU A 41 13.66 9.65 6.78
CA LEU A 41 12.39 10.32 6.94
C LEU A 41 11.67 10.36 5.58
N GLU A 42 12.38 10.77 4.53
CA GLU A 42 11.79 10.86 3.20
C GLU A 42 11.62 9.46 2.59
N HIS A 43 12.54 8.51 2.83
CA HIS A 43 12.47 7.15 2.29
C HIS A 43 11.19 6.47 2.71
N THR A 44 10.73 6.72 3.94
CA THR A 44 9.49 6.10 4.43
C THR A 44 8.35 6.53 3.53
N ARG A 45 8.21 7.85 3.30
CA ARG A 45 7.12 8.32 2.46
C ARG A 45 7.28 7.94 0.99
N GLN A 46 8.49 7.98 0.44
CA GLN A 46 8.79 7.48 -0.90
C GLN A 46 8.33 6.01 -1.04
N CYS A 47 8.68 5.14 -0.09
CA CYS A 47 8.23 3.76 -0.03
C CYS A 47 6.70 3.69 -0.01
N LEU A 48 6.08 4.36 0.97
CA LEU A 48 4.64 4.44 1.18
C LEU A 48 3.90 4.78 -0.10
N ILE A 49 4.26 5.88 -0.78
CA ILE A 49 3.56 6.27 -1.98
C ILE A 49 3.72 5.20 -3.06
N LYS A 50 4.91 4.61 -3.21
CA LYS A 50 5.15 3.70 -4.31
C LYS A 50 4.32 2.43 -4.13
N ILE A 51 4.13 1.95 -2.89
CA ILE A 51 3.18 0.89 -2.57
C ILE A 51 1.80 1.34 -3.02
N GLY A 52 1.29 2.42 -2.42
CA GLY A 52 -0.11 2.79 -2.54
C GLY A 52 -0.48 3.08 -4.00
N ASP A 53 0.45 3.62 -4.77
CA ASP A 53 0.32 3.99 -6.17
C ASP A 53 0.38 2.77 -7.08
N HIS A 54 1.31 1.83 -6.84
CA HIS A 54 1.32 0.58 -7.61
C HIS A 54 0.12 -0.29 -7.27
N ILE A 55 -0.50 -0.13 -6.10
CA ILE A 55 -1.78 -0.76 -5.84
C ILE A 55 -2.88 -0.01 -6.59
N THR A 56 -2.85 1.32 -6.60
CA THR A 56 -3.87 2.12 -7.25
C THR A 56 -4.01 1.68 -8.72
N GLU A 57 -2.90 1.55 -9.46
CA GLU A 57 -2.88 1.17 -10.87
C GLU A 57 -3.33 -0.27 -11.11
N CYS A 58 -2.97 -1.20 -10.21
CA CYS A 58 -3.43 -2.58 -10.26
C CYS A 58 -4.94 -2.62 -10.14
N LEU A 59 -5.48 -1.93 -9.14
CA LEU A 59 -6.89 -1.96 -8.82
C LEU A 59 -7.72 -1.30 -9.92
N LYS A 60 -7.25 -0.20 -10.52
CA LYS A 60 -8.01 0.47 -11.58
C LYS A 60 -8.15 -0.40 -12.82
N GLU A 61 -7.38 -1.48 -12.95
CA GLU A 61 -7.53 -2.42 -14.04
C GLU A 61 -8.87 -3.13 -13.96
N TYR A 62 -9.30 -3.52 -12.76
CA TYR A 62 -10.57 -4.20 -12.62
C TYR A 62 -11.68 -3.21 -12.99
N THR A 63 -12.62 -3.67 -13.79
CA THR A 63 -13.75 -2.88 -14.21
C THR A 63 -14.87 -2.96 -13.17
N ASN A 64 -15.09 -4.14 -12.58
CA ASN A 64 -16.31 -4.43 -11.83
C ASN A 64 -16.21 -3.87 -10.41
N PRO A 65 -17.33 -3.38 -9.84
CA PRO A 65 -17.35 -2.68 -8.56
C PRO A 65 -16.98 -3.59 -7.39
N GLU A 66 -17.37 -4.86 -7.46
CA GLU A 66 -17.08 -5.81 -6.42
C GLU A 66 -15.58 -6.14 -6.43
N GLN A 67 -14.97 -6.32 -7.60
CA GLN A 67 -13.56 -6.60 -7.71
C GLN A 67 -12.72 -5.43 -7.22
N ILE A 68 -12.95 -4.22 -7.73
CA ILE A 68 -12.22 -3.04 -7.28
C ILE A 68 -12.37 -2.89 -5.76
N LYS A 69 -13.59 -2.92 -5.18
CA LYS A 69 -13.76 -2.63 -3.76
C LYS A 69 -13.16 -3.74 -2.88
N GLN A 70 -13.26 -4.99 -3.30
CA GLN A 70 -12.71 -6.12 -2.57
C GLN A 70 -11.19 -6.01 -2.59
N TRP A 71 -10.58 -5.98 -3.78
CA TRP A 71 -9.12 -5.94 -3.88
C TRP A 71 -8.55 -4.69 -3.23
N ARG A 72 -9.24 -3.54 -3.30
CA ARG A 72 -8.81 -2.30 -2.67
C ARG A 72 -8.47 -2.55 -1.20
N LYS A 73 -9.34 -3.27 -0.49
CA LYS A 73 -9.11 -3.64 0.90
C LYS A 73 -8.15 -4.82 1.00
N ASN A 74 -8.32 -5.92 0.25
CA ASN A 74 -7.47 -7.11 0.41
C ASN A 74 -5.98 -6.76 0.28
N LEU A 75 -5.62 -5.84 -0.62
CA LEU A 75 -4.23 -5.40 -0.74
C LEU A 75 -3.80 -4.62 0.49
N TRP A 76 -4.56 -3.59 0.92
CA TRP A 76 -4.31 -2.92 2.20
C TRP A 76 -4.16 -3.93 3.35
N ILE A 77 -4.95 -5.01 3.41
CA ILE A 77 -4.91 -5.99 4.49
C ILE A 77 -3.59 -6.77 4.44
N PHE A 78 -3.20 -7.26 3.26
CA PHE A 78 -1.91 -7.92 3.07
C PHE A 78 -0.76 -7.02 3.53
N VAL A 79 -0.78 -5.76 3.11
CA VAL A 79 0.24 -4.78 3.48
C VAL A 79 0.22 -4.57 4.99
N SER A 80 -0.96 -4.48 5.62
CA SER A 80 -1.13 -4.25 7.05
C SER A 80 -0.31 -5.21 7.92
N LYS A 81 -0.12 -6.46 7.48
CA LYS A 81 0.65 -7.42 8.26
C LYS A 81 2.11 -6.98 8.33
N PHE A 82 2.67 -6.44 7.25
CA PHE A 82 4.04 -5.94 7.15
C PHE A 82 4.20 -4.52 7.72
N THR A 83 3.43 -4.09 8.72
CA THR A 83 3.66 -2.80 9.35
C THR A 83 2.99 -2.74 10.74
N GLU A 84 3.26 -1.68 11.50
CA GLU A 84 2.44 -1.23 12.62
C GLU A 84 1.09 -0.63 12.16
N PHE A 85 0.88 -0.45 10.85
CA PHE A 85 -0.19 0.39 10.30
C PHE A 85 -1.25 -0.38 9.52
N ASP A 86 -2.32 -0.75 10.22
CA ASP A 86 -3.54 -1.29 9.61
C ASP A 86 -4.07 -0.42 8.48
N ALA A 87 -4.87 -1.08 7.65
CA ALA A 87 -5.54 -0.57 6.48
C ALA A 87 -6.26 0.74 6.75
N ARG A 88 -6.78 0.97 7.96
CA ARG A 88 -7.32 2.24 8.44
C ARG A 88 -6.29 3.35 8.25
N LYS A 89 -5.23 3.31 9.05
CA LYS A 89 -4.29 4.39 9.18
C LYS A 89 -3.46 4.50 7.90
N LEU A 90 -3.01 3.38 7.33
CA LEU A 90 -2.21 3.41 6.11
C LEU A 90 -2.93 4.10 4.97
N HIS A 91 -4.20 3.75 4.72
CA HIS A 91 -5.05 4.43 3.73
C HIS A 91 -5.10 5.94 3.95
N LYS A 92 -5.30 6.38 5.19
CA LYS A 92 -5.35 7.81 5.57
C LYS A 92 -4.04 8.48 5.17
N LEU A 93 -2.95 7.87 5.63
CA LEU A 93 -1.60 8.38 5.51
C LEU A 93 -1.22 8.47 4.05
N TYR A 94 -1.43 7.40 3.27
CA TYR A 94 -1.18 7.35 1.83
C TYR A 94 -1.95 8.45 1.11
N LYS A 95 -3.27 8.56 1.35
CA LYS A 95 -4.04 9.57 0.62
C LYS A 95 -3.51 10.98 0.91
N HIS A 96 -3.23 11.33 2.17
CA HIS A 96 -2.52 12.59 2.46
C HIS A 96 -1.14 12.64 1.76
N ALA A 97 -0.41 11.52 1.77
CA ALA A 97 0.95 11.44 1.23
C ALA A 97 0.97 11.86 -0.24
N ILE A 98 0.06 11.32 -1.05
CA ILE A 98 -0.01 11.70 -2.46
C ILE A 98 -0.64 13.09 -2.61
N LYS A 99 -1.71 13.40 -1.86
CA LYS A 99 -2.36 14.72 -1.91
C LYS A 99 -1.39 15.88 -1.72
N LYS A 100 -0.31 15.72 -0.95
CA LYS A 100 0.68 16.77 -0.72
C LYS A 100 1.18 17.29 -2.07
N ARG A 101 1.43 16.35 -2.96
CA ARG A 101 1.92 16.55 -4.34
C ARG A 101 0.84 17.05 -5.31
N GLN A 102 -0.44 17.08 -4.95
CA GLN A 102 -1.52 17.44 -5.87
C GLN A 102 -1.80 18.94 -5.81
N GLU A 103 -2.52 19.43 -6.82
CA GLU A 103 -2.82 20.84 -7.05
C GLU A 103 -4.22 20.92 -7.69
N SER A 104 -5.27 20.93 -6.86
CA SER A 104 -6.67 20.72 -7.26
C SER A 104 -6.85 19.42 -8.07
N GLN A 105 -7.31 18.36 -7.39
CA GLN A 105 -7.63 17.08 -8.01
C GLN A 105 -8.72 17.30 -9.08
N GLN A 106 -8.33 17.42 -10.35
CA GLN A 106 -9.22 17.86 -11.41
C GLN A 106 -10.08 16.69 -11.92
N ASN A 107 -9.46 15.68 -12.55
CA ASN A 107 -10.21 14.52 -13.07
C ASN A 107 -9.65 13.18 -12.62
N SER A 108 -8.36 13.08 -12.31
CA SER A 108 -7.77 11.95 -11.61
C SER A 108 -7.30 12.48 -10.26
N GLY A 1 -20.80 -12.91 8.76
CA GLY A 1 -20.60 -12.52 7.36
C GLY A 1 -19.36 -11.66 7.25
N PRO A 2 -18.17 -12.25 7.12
CA PRO A 2 -16.93 -11.50 7.10
C PRO A 2 -16.76 -10.79 5.76
N LEU A 3 -15.85 -9.80 5.72
CA LEU A 3 -15.78 -8.76 4.69
C LEU A 3 -14.37 -8.59 4.11
N GLY A 4 -13.37 -9.28 4.64
CA GLY A 4 -12.03 -9.33 4.11
C GLY A 4 -11.79 -10.77 3.72
N SER A 5 -11.00 -11.49 4.52
CA SER A 5 -10.70 -12.91 4.39
C SER A 5 -9.90 -13.18 3.11
N LEU A 6 -8.58 -13.23 3.25
CA LEU A 6 -7.69 -13.60 2.16
C LEU A 6 -7.54 -15.12 2.23
N ASP A 7 -8.23 -15.84 1.34
CA ASP A 7 -8.21 -17.30 1.23
C ASP A 7 -6.88 -17.79 0.64
N GLN A 8 -6.72 -19.10 0.44
CA GLN A 8 -5.58 -19.71 -0.25
C GLN A 8 -5.27 -18.98 -1.56
N LYS A 9 -6.29 -18.77 -2.40
CA LYS A 9 -6.17 -17.96 -3.60
C LYS A 9 -5.73 -16.55 -3.24
N THR A 10 -6.56 -15.81 -2.50
CA THR A 10 -6.37 -14.38 -2.31
C THR A 10 -4.99 -14.06 -1.70
N PHE A 11 -4.55 -14.84 -0.71
CA PHE A 11 -3.27 -14.72 0.00
C PHE A 11 -2.08 -15.03 -0.90
N SER A 12 -2.25 -15.96 -1.84
CA SER A 12 -1.30 -16.21 -2.91
C SER A 12 -1.30 -15.08 -3.93
N ILE A 13 -2.48 -14.59 -4.35
CA ILE A 13 -2.63 -13.54 -5.35
C ILE A 13 -1.89 -12.29 -4.88
N CYS A 14 -2.10 -11.79 -3.65
CA CYS A 14 -1.33 -10.64 -3.17
C CYS A 14 0.19 -10.81 -3.26
N LYS A 15 0.73 -11.99 -2.98
CA LYS A 15 2.16 -12.25 -3.17
C LYS A 15 2.60 -12.00 -4.62
N GLU A 16 1.82 -12.35 -5.65
CA GLU A 16 2.11 -12.00 -7.02
C GLU A 16 1.83 -10.51 -7.27
N ARG A 17 0.72 -9.97 -6.77
CA ARG A 17 0.30 -8.60 -7.07
C ARG A 17 1.38 -7.65 -6.61
N MET A 18 1.79 -7.75 -5.34
CA MET A 18 2.81 -6.92 -4.73
C MET A 18 4.19 -7.45 -5.13
N ARG A 19 4.49 -7.46 -6.43
CA ARG A 19 5.77 -7.90 -6.98
C ARG A 19 6.68 -6.68 -7.10
N PRO A 20 6.34 -5.64 -7.89
CA PRO A 20 7.25 -4.54 -8.16
C PRO A 20 7.69 -3.79 -6.91
N VAL A 21 6.83 -3.72 -5.89
CA VAL A 21 7.06 -2.98 -4.65
C VAL A 21 7.54 -3.86 -3.49
N LYS A 22 8.01 -5.09 -3.75
CA LYS A 22 8.50 -5.99 -2.70
C LYS A 22 9.50 -5.30 -1.78
N ALA A 23 10.52 -4.65 -2.34
CA ALA A 23 11.51 -3.90 -1.57
C ALA A 23 10.82 -2.87 -0.66
N ALA A 24 9.94 -2.05 -1.23
CA ALA A 24 9.33 -0.93 -0.53
C ALA A 24 8.48 -1.42 0.64
N LEU A 25 7.66 -2.44 0.40
CA LEU A 25 6.78 -3.00 1.42
C LEU A 25 7.59 -3.71 2.50
N LYS A 26 8.64 -4.46 2.13
CA LYS A 26 9.45 -5.19 3.09
C LYS A 26 10.29 -4.23 3.93
N GLN A 27 10.81 -3.15 3.35
CA GLN A 27 11.48 -2.09 4.11
C GLN A 27 10.55 -1.40 5.12
N LEU A 28 9.24 -1.60 5.06
CA LEU A 28 8.29 -1.08 6.03
C LEU A 28 7.86 -2.15 7.05
N ASP A 29 8.34 -3.40 6.89
CA ASP A 29 8.02 -4.54 7.75
C ASP A 29 8.98 -4.63 8.94
N ARG A 30 10.27 -4.43 8.69
CA ARG A 30 11.32 -4.27 9.69
C ARG A 30 12.49 -3.56 9.02
N PRO A 31 12.51 -2.22 8.96
CA PRO A 31 13.66 -1.51 8.41
C PRO A 31 14.92 -1.77 9.24
N GLU A 32 16.07 -1.65 8.57
CA GLU A 32 17.41 -1.70 9.17
C GLU A 32 17.90 -0.32 9.59
N LYS A 33 17.18 0.72 9.18
CA LYS A 33 17.41 2.13 9.43
C LYS A 33 18.76 2.68 8.94
N GLY A 34 19.52 1.93 8.14
CA GLY A 34 20.93 2.22 7.91
C GLY A 34 21.26 3.55 7.22
N LEU A 35 20.30 4.19 6.54
CA LEU A 35 20.54 5.37 5.68
C LEU A 35 21.05 6.56 6.51
N SER A 36 20.13 7.35 7.08
CA SER A 36 20.41 8.34 8.11
C SER A 36 19.08 8.67 8.79
N GLU A 37 19.17 9.41 9.89
CA GLU A 37 18.08 9.91 10.70
C GLU A 37 17.10 10.72 9.85
N ARG A 38 17.62 11.67 9.06
CA ARG A 38 16.81 12.50 8.18
C ARG A 38 16.29 11.66 7.03
N GLU A 39 17.14 10.85 6.43
CA GLU A 39 16.83 10.27 5.13
C GLU A 39 15.76 9.19 5.24
N GLN A 40 15.64 8.49 6.37
CA GLN A 40 14.48 7.66 6.67
C GLN A 40 13.16 8.39 6.46
N LEU A 41 13.12 9.70 6.68
CA LEU A 41 11.92 10.50 6.65
C LEU A 41 11.49 10.89 5.23
N GLU A 42 12.36 10.71 4.26
CA GLU A 42 11.97 10.72 2.85
C GLU A 42 11.79 9.29 2.36
N HIS A 43 12.67 8.38 2.77
CA HIS A 43 12.69 6.99 2.30
C HIS A 43 11.36 6.30 2.58
N THR A 44 10.79 6.49 3.77
CA THR A 44 9.49 5.94 4.11
C THR A 44 8.40 6.49 3.21
N ARG A 45 8.43 7.78 2.83
CA ARG A 45 7.42 8.32 1.93
C ARG A 45 7.62 7.80 0.51
N GLN A 46 8.87 7.67 0.06
CA GLN A 46 9.19 7.03 -1.22
C GLN A 46 8.58 5.63 -1.28
N CYS A 47 8.76 4.82 -0.22
CA CYS A 47 8.20 3.49 -0.12
C CYS A 47 6.67 3.56 -0.12
N LEU A 48 6.09 4.33 0.81
CA LEU A 48 4.66 4.54 1.00
C LEU A 48 3.95 4.79 -0.32
N ILE A 49 4.40 5.81 -1.06
CA ILE A 49 3.75 6.19 -2.28
C ILE A 49 3.86 5.08 -3.32
N LYS A 50 5.04 4.47 -3.52
CA LYS A 50 5.21 3.42 -4.52
C LYS A 50 4.22 2.30 -4.25
N ILE A 51 4.05 1.90 -2.98
CA ILE A 51 3.15 0.83 -2.60
C ILE A 51 1.72 1.23 -2.97
N GLY A 52 1.22 2.34 -2.42
CA GLY A 52 -0.19 2.70 -2.58
C GLY A 52 -0.56 2.96 -4.04
N ASP A 53 0.40 3.43 -4.82
CA ASP A 53 0.28 3.73 -6.24
C ASP A 53 0.18 2.41 -7.02
N HIS A 54 1.08 1.46 -6.77
CA HIS A 54 1.01 0.15 -7.43
C HIS A 54 -0.23 -0.64 -7.02
N ILE A 55 -0.73 -0.48 -5.79
CA ILE A 55 -2.02 -1.00 -5.39
C ILE A 55 -3.08 -0.39 -6.32
N THR A 56 -3.10 0.94 -6.43
CA THR A 56 -4.06 1.65 -7.28
C THR A 56 -4.04 1.08 -8.70
N GLU A 57 -2.87 0.86 -9.28
CA GLU A 57 -2.73 0.38 -10.66
C GLU A 57 -3.18 -1.07 -10.83
N CYS A 58 -3.06 -1.90 -9.79
CA CYS A 58 -3.65 -3.24 -9.78
C CYS A 58 -5.17 -3.13 -9.88
N LEU A 59 -5.76 -2.32 -9.01
CA LEU A 59 -7.23 -2.22 -8.94
C LEU A 59 -7.78 -1.51 -10.18
N LYS A 60 -6.98 -0.65 -10.83
CA LYS A 60 -7.36 0.01 -12.06
C LYS A 60 -7.69 -0.96 -13.18
N GLU A 61 -7.15 -2.17 -13.13
CA GLU A 61 -7.38 -3.11 -14.20
C GLU A 61 -8.84 -3.59 -14.16
N TYR A 62 -9.37 -3.79 -12.95
CA TYR A 62 -10.73 -4.31 -12.83
C TYR A 62 -11.72 -3.21 -13.22
N THR A 63 -12.94 -3.60 -13.54
CA THR A 63 -14.04 -2.69 -13.85
C THR A 63 -15.14 -2.87 -12.79
N ASN A 64 -15.51 -4.13 -12.58
CA ASN A 64 -16.65 -4.55 -11.78
C ASN A 64 -16.58 -4.02 -10.35
N PRO A 65 -17.72 -3.66 -9.74
CA PRO A 65 -17.74 -2.89 -8.50
C PRO A 65 -17.24 -3.72 -7.31
N GLU A 66 -17.63 -5.00 -7.27
CA GLU A 66 -17.15 -5.92 -6.25
C GLU A 66 -15.64 -6.04 -6.35
N GLN A 67 -15.09 -6.31 -7.54
CA GLN A 67 -13.66 -6.54 -7.72
C GLN A 67 -12.86 -5.31 -7.33
N ILE A 68 -13.16 -4.15 -7.94
CA ILE A 68 -12.45 -2.92 -7.61
C ILE A 68 -12.51 -2.66 -6.10
N LYS A 69 -13.67 -2.74 -5.43
CA LYS A 69 -13.73 -2.41 -4.01
C LYS A 69 -13.06 -3.48 -3.14
N GLN A 70 -13.30 -4.76 -3.42
CA GLN A 70 -12.81 -5.83 -2.57
C GLN A 70 -11.28 -5.86 -2.67
N TRP A 71 -10.72 -5.81 -3.88
CA TRP A 71 -9.28 -5.76 -4.04
C TRP A 71 -8.70 -4.46 -3.47
N ARG A 72 -9.46 -3.35 -3.52
CA ARG A 72 -9.02 -2.08 -2.94
C ARG A 72 -8.58 -2.32 -1.50
N LYS A 73 -9.45 -2.97 -0.72
CA LYS A 73 -9.18 -3.34 0.66
C LYS A 73 -8.17 -4.48 0.72
N ASN A 74 -8.35 -5.57 -0.01
CA ASN A 74 -7.58 -6.81 0.17
C ASN A 74 -6.07 -6.61 -0.01
N LEU A 75 -5.63 -5.77 -0.97
CA LEU A 75 -4.22 -5.46 -1.13
C LEU A 75 -3.71 -4.66 0.07
N TRP A 76 -4.47 -3.64 0.50
CA TRP A 76 -4.16 -2.87 1.69
C TRP A 76 -4.05 -3.76 2.93
N ILE A 77 -4.93 -4.75 3.08
CA ILE A 77 -4.95 -5.72 4.17
C ILE A 77 -3.62 -6.47 4.14
N PHE A 78 -3.26 -7.04 3.00
CA PHE A 78 -2.00 -7.76 2.83
C PHE A 78 -0.81 -6.93 3.31
N VAL A 79 -0.70 -5.66 2.87
CA VAL A 79 0.42 -4.81 3.28
C VAL A 79 0.39 -4.56 4.79
N SER A 80 -0.78 -4.27 5.36
CA SER A 80 -0.94 -3.93 6.78
C SER A 80 -0.54 -5.03 7.77
N LYS A 81 -0.13 -6.21 7.28
CA LYS A 81 0.36 -7.29 8.14
C LYS A 81 1.86 -7.46 8.03
N PHE A 82 2.46 -7.02 6.93
CA PHE A 82 3.91 -6.77 6.88
C PHE A 82 4.26 -5.62 7.80
N THR A 83 3.76 -4.43 7.50
CA THR A 83 4.07 -3.25 8.28
C THR A 83 3.18 -3.24 9.51
N GLU A 84 3.55 -2.44 10.51
CA GLU A 84 2.81 -2.34 11.76
C GLU A 84 1.66 -1.34 11.68
N PHE A 85 1.48 -0.69 10.52
CA PHE A 85 0.38 0.22 10.26
C PHE A 85 -0.82 -0.54 9.74
N ASP A 86 -1.90 -0.54 10.53
CA ASP A 86 -3.16 -1.16 10.16
C ASP A 86 -3.69 -0.61 8.84
N ALA A 87 -4.56 -1.36 8.18
CA ALA A 87 -5.23 -1.00 6.92
C ALA A 87 -6.10 0.26 7.06
N ARG A 88 -6.34 0.71 8.29
CA ARG A 88 -6.86 2.02 8.59
C ARG A 88 -5.76 3.06 8.37
N LYS A 89 -4.77 3.10 9.26
CA LYS A 89 -3.81 4.19 9.29
C LYS A 89 -2.91 4.23 8.05
N LEU A 90 -2.60 3.06 7.49
CA LEU A 90 -1.91 2.80 6.23
C LEU A 90 -2.53 3.61 5.09
N HIS A 91 -3.72 3.28 4.54
CA HIS A 91 -4.19 4.01 3.35
C HIS A 91 -4.42 5.50 3.66
N LYS A 92 -4.69 5.84 4.93
CA LYS A 92 -4.82 7.24 5.38
C LYS A 92 -3.54 7.99 5.05
N LEU A 93 -2.39 7.45 5.47
CA LEU A 93 -1.08 8.03 5.17
C LEU A 93 -0.88 8.19 3.66
N TYR A 94 -1.27 7.18 2.86
CA TYR A 94 -1.12 7.25 1.41
C TYR A 94 -1.96 8.39 0.81
N LYS A 95 -3.25 8.46 1.15
CA LYS A 95 -4.15 9.51 0.63
C LYS A 95 -3.61 10.89 0.97
N HIS A 96 -3.19 11.08 2.22
CA HIS A 96 -2.53 12.30 2.67
C HIS A 96 -1.28 12.60 1.83
N ALA A 97 -0.39 11.62 1.64
CA ALA A 97 0.87 11.82 0.96
C ALA A 97 0.66 12.30 -0.48
N ILE A 98 -0.14 11.59 -1.28
CA ILE A 98 -0.43 12.01 -2.66
C ILE A 98 -1.05 13.40 -2.66
N LYS A 99 -2.07 13.64 -1.83
CA LYS A 99 -2.76 14.93 -1.78
C LYS A 99 -1.80 16.07 -1.43
N LYS A 100 -0.91 15.86 -0.47
CA LYS A 100 0.13 16.83 -0.15
C LYS A 100 1.00 17.11 -1.38
N ARG A 101 1.44 16.04 -2.06
CA ARG A 101 2.38 16.13 -3.17
C ARG A 101 1.76 16.74 -4.42
N GLN A 102 0.46 16.55 -4.65
CA GLN A 102 -0.37 17.24 -5.63
C GLN A 102 -1.82 17.08 -5.18
N GLU A 103 -2.49 18.19 -4.93
CA GLU A 103 -3.84 18.21 -4.35
C GLU A 103 -4.91 17.61 -5.28
N SER A 104 -6.07 17.28 -4.71
CA SER A 104 -7.16 16.60 -5.42
C SER A 104 -8.42 16.57 -4.54
N GLN A 105 -9.28 17.57 -4.67
CA GLN A 105 -10.63 17.55 -4.09
C GLN A 105 -11.54 18.35 -5.03
N GLN A 106 -12.86 18.26 -4.84
CA GLN A 106 -13.87 19.03 -5.58
C GLN A 106 -14.89 19.57 -4.59
N ASN A 107 -15.41 18.67 -3.76
CA ASN A 107 -16.41 18.91 -2.72
C ASN A 107 -15.73 18.73 -1.37
N SER A 108 -16.34 19.18 -0.28
CA SER A 108 -15.82 18.96 1.08
C SER A 108 -17.01 18.67 1.97
N GLY A 1 -13.52 -6.23 7.41
CA GLY A 1 -13.65 -6.37 8.86
C GLY A 1 -13.95 -7.81 9.19
N PRO A 2 -15.22 -8.20 9.38
CA PRO A 2 -15.57 -9.61 9.46
C PRO A 2 -15.50 -10.26 8.08
N LEU A 3 -16.23 -9.72 7.10
CA LEU A 3 -16.31 -10.26 5.74
C LEU A 3 -15.31 -9.50 4.90
N GLY A 4 -14.05 -9.94 4.96
CA GLY A 4 -12.95 -9.34 4.23
C GLY A 4 -11.62 -10.00 4.57
N SER A 5 -11.62 -11.29 4.89
CA SER A 5 -10.43 -12.12 4.92
C SER A 5 -10.08 -12.55 3.48
N LEU A 6 -9.01 -13.32 3.29
CA LEU A 6 -8.47 -13.70 1.98
C LEU A 6 -8.47 -15.22 1.86
N ASP A 7 -9.10 -15.74 0.81
CA ASP A 7 -9.05 -17.14 0.38
C ASP A 7 -7.61 -17.53 0.07
N GLN A 8 -7.31 -18.83 0.02
CA GLN A 8 -5.97 -19.34 -0.32
C GLN A 8 -5.47 -18.84 -1.69
N LYS A 9 -6.40 -18.52 -2.59
CA LYS A 9 -6.15 -18.03 -3.93
C LYS A 9 -5.80 -16.54 -3.84
N THR A 10 -6.74 -15.74 -3.35
CA THR A 10 -6.67 -14.29 -3.16
C THR A 10 -5.38 -13.87 -2.44
N PHE A 11 -5.04 -14.59 -1.37
CA PHE A 11 -3.82 -14.43 -0.58
C PHE A 11 -2.56 -14.61 -1.45
N SER A 12 -2.58 -15.52 -2.41
CA SER A 12 -1.51 -15.67 -3.37
C SER A 12 -1.51 -14.56 -4.42
N ILE A 13 -2.69 -14.05 -4.81
CA ILE A 13 -2.77 -12.98 -5.80
C ILE A 13 -2.08 -11.73 -5.24
N CYS A 14 -2.32 -11.36 -3.98
CA CYS A 14 -1.55 -10.26 -3.40
C CYS A 14 -0.03 -10.47 -3.41
N LYS A 15 0.51 -11.61 -2.96
CA LYS A 15 1.97 -11.84 -3.06
C LYS A 15 2.50 -11.77 -4.48
N GLU A 16 1.77 -12.34 -5.45
CA GLU A 16 2.08 -12.19 -6.87
C GLU A 16 2.21 -10.72 -7.25
N ARG A 17 1.17 -9.93 -7.01
CA ARG A 17 1.13 -8.54 -7.45
C ARG A 17 2.11 -7.66 -6.68
N MET A 18 2.51 -8.01 -5.46
CA MET A 18 3.47 -7.22 -4.70
C MET A 18 4.87 -7.80 -4.88
N ARG A 19 5.40 -7.82 -6.11
CA ARG A 19 6.83 -8.01 -6.34
C ARG A 19 7.54 -6.65 -6.47
N PRO A 20 7.10 -5.67 -7.28
CA PRO A 20 7.89 -4.46 -7.51
C PRO A 20 8.07 -3.59 -6.25
N VAL A 21 7.25 -3.76 -5.22
CA VAL A 21 7.34 -3.03 -3.96
C VAL A 21 7.90 -3.88 -2.81
N LYS A 22 8.54 -5.01 -3.07
CA LYS A 22 9.05 -5.90 -2.02
C LYS A 22 9.97 -5.18 -1.03
N ALA A 23 10.89 -4.32 -1.51
CA ALA A 23 11.77 -3.56 -0.63
C ALA A 23 10.95 -2.69 0.29
N ALA A 24 10.00 -1.94 -0.28
CA ALA A 24 9.14 -1.04 0.48
C ALA A 24 8.34 -1.83 1.51
N LEU A 25 7.76 -2.96 1.11
CA LEU A 25 7.00 -3.84 2.01
C LEU A 25 7.83 -4.20 3.23
N LYS A 26 9.07 -4.66 3.05
CA LYS A 26 9.88 -5.03 4.22
C LYS A 26 10.49 -3.81 4.93
N GLN A 27 10.64 -2.68 4.25
CA GLN A 27 10.97 -1.40 4.87
C GLN A 27 9.82 -0.88 5.74
N LEU A 28 8.56 -1.18 5.44
CA LEU A 28 7.44 -0.78 6.29
C LEU A 28 7.39 -1.66 7.53
N ASP A 29 7.78 -2.92 7.41
CA ASP A 29 7.92 -3.89 8.50
C ASP A 29 9.09 -3.49 9.43
N ARG A 30 10.29 -3.33 8.84
CA ARG A 30 11.55 -3.01 9.52
C ARG A 30 12.32 -2.00 8.67
N PRO A 31 12.08 -0.69 8.80
CA PRO A 31 12.82 0.30 8.01
C PRO A 31 14.30 0.24 8.35
N GLU A 32 15.12 0.74 7.44
CA GLU A 32 16.54 0.95 7.68
C GLU A 32 16.72 2.14 8.64
N LYS A 33 17.92 2.29 9.22
CA LYS A 33 18.25 3.39 10.11
C LYS A 33 19.67 3.96 9.90
N GLY A 34 20.42 3.48 8.90
CA GLY A 34 21.82 3.84 8.69
C GLY A 34 22.05 5.12 7.87
N LEU A 35 21.09 6.05 7.87
CA LEU A 35 21.04 7.23 7.03
C LEU A 35 20.74 8.45 7.88
N SER A 36 20.58 9.59 7.22
CA SER A 36 20.33 10.88 7.82
C SER A 36 18.83 11.12 8.02
N GLU A 37 18.46 12.17 8.74
CA GLU A 37 17.09 12.46 9.12
C GLU A 37 16.17 12.58 7.90
N ARG A 38 16.57 13.41 6.93
CA ARG A 38 15.71 13.67 5.79
C ARG A 38 15.67 12.46 4.86
N GLU A 39 16.77 11.71 4.78
CA GLU A 39 16.84 10.48 4.00
C GLU A 39 15.82 9.51 4.58
N GLN A 40 15.81 9.33 5.90
CA GLN A 40 14.89 8.45 6.59
C GLN A 40 13.46 8.88 6.27
N LEU A 41 13.15 10.16 6.46
CA LEU A 41 11.80 10.68 6.27
C LEU A 41 11.37 10.47 4.82
N GLU A 42 12.16 10.94 3.86
CA GLU A 42 11.77 10.91 2.46
C GLU A 42 11.69 9.48 1.97
N HIS A 43 12.64 8.60 2.30
CA HIS A 43 12.60 7.21 1.88
C HIS A 43 11.34 6.53 2.40
N THR A 44 10.96 6.77 3.66
CA THR A 44 9.73 6.23 4.22
C THR A 44 8.52 6.69 3.39
N ARG A 45 8.46 7.96 3.00
CA ARG A 45 7.38 8.47 2.16
C ARG A 45 7.42 7.87 0.77
N GLN A 46 8.61 7.72 0.18
CA GLN A 46 8.82 7.15 -1.14
C GLN A 46 8.36 5.69 -1.16
N CYS A 47 8.78 4.88 -0.19
CA CYS A 47 8.28 3.53 0.05
C CYS A 47 6.75 3.54 0.13
N LEU A 48 6.20 4.35 1.03
CA LEU A 48 4.76 4.45 1.25
C LEU A 48 4.00 4.73 -0.05
N ILE A 49 4.40 5.74 -0.83
CA ILE A 49 3.72 6.05 -2.07
C ILE A 49 3.90 4.97 -3.12
N LYS A 50 5.08 4.36 -3.26
CA LYS A 50 5.28 3.31 -4.23
C LYS A 50 4.34 2.14 -3.91
N ILE A 51 4.16 1.79 -2.64
CA ILE A 51 3.20 0.75 -2.27
C ILE A 51 1.80 1.19 -2.68
N GLY A 52 1.33 2.32 -2.14
CA GLY A 52 -0.06 2.73 -2.32
C GLY A 52 -0.39 2.94 -3.79
N ASP A 53 0.59 3.35 -4.59
CA ASP A 53 0.47 3.50 -6.02
C ASP A 53 0.32 2.14 -6.70
N HIS A 54 1.25 1.19 -6.47
CA HIS A 54 1.17 -0.12 -7.11
C HIS A 54 -0.08 -0.89 -6.65
N ILE A 55 -0.61 -0.61 -5.46
CA ILE A 55 -1.94 -1.03 -5.07
C ILE A 55 -2.96 -0.44 -6.06
N THR A 56 -3.04 0.89 -6.12
CA THR A 56 -4.09 1.59 -6.86
C THR A 56 -4.03 1.26 -8.37
N GLU A 57 -2.84 1.16 -8.94
CA GLU A 57 -2.61 0.87 -10.36
C GLU A 57 -3.19 -0.49 -10.72
N CYS A 58 -2.96 -1.50 -9.89
CA CYS A 58 -3.56 -2.81 -10.09
C CYS A 58 -5.07 -2.75 -9.95
N LEU A 59 -5.58 -2.06 -8.94
CA LEU A 59 -7.02 -1.96 -8.70
C LEU A 59 -7.74 -1.18 -9.80
N LYS A 60 -7.07 -0.30 -10.54
CA LYS A 60 -7.65 0.34 -11.74
C LYS A 60 -8.03 -0.68 -12.79
N GLU A 61 -7.42 -1.86 -12.77
CA GLU A 61 -7.67 -2.90 -13.75
C GLU A 61 -9.13 -3.33 -13.67
N TYR A 62 -9.63 -3.50 -12.44
CA TYR A 62 -10.93 -4.14 -12.28
C TYR A 62 -12.03 -3.15 -12.62
N THR A 63 -13.15 -3.64 -13.15
CA THR A 63 -14.26 -2.78 -13.55
C THR A 63 -15.44 -2.92 -12.58
N ASN A 64 -15.85 -4.15 -12.23
CA ASN A 64 -17.03 -4.35 -11.40
C ASN A 64 -16.85 -3.75 -10.02
N PRO A 65 -17.90 -3.19 -9.40
CA PRO A 65 -17.80 -2.52 -8.12
C PRO A 65 -17.48 -3.49 -6.99
N GLU A 66 -17.92 -4.74 -7.06
CA GLU A 66 -17.48 -5.77 -6.14
C GLU A 66 -15.98 -5.97 -6.21
N GLN A 67 -15.42 -6.15 -7.40
CA GLN A 67 -14.03 -6.53 -7.53
C GLN A 67 -13.15 -5.40 -7.03
N ILE A 68 -13.33 -4.19 -7.58
CA ILE A 68 -12.61 -3.01 -7.09
C ILE A 68 -12.77 -2.90 -5.58
N LYS A 69 -13.99 -2.99 -5.00
CA LYS A 69 -14.23 -2.83 -3.56
C LYS A 69 -13.45 -3.85 -2.76
N GLN A 70 -13.61 -5.13 -3.10
CA GLN A 70 -13.04 -6.24 -2.37
C GLN A 70 -11.52 -6.16 -2.46
N TRP A 71 -10.95 -6.08 -3.67
CA TRP A 71 -9.52 -6.00 -3.85
C TRP A 71 -8.95 -4.77 -3.14
N ARG A 72 -9.64 -3.62 -3.22
CA ARG A 72 -9.25 -2.36 -2.57
C ARG A 72 -9.18 -2.50 -1.04
N LYS A 73 -9.76 -3.55 -0.45
CA LYS A 73 -9.54 -3.92 0.94
C LYS A 73 -8.43 -4.95 0.95
N ASN A 74 -8.57 -6.06 0.22
CA ASN A 74 -7.71 -7.23 0.30
C ASN A 74 -6.22 -6.88 0.17
N LEU A 75 -5.86 -6.03 -0.79
CA LEU A 75 -4.50 -5.54 -1.01
C LEU A 75 -4.00 -4.80 0.23
N TRP A 76 -4.74 -3.79 0.68
CA TRP A 76 -4.40 -3.04 1.87
C TRP A 76 -4.23 -3.97 3.10
N ILE A 77 -5.03 -5.03 3.23
CA ILE A 77 -4.96 -5.97 4.35
C ILE A 77 -3.74 -6.89 4.21
N PHE A 78 -3.36 -7.27 2.98
CA PHE A 78 -2.12 -8.00 2.73
C PHE A 78 -0.93 -7.21 3.27
N VAL A 79 -0.84 -5.95 2.83
CA VAL A 79 0.25 -5.05 3.17
C VAL A 79 0.28 -4.81 4.68
N SER A 80 -0.89 -4.69 5.31
CA SER A 80 -1.09 -4.49 6.74
C SER A 80 -0.50 -5.62 7.62
N LYS A 81 0.04 -6.72 7.08
CA LYS A 81 0.79 -7.67 7.91
C LYS A 81 2.22 -7.21 8.11
N PHE A 82 2.83 -6.65 7.06
CA PHE A 82 4.22 -6.23 7.02
C PHE A 82 4.35 -4.75 7.41
N THR A 83 3.66 -4.33 8.45
CA THR A 83 3.80 -2.99 9.00
C THR A 83 3.23 -3.02 10.42
N GLU A 84 3.43 -1.91 11.12
CA GLU A 84 2.78 -1.57 12.37
C GLU A 84 1.44 -0.87 12.10
N PHE A 85 1.27 -0.27 10.91
CA PHE A 85 0.13 0.56 10.55
C PHE A 85 -0.96 -0.29 9.91
N ASP A 86 -2.14 -0.35 10.53
CA ASP A 86 -3.27 -1.10 9.98
C ASP A 86 -3.60 -0.58 8.59
N ALA A 87 -4.30 -1.41 7.82
CA ALA A 87 -4.91 -1.07 6.53
C ALA A 87 -5.78 0.19 6.63
N ARG A 88 -6.38 0.39 7.81
CA ARG A 88 -7.20 1.55 8.16
C ARG A 88 -6.35 2.81 8.27
N LYS A 89 -5.16 2.75 8.87
CA LYS A 89 -4.23 3.87 8.95
C LYS A 89 -3.60 4.08 7.58
N LEU A 90 -3.04 3.02 6.99
CA LEU A 90 -2.17 3.02 5.83
C LEU A 90 -2.81 3.77 4.65
N HIS A 91 -4.09 3.52 4.38
CA HIS A 91 -4.81 4.23 3.32
C HIS A 91 -4.89 5.76 3.57
N LYS A 92 -5.03 6.24 4.81
CA LYS A 92 -4.90 7.68 5.11
C LYS A 92 -3.45 8.13 5.02
N LEU A 93 -2.51 7.30 5.42
CA LEU A 93 -1.07 7.57 5.35
C LEU A 93 -0.70 7.84 3.89
N TYR A 94 -1.00 6.90 2.99
CA TYR A 94 -0.78 7.01 1.56
C TYR A 94 -1.51 8.21 0.98
N LYS A 95 -2.84 8.31 1.14
CA LYS A 95 -3.59 9.41 0.51
C LYS A 95 -2.99 10.76 0.91
N HIS A 96 -2.59 10.95 2.18
CA HIS A 96 -1.87 12.14 2.62
C HIS A 96 -0.56 12.33 1.85
N ALA A 97 0.29 11.30 1.78
CA ALA A 97 1.61 11.32 1.18
C ALA A 97 1.60 11.54 -0.34
N ILE A 98 0.51 11.24 -1.04
CA ILE A 98 0.31 11.66 -2.42
C ILE A 98 -0.30 13.06 -2.46
N LYS A 99 -1.37 13.32 -1.68
CA LYS A 99 -2.07 14.61 -1.61
C LYS A 99 -1.09 15.78 -1.54
N LYS A 100 -0.05 15.69 -0.69
CA LYS A 100 0.97 16.75 -0.60
C LYS A 100 1.54 17.13 -1.97
N ARG A 101 2.06 16.14 -2.68
CA ARG A 101 2.68 16.27 -4.00
C ARG A 101 1.69 16.66 -5.09
N GLN A 102 0.39 16.44 -4.91
CA GLN A 102 -0.63 16.95 -5.82
C GLN A 102 -0.90 18.43 -5.49
N GLU A 103 -1.64 19.14 -6.33
CA GLU A 103 -2.38 20.32 -5.93
C GLU A 103 -3.67 19.82 -5.27
N SER A 104 -4.09 20.44 -4.16
CA SER A 104 -5.29 19.99 -3.45
C SER A 104 -5.86 21.09 -2.56
N GLN A 105 -6.60 22.01 -3.20
CA GLN A 105 -7.28 23.14 -2.61
C GLN A 105 -8.16 22.83 -1.39
N GLN A 106 -8.62 23.87 -0.70
CA GLN A 106 -9.63 23.80 0.35
C GLN A 106 -10.40 25.12 0.44
N ASN A 107 -11.40 25.16 1.32
CA ASN A 107 -12.08 26.37 1.77
C ASN A 107 -11.20 27.10 2.79
N SER A 108 -10.68 28.28 2.43
CA SER A 108 -9.81 29.12 3.24
C SER A 108 -8.61 28.34 3.78
N GLY A 1 -21.69 -15.68 6.43
CA GLY A 1 -20.80 -16.40 7.36
C GLY A 1 -19.49 -16.72 6.67
N PRO A 2 -19.30 -17.92 6.09
CA PRO A 2 -18.15 -18.22 5.24
C PRO A 2 -18.22 -17.41 3.93
N LEU A 3 -17.24 -17.60 3.03
CA LEU A 3 -16.95 -16.75 1.87
C LEU A 3 -16.51 -15.37 2.35
N GLY A 4 -15.22 -15.23 2.63
CA GLY A 4 -14.63 -14.01 3.16
C GLY A 4 -13.20 -14.23 3.62
N SER A 5 -12.56 -13.19 4.18
CA SER A 5 -11.12 -13.10 4.39
C SER A 5 -10.34 -13.25 3.08
N LEU A 6 -9.01 -13.20 3.13
CA LEU A 6 -8.16 -13.44 1.97
C LEU A 6 -8.15 -14.95 1.78
N ASP A 7 -9.02 -15.45 0.89
CA ASP A 7 -9.01 -16.85 0.41
C ASP A 7 -7.59 -17.22 -0.03
N GLN A 8 -7.27 -18.51 -0.15
CA GLN A 8 -6.02 -18.96 -0.73
C GLN A 8 -5.79 -18.35 -2.12
N LYS A 9 -6.83 -18.30 -2.99
CA LYS A 9 -6.74 -17.67 -4.30
C LYS A 9 -6.37 -16.19 -4.12
N THR A 10 -7.17 -15.48 -3.33
CA THR A 10 -7.02 -14.06 -3.07
C THR A 10 -5.63 -13.74 -2.49
N PHE A 11 -5.21 -14.39 -1.40
CA PHE A 11 -3.91 -14.25 -0.76
C PHE A 11 -2.77 -14.45 -1.75
N SER A 12 -2.84 -15.51 -2.56
CA SER A 12 -1.82 -15.81 -3.55
C SER A 12 -1.71 -14.67 -4.57
N ILE A 13 -2.82 -14.22 -5.14
CA ILE A 13 -2.85 -13.10 -6.09
C ILE A 13 -2.35 -11.83 -5.40
N CYS A 14 -2.78 -11.57 -4.16
CA CYS A 14 -2.28 -10.48 -3.34
C CYS A 14 -0.75 -10.51 -3.25
N LYS A 15 -0.15 -11.69 -3.03
CA LYS A 15 1.30 -11.81 -2.98
C LYS A 15 1.95 -11.52 -4.33
N GLU A 16 1.31 -11.90 -5.44
CA GLU A 16 1.80 -11.58 -6.77
C GLU A 16 1.81 -10.07 -6.99
N ARG A 17 0.75 -9.37 -6.58
CA ARG A 17 0.70 -7.92 -6.70
C ARG A 17 1.75 -7.26 -5.79
N MET A 18 2.07 -7.87 -4.64
CA MET A 18 3.17 -7.44 -3.78
C MET A 18 4.51 -8.08 -4.19
N ARG A 19 4.88 -7.93 -5.46
CA ARG A 19 6.18 -8.30 -6.00
C ARG A 19 7.05 -7.05 -6.19
N PRO A 20 6.67 -6.06 -7.03
CA PRO A 20 7.54 -4.94 -7.37
C PRO A 20 7.86 -4.03 -6.19
N VAL A 21 7.06 -4.07 -5.12
CA VAL A 21 7.21 -3.19 -3.96
C VAL A 21 7.76 -3.93 -2.74
N LYS A 22 8.32 -5.15 -2.90
CA LYS A 22 8.86 -5.89 -1.74
C LYS A 22 9.90 -5.09 -0.95
N ALA A 23 10.72 -4.27 -1.60
CA ALA A 23 11.69 -3.46 -0.88
C ALA A 23 10.97 -2.56 0.10
N ALA A 24 9.96 -1.82 -0.40
CA ALA A 24 9.15 -0.90 0.36
C ALA A 24 8.40 -1.63 1.48
N LEU A 25 7.87 -2.83 1.22
CA LEU A 25 7.22 -3.64 2.26
C LEU A 25 8.19 -3.84 3.41
N LYS A 26 9.40 -4.37 3.15
CA LYS A 26 10.33 -4.58 4.24
C LYS A 26 10.72 -3.24 4.87
N GLN A 27 10.94 -2.19 4.09
CA GLN A 27 11.32 -0.87 4.61
C GLN A 27 10.29 -0.31 5.62
N LEU A 28 9.00 -0.61 5.46
CA LEU A 28 7.96 -0.16 6.39
C LEU A 28 7.96 -0.94 7.71
N ASP A 29 8.72 -2.03 7.82
CA ASP A 29 8.75 -2.97 8.95
C ASP A 29 10.14 -2.96 9.59
N ARG A 30 11.15 -3.32 8.79
CA ARG A 30 12.57 -3.21 9.05
C ARG A 30 13.10 -2.17 8.07
N PRO A 31 13.04 -0.86 8.39
CA PRO A 31 13.69 0.15 7.57
C PRO A 31 15.19 -0.13 7.53
N GLU A 32 15.89 0.45 6.56
CA GLU A 32 17.34 0.50 6.65
C GLU A 32 17.74 1.48 7.76
N LYS A 33 19.00 1.40 8.17
CA LYS A 33 19.51 2.12 9.33
C LYS A 33 20.94 2.61 9.15
N GLY A 34 21.42 2.69 7.90
CA GLY A 34 22.68 3.31 7.55
C GLY A 34 22.70 3.81 6.12
N LEU A 35 21.57 4.30 5.63
CA LEU A 35 21.57 5.13 4.41
C LEU A 35 22.23 6.43 4.82
N SER A 36 21.46 7.33 5.46
CA SER A 36 21.88 8.25 6.48
C SER A 36 20.60 8.69 7.22
N GLU A 37 20.75 9.53 8.23
CA GLU A 37 19.69 10.05 9.09
C GLU A 37 18.47 10.50 8.28
N ARG A 38 18.64 11.50 7.40
CA ARG A 38 17.57 12.20 6.71
C ARG A 38 17.11 11.47 5.46
N GLU A 39 17.92 10.54 4.94
CA GLU A 39 17.51 9.68 3.84
C GLU A 39 16.26 8.92 4.28
N GLN A 40 16.27 8.35 5.48
CA GLN A 40 15.19 7.46 5.93
C GLN A 40 13.84 8.16 6.02
N LEU A 41 13.81 9.48 6.21
CA LEU A 41 12.60 10.27 6.23
C LEU A 41 11.94 10.16 4.87
N GLU A 42 12.66 10.52 3.81
CA GLU A 42 12.11 10.42 2.47
C GLU A 42 11.97 8.98 2.04
N HIS A 43 12.78 8.06 2.55
CA HIS A 43 12.59 6.65 2.30
C HIS A 43 11.23 6.19 2.79
N THR A 44 10.75 6.63 3.96
CA THR A 44 9.45 6.16 4.44
C THR A 44 8.35 6.64 3.49
N ARG A 45 8.28 7.93 3.16
CA ARG A 45 7.22 8.40 2.27
C ARG A 45 7.35 7.80 0.87
N GLN A 46 8.55 7.74 0.30
CA GLN A 46 8.81 7.09 -0.98
C GLN A 46 8.30 5.65 -0.99
N CYS A 47 8.57 4.87 0.07
CA CYS A 47 8.08 3.52 0.23
C CYS A 47 6.55 3.51 0.30
N LEU A 48 5.96 4.34 1.16
CA LEU A 48 4.52 4.48 1.33
C LEU A 48 3.84 4.73 -0.02
N ILE A 49 4.29 5.75 -0.76
CA ILE A 49 3.69 6.06 -2.04
C ILE A 49 3.91 4.91 -3.01
N LYS A 50 5.06 4.25 -3.06
CA LYS A 50 5.26 3.16 -4.02
C LYS A 50 4.28 2.04 -3.77
N ILE A 51 4.05 1.68 -2.51
CA ILE A 51 3.11 0.64 -2.18
C ILE A 51 1.71 1.10 -2.60
N GLY A 52 1.29 2.29 -2.13
CA GLY A 52 -0.06 2.78 -2.37
C GLY A 52 -0.33 3.00 -3.85
N ASP A 53 0.67 3.42 -4.60
CA ASP A 53 0.69 3.58 -6.04
C ASP A 53 0.50 2.23 -6.70
N HIS A 54 1.38 1.25 -6.44
CA HIS A 54 1.32 -0.02 -7.12
C HIS A 54 0.02 -0.75 -6.77
N ILE A 55 -0.54 -0.55 -5.57
CA ILE A 55 -1.90 -0.96 -5.25
C ILE A 55 -2.86 -0.28 -6.23
N THR A 56 -2.90 1.05 -6.28
CA THR A 56 -3.84 1.79 -7.12
C THR A 56 -3.71 1.39 -8.60
N GLU A 57 -2.49 1.05 -9.02
CA GLU A 57 -2.09 0.68 -10.36
C GLU A 57 -2.42 -0.77 -10.70
N CYS A 58 -2.68 -1.61 -9.70
CA CYS A 58 -3.35 -2.89 -9.89
C CYS A 58 -4.85 -2.65 -10.02
N LEU A 59 -5.43 -1.98 -9.02
CA LEU A 59 -6.87 -1.82 -8.88
C LEU A 59 -7.48 -1.00 -10.01
N LYS A 60 -6.73 -0.16 -10.73
CA LYS A 60 -7.29 0.48 -11.92
C LYS A 60 -7.57 -0.51 -13.03
N GLU A 61 -7.06 -1.73 -12.97
CA GLU A 61 -7.41 -2.77 -13.90
C GLU A 61 -8.91 -2.95 -13.86
N TYR A 62 -9.44 -3.21 -12.66
CA TYR A 62 -10.78 -3.75 -12.58
C TYR A 62 -11.83 -2.69 -12.93
N THR A 63 -12.91 -3.14 -13.54
CA THR A 63 -14.06 -2.30 -13.87
C THR A 63 -15.12 -2.48 -12.78
N ASN A 64 -15.56 -3.72 -12.57
CA ASN A 64 -16.77 -4.03 -11.80
C ASN A 64 -16.67 -3.47 -10.38
N PRO A 65 -17.78 -2.99 -9.81
CA PRO A 65 -17.76 -2.25 -8.54
C PRO A 65 -17.35 -3.15 -7.38
N GLU A 66 -17.79 -4.41 -7.39
CA GLU A 66 -17.42 -5.35 -6.36
C GLU A 66 -15.92 -5.65 -6.41
N GLN A 67 -15.36 -5.80 -7.60
CA GLN A 67 -13.96 -6.18 -7.80
C GLN A 67 -13.06 -5.06 -7.32
N ILE A 68 -13.26 -3.83 -7.82
CA ILE A 68 -12.49 -2.69 -7.35
C ILE A 68 -12.64 -2.59 -5.82
N LYS A 69 -13.86 -2.70 -5.26
CA LYS A 69 -14.08 -2.60 -3.81
C LYS A 69 -13.25 -3.64 -3.07
N GLN A 70 -13.46 -4.91 -3.42
CA GLN A 70 -12.91 -6.05 -2.71
C GLN A 70 -11.40 -6.06 -2.84
N TRP A 71 -10.84 -5.95 -4.04
CA TRP A 71 -9.40 -5.93 -4.19
C TRP A 71 -8.79 -4.73 -3.50
N ARG A 72 -9.45 -3.56 -3.54
CA ARG A 72 -8.92 -2.36 -2.89
C ARG A 72 -8.72 -2.60 -1.41
N LYS A 73 -9.69 -3.22 -0.73
CA LYS A 73 -9.46 -3.65 0.65
C LYS A 73 -8.46 -4.80 0.73
N ASN A 74 -8.53 -5.83 -0.13
CA ASN A 74 -7.69 -7.02 -0.05
C ASN A 74 -6.23 -6.63 0.00
N LEU A 75 -5.77 -5.80 -0.96
CA LEU A 75 -4.38 -5.35 -1.06
C LEU A 75 -4.00 -4.53 0.18
N TRP A 76 -4.83 -3.58 0.60
CA TRP A 76 -4.56 -2.79 1.80
C TRP A 76 -4.43 -3.67 3.05
N ILE A 77 -5.30 -4.68 3.19
CA ILE A 77 -5.28 -5.65 4.27
C ILE A 77 -3.97 -6.43 4.19
N PHE A 78 -3.65 -6.97 3.01
CA PHE A 78 -2.46 -7.78 2.78
C PHE A 78 -1.20 -7.06 3.28
N VAL A 79 -1.01 -5.80 2.92
CA VAL A 79 0.18 -5.05 3.33
C VAL A 79 0.20 -4.89 4.85
N SER A 80 -0.95 -4.66 5.50
CA SER A 80 -1.00 -4.49 6.94
C SER A 80 -0.60 -5.74 7.75
N LYS A 81 -0.25 -6.87 7.13
CA LYS A 81 0.40 -7.98 7.84
C LYS A 81 1.93 -7.90 7.83
N PHE A 82 2.53 -6.98 7.07
CA PHE A 82 3.94 -6.64 7.17
C PHE A 82 4.16 -5.57 8.24
N THR A 83 3.44 -4.45 8.15
CA THR A 83 3.72 -3.24 8.93
C THR A 83 3.03 -3.33 10.29
N GLU A 84 3.45 -2.49 11.23
CA GLU A 84 2.74 -2.20 12.47
C GLU A 84 1.39 -1.53 12.20
N PHE A 85 1.22 -0.92 11.01
CA PHE A 85 0.10 -0.09 10.67
C PHE A 85 -1.08 -0.91 10.18
N ASP A 86 -2.22 -0.76 10.86
CA ASP A 86 -3.47 -1.35 10.39
C ASP A 86 -3.81 -0.71 9.06
N ALA A 87 -4.57 -1.46 8.27
CA ALA A 87 -4.99 -1.06 6.93
C ALA A 87 -5.78 0.25 6.96
N ARG A 88 -6.49 0.51 8.06
CA ARG A 88 -7.24 1.75 8.29
C ARG A 88 -6.32 2.95 8.38
N LYS A 89 -5.18 2.84 9.10
CA LYS A 89 -4.20 3.92 9.18
C LYS A 89 -3.53 4.01 7.82
N LEU A 90 -3.06 2.87 7.33
CA LEU A 90 -2.23 2.71 6.14
C LEU A 90 -2.84 3.44 4.93
N HIS A 91 -4.11 3.17 4.61
CA HIS A 91 -4.77 3.83 3.49
C HIS A 91 -4.92 5.36 3.68
N LYS A 92 -5.10 5.82 4.93
CA LYS A 92 -5.24 7.24 5.26
C LYS A 92 -3.91 7.96 5.06
N LEU A 93 -2.81 7.32 5.49
CA LEU A 93 -1.44 7.81 5.33
C LEU A 93 -1.13 8.01 3.85
N TYR A 94 -1.40 6.99 3.01
CA TYR A 94 -1.18 7.14 1.57
C TYR A 94 -2.03 8.26 0.98
N LYS A 95 -3.33 8.35 1.33
CA LYS A 95 -4.14 9.48 0.89
C LYS A 95 -3.43 10.78 1.26
N HIS A 96 -2.98 10.96 2.50
CA HIS A 96 -2.32 12.18 2.92
C HIS A 96 -1.01 12.45 2.16
N ALA A 97 -0.28 11.41 1.75
CA ALA A 97 0.92 11.57 0.95
C ALA A 97 0.54 12.17 -0.41
N ILE A 98 -0.31 11.51 -1.20
CA ILE A 98 -0.65 12.01 -2.53
C ILE A 98 -1.42 13.34 -2.44
N LYS A 99 -2.27 13.51 -1.43
CA LYS A 99 -2.99 14.76 -1.20
C LYS A 99 -2.04 15.90 -0.81
N LYS A 100 -0.86 15.67 -0.22
CA LYS A 100 0.08 16.76 0.01
C LYS A 100 0.54 17.24 -1.37
N ARG A 101 0.92 16.29 -2.23
CA ARG A 101 1.51 16.52 -3.54
C ARG A 101 0.58 17.39 -4.37
N GLN A 102 -0.65 16.91 -4.53
CA GLN A 102 -1.72 17.59 -5.22
C GLN A 102 -1.79 19.06 -4.80
N GLU A 103 -2.06 19.96 -5.73
CA GLU A 103 -2.49 21.32 -5.43
C GLU A 103 -3.90 21.49 -5.98
N SER A 104 -4.80 22.01 -5.16
CA SER A 104 -6.19 22.19 -5.51
C SER A 104 -6.68 23.36 -4.69
N GLN A 105 -6.58 24.56 -5.26
CA GLN A 105 -7.22 25.74 -4.71
C GLN A 105 -8.73 25.46 -4.73
N GLN A 106 -9.41 25.72 -3.61
CA GLN A 106 -10.84 25.50 -3.47
C GLN A 106 -11.34 26.36 -2.32
N ASN A 107 -12.57 26.86 -2.44
CA ASN A 107 -13.24 27.76 -1.50
C ASN A 107 -12.42 29.03 -1.17
N SER A 108 -12.96 29.91 -0.33
CA SER A 108 -12.28 31.11 0.13
C SER A 108 -11.44 30.75 1.34
N GLY A 1 -14.65 -12.73 7.90
CA GLY A 1 -15.25 -12.72 6.56
C GLY A 1 -14.62 -11.64 5.70
N PRO A 2 -15.20 -10.43 5.60
CA PRO A 2 -14.61 -9.33 4.85
C PRO A 2 -13.26 -8.88 5.42
N LEU A 3 -13.05 -9.06 6.73
CA LEU A 3 -11.74 -8.99 7.38
C LEU A 3 -11.34 -10.40 7.83
N GLY A 4 -10.03 -10.60 8.03
CA GLY A 4 -9.35 -11.87 8.24
C GLY A 4 -8.01 -11.88 7.49
N SER A 5 -7.34 -13.03 7.42
CA SER A 5 -5.99 -13.10 6.84
C SER A 5 -5.92 -13.13 5.31
N LEU A 6 -7.05 -13.05 4.58
CA LEU A 6 -7.27 -13.32 3.16
C LEU A 6 -7.35 -14.82 2.86
N ASP A 7 -8.06 -15.14 1.77
CA ASP A 7 -8.22 -16.51 1.27
C ASP A 7 -6.88 -16.97 0.70
N GLN A 8 -6.68 -18.28 0.61
CA GLN A 8 -5.54 -18.89 -0.08
C GLN A 8 -5.42 -18.35 -1.51
N LYS A 9 -6.55 -18.24 -2.23
CA LYS A 9 -6.58 -17.65 -3.57
C LYS A 9 -5.98 -16.23 -3.50
N THR A 10 -6.69 -15.35 -2.80
CA THR A 10 -6.42 -13.92 -2.75
C THR A 10 -4.99 -13.65 -2.29
N PHE A 11 -4.49 -14.42 -1.31
CA PHE A 11 -3.15 -14.32 -0.76
C PHE A 11 -2.11 -14.48 -1.86
N SER A 12 -2.24 -15.51 -2.69
CA SER A 12 -1.29 -15.78 -3.76
C SER A 12 -1.42 -14.73 -4.86
N ILE A 13 -2.62 -14.19 -5.10
CA ILE A 13 -2.77 -13.08 -6.04
C ILE A 13 -1.97 -11.85 -5.58
N CYS A 14 -2.22 -11.34 -4.35
CA CYS A 14 -1.40 -10.23 -3.82
C CYS A 14 0.09 -10.46 -3.85
N LYS A 15 0.58 -11.66 -3.50
CA LYS A 15 2.02 -11.92 -3.54
C LYS A 15 2.61 -11.61 -4.91
N GLU A 16 1.92 -11.98 -6.00
CA GLU A 16 2.34 -11.60 -7.34
C GLU A 16 2.24 -10.09 -7.54
N ARG A 17 1.13 -9.45 -7.13
CA ARG A 17 0.97 -8.02 -7.42
C ARG A 17 1.98 -7.16 -6.65
N MET A 18 2.39 -7.58 -5.46
CA MET A 18 3.38 -6.91 -4.63
C MET A 18 4.83 -7.28 -5.02
N ARG A 19 5.07 -7.84 -6.21
CA ARG A 19 6.40 -8.23 -6.67
C ARG A 19 7.30 -6.99 -6.80
N PRO A 20 6.86 -5.92 -7.49
CA PRO A 20 7.68 -4.74 -7.64
C PRO A 20 8.07 -4.14 -6.27
N VAL A 21 7.10 -3.97 -5.38
CA VAL A 21 7.24 -3.17 -4.18
C VAL A 21 7.83 -3.93 -2.98
N LYS A 22 8.41 -5.12 -3.17
CA LYS A 22 8.95 -5.95 -2.10
C LYS A 22 9.83 -5.18 -1.11
N ALA A 23 10.79 -4.38 -1.59
CA ALA A 23 11.67 -3.64 -0.68
C ALA A 23 10.86 -2.66 0.16
N ALA A 24 9.90 -1.94 -0.44
CA ALA A 24 9.11 -0.95 0.28
C ALA A 24 8.30 -1.61 1.40
N LEU A 25 7.74 -2.80 1.13
CA LEU A 25 7.02 -3.58 2.14
C LEU A 25 7.99 -3.92 3.26
N LYS A 26 9.12 -4.57 2.95
CA LYS A 26 10.09 -5.01 3.95
C LYS A 26 10.64 -3.85 4.78
N GLN A 27 10.77 -2.66 4.18
CA GLN A 27 11.26 -1.44 4.82
C GLN A 27 10.25 -0.81 5.78
N LEU A 28 8.98 -1.24 5.78
CA LEU A 28 7.99 -0.82 6.75
C LEU A 28 7.52 -1.97 7.65
N ASP A 29 7.82 -3.19 7.24
CA ASP A 29 7.62 -4.45 7.96
C ASP A 29 8.49 -4.45 9.21
N ARG A 30 9.82 -4.42 9.04
CA ARG A 30 10.71 -4.28 10.19
C ARG A 30 12.00 -3.57 9.78
N PRO A 31 12.01 -2.22 9.76
CA PRO A 31 13.19 -1.46 9.41
C PRO A 31 14.28 -1.55 10.50
N GLU A 32 15.50 -1.16 10.12
CA GLU A 32 16.63 -1.02 11.06
C GLU A 32 16.88 0.41 11.50
N LYS A 33 16.24 1.38 10.83
CA LYS A 33 16.33 2.82 11.07
C LYS A 33 17.74 3.41 10.93
N GLY A 34 18.75 2.59 10.64
CA GLY A 34 20.17 2.91 10.67
C GLY A 34 20.64 3.59 9.38
N LEU A 35 19.91 4.63 8.97
CA LEU A 35 20.29 5.62 7.98
C LEU A 35 20.27 6.98 8.71
N SER A 36 20.51 8.06 7.99
CA SER A 36 20.39 9.44 8.43
C SER A 36 18.91 9.85 8.51
N GLU A 37 18.60 10.90 9.27
CA GLU A 37 17.23 11.33 9.56
C GLU A 37 16.51 11.83 8.31
N ARG A 38 17.13 12.75 7.56
CA ARG A 38 16.49 13.34 6.38
C ARG A 38 16.13 12.26 5.39
N GLU A 39 17.01 11.27 5.24
CA GLU A 39 16.83 10.14 4.37
C GLU A 39 15.68 9.28 4.88
N GLN A 40 15.64 8.93 6.18
CA GLN A 40 14.58 8.12 6.77
C GLN A 40 13.22 8.68 6.42
N LEU A 41 13.06 10.00 6.59
CA LEU A 41 11.85 10.74 6.31
C LEU A 41 11.41 10.48 4.87
N GLU A 42 12.27 10.77 3.90
CA GLU A 42 11.90 10.63 2.50
C GLU A 42 11.70 9.17 2.11
N HIS A 43 12.49 8.28 2.72
CA HIS A 43 12.50 6.84 2.47
C HIS A 43 11.11 6.28 2.74
N THR A 44 10.53 6.59 3.91
CA THR A 44 9.17 6.17 4.23
C THR A 44 8.21 6.70 3.18
N ARG A 45 8.32 7.98 2.80
CA ARG A 45 7.37 8.55 1.86
C ARG A 45 7.42 7.80 0.54
N GLN A 46 8.60 7.68 -0.06
CA GLN A 46 8.82 7.04 -1.34
C GLN A 46 8.37 5.58 -1.33
N CYS A 47 8.66 4.83 -0.25
CA CYS A 47 8.18 3.48 -0.09
C CYS A 47 6.64 3.45 -0.10
N LEU A 48 6.01 4.23 0.79
CA LEU A 48 4.57 4.16 1.03
C LEU A 48 3.82 4.55 -0.25
N ILE A 49 4.21 5.63 -0.92
CA ILE A 49 3.59 6.07 -2.16
C ILE A 49 3.79 5.04 -3.27
N LYS A 50 4.93 4.36 -3.39
CA LYS A 50 5.08 3.37 -4.46
C LYS A 50 4.21 2.15 -4.21
N ILE A 51 4.06 1.74 -2.94
CA ILE A 51 3.13 0.68 -2.55
C ILE A 51 1.73 1.13 -2.94
N GLY A 52 1.29 2.29 -2.43
CA GLY A 52 -0.07 2.76 -2.60
C GLY A 52 -0.42 3.00 -4.07
N ASP A 53 0.56 3.43 -4.88
CA ASP A 53 0.39 3.56 -6.33
C ASP A 53 0.18 2.19 -6.95
N HIS A 54 1.01 1.19 -6.65
CA HIS A 54 0.78 -0.16 -7.18
C HIS A 54 -0.57 -0.74 -6.71
N ILE A 55 -1.04 -0.39 -5.51
CA ILE A 55 -2.38 -0.75 -5.08
C ILE A 55 -3.39 -0.07 -6.00
N THR A 56 -3.31 1.26 -6.15
CA THR A 56 -4.26 2.00 -6.97
C THR A 56 -4.27 1.47 -8.39
N GLU A 57 -3.11 1.25 -9.02
CA GLU A 57 -3.03 0.85 -10.42
C GLU A 57 -3.76 -0.47 -10.62
N CYS A 58 -3.54 -1.44 -9.72
CA CYS A 58 -4.26 -2.69 -9.70
C CYS A 58 -5.78 -2.45 -9.62
N LEU A 59 -6.25 -1.60 -8.70
CA LEU A 59 -7.69 -1.42 -8.57
C LEU A 59 -8.28 -0.65 -9.76
N LYS A 60 -7.57 0.28 -10.43
CA LYS A 60 -8.11 0.95 -11.63
C LYS A 60 -8.08 0.04 -12.86
N GLU A 61 -7.68 -1.22 -12.69
CA GLU A 61 -7.62 -2.19 -13.77
C GLU A 61 -8.82 -3.11 -13.80
N TYR A 62 -9.63 -3.14 -12.74
CA TYR A 62 -10.91 -3.83 -12.74
C TYR A 62 -12.06 -2.92 -13.19
N THR A 63 -13.23 -3.51 -13.44
CA THR A 63 -14.44 -2.82 -13.90
C THR A 63 -15.60 -3.02 -12.91
N ASN A 64 -15.96 -4.27 -12.58
CA ASN A 64 -17.12 -4.56 -11.74
C ASN A 64 -16.93 -3.89 -10.37
N PRO A 65 -17.99 -3.38 -9.74
CA PRO A 65 -17.87 -2.55 -8.56
C PRO A 65 -17.39 -3.38 -7.37
N GLU A 66 -17.88 -4.62 -7.24
CA GLU A 66 -17.42 -5.47 -6.15
C GLU A 66 -15.96 -5.91 -6.37
N GLN A 67 -15.44 -5.90 -7.61
CA GLN A 67 -14.03 -6.19 -7.88
C GLN A 67 -13.20 -5.05 -7.30
N ILE A 68 -13.38 -3.81 -7.79
CA ILE A 68 -12.62 -2.67 -7.29
C ILE A 68 -12.79 -2.53 -5.78
N LYS A 69 -14.00 -2.72 -5.25
CA LYS A 69 -14.28 -2.51 -3.83
C LYS A 69 -13.58 -3.57 -3.00
N GLN A 70 -13.70 -4.85 -3.37
CA GLN A 70 -13.13 -5.92 -2.57
C GLN A 70 -11.61 -5.88 -2.67
N TRP A 71 -11.05 -5.80 -3.89
CA TRP A 71 -9.61 -5.77 -4.09
C TRP A 71 -9.00 -4.57 -3.40
N ARG A 72 -9.69 -3.43 -3.39
CA ARG A 72 -9.22 -2.22 -2.71
C ARG A 72 -8.83 -2.55 -1.27
N LYS A 73 -9.68 -3.29 -0.56
CA LYS A 73 -9.40 -3.73 0.78
C LYS A 73 -8.34 -4.81 0.73
N ASN A 74 -8.52 -5.87 -0.07
CA ASN A 74 -7.68 -7.06 -0.04
C ASN A 74 -6.19 -6.73 -0.21
N LEU A 75 -5.84 -5.77 -1.07
CA LEU A 75 -4.47 -5.27 -1.24
C LEU A 75 -4.02 -4.59 0.05
N TRP A 76 -4.74 -3.57 0.52
CA TRP A 76 -4.41 -2.87 1.75
C TRP A 76 -4.30 -3.83 2.96
N ILE A 77 -5.12 -4.88 3.04
CA ILE A 77 -5.07 -5.93 4.05
C ILE A 77 -3.75 -6.67 3.93
N PHE A 78 -3.40 -7.11 2.71
CA PHE A 78 -2.14 -7.80 2.48
C PHE A 78 -0.97 -6.95 2.96
N VAL A 79 -0.92 -5.67 2.60
CA VAL A 79 0.14 -4.77 3.05
C VAL A 79 0.11 -4.60 4.57
N SER A 80 -1.07 -4.66 5.19
CA SER A 80 -1.17 -4.63 6.66
C SER A 80 -0.36 -5.74 7.33
N LYS A 81 -0.05 -6.87 6.65
CA LYS A 81 0.78 -7.94 7.23
C LYS A 81 2.26 -7.55 7.28
N PHE A 82 2.65 -6.51 6.54
CA PHE A 82 4.02 -6.01 6.41
C PHE A 82 4.17 -4.62 7.01
N THR A 83 3.42 -4.26 8.06
CA THR A 83 3.71 -3.06 8.81
C THR A 83 2.96 -3.12 10.15
N GLU A 84 3.15 -2.13 11.03
CA GLU A 84 2.38 -1.93 12.26
C GLU A 84 1.00 -1.32 11.97
N PHE A 85 0.86 -0.66 10.82
CA PHE A 85 -0.27 0.18 10.48
C PHE A 85 -1.30 -0.62 9.71
N ASP A 86 -2.50 -0.78 10.30
CA ASP A 86 -3.69 -1.26 9.62
C ASP A 86 -3.87 -0.51 8.30
N ALA A 87 -4.62 -1.11 7.37
CA ALA A 87 -5.22 -0.43 6.22
C ALA A 87 -5.88 0.89 6.63
N ARG A 88 -6.53 0.91 7.80
CA ARG A 88 -7.14 2.11 8.38
C ARG A 88 -6.15 3.28 8.44
N LYS A 89 -4.93 3.04 8.93
CA LYS A 89 -3.87 4.04 8.98
C LYS A 89 -3.24 4.18 7.59
N LEU A 90 -2.80 3.08 6.98
CA LEU A 90 -1.93 3.13 5.81
C LEU A 90 -2.57 3.87 4.66
N HIS A 91 -3.82 3.54 4.35
CA HIS A 91 -4.58 4.22 3.30
C HIS A 91 -4.68 5.74 3.58
N LYS A 92 -4.90 6.16 4.84
CA LYS A 92 -4.95 7.60 5.12
C LYS A 92 -3.58 8.22 4.88
N LEU A 93 -2.51 7.60 5.40
CA LEU A 93 -1.14 8.07 5.24
C LEU A 93 -0.82 8.22 3.75
N TYR A 94 -1.16 7.23 2.93
CA TYR A 94 -0.97 7.27 1.49
C TYR A 94 -1.66 8.47 0.86
N LYS A 95 -2.99 8.60 1.01
CA LYS A 95 -3.68 9.69 0.32
C LYS A 95 -3.19 11.05 0.83
N HIS A 96 -2.85 11.18 2.11
CA HIS A 96 -2.26 12.41 2.64
C HIS A 96 -0.85 12.67 2.09
N ALA A 97 -0.09 11.62 1.77
CA ALA A 97 1.24 11.76 1.19
C ALA A 97 1.13 12.34 -0.21
N ILE A 98 0.34 11.72 -1.09
CA ILE A 98 0.22 12.22 -2.46
C ILE A 98 -0.42 13.60 -2.48
N LYS A 99 -1.46 13.83 -1.68
CA LYS A 99 -2.09 15.14 -1.57
C LYS A 99 -1.11 16.18 -1.06
N LYS A 100 -0.27 15.89 -0.05
CA LYS A 100 0.80 16.82 0.32
C LYS A 100 1.74 17.05 -0.85
N ARG A 101 2.11 16.02 -1.61
CA ARG A 101 2.98 16.17 -2.77
C ARG A 101 2.35 17.08 -3.83
N GLN A 102 1.03 17.14 -3.95
CA GLN A 102 0.35 17.90 -5.00
C GLN A 102 -1.11 18.17 -4.60
N GLU A 103 -1.36 19.20 -3.79
CA GLU A 103 -2.73 19.62 -3.46
C GLU A 103 -3.34 20.51 -4.56
N SER A 104 -2.85 20.37 -5.78
CA SER A 104 -3.40 20.96 -6.99
C SER A 104 -4.72 20.29 -7.38
N GLN A 105 -5.26 20.66 -8.54
CA GLN A 105 -6.67 20.53 -8.88
C GLN A 105 -6.94 19.66 -10.09
N GLN A 106 -6.01 18.75 -10.44
CA GLN A 106 -5.95 18.03 -11.70
C GLN A 106 -6.12 18.95 -12.92
N ASN A 107 -6.36 18.37 -14.09
CA ASN A 107 -6.80 19.01 -15.33
C ASN A 107 -7.50 17.92 -16.16
N SER A 108 -7.98 18.25 -17.36
CA SER A 108 -8.63 17.30 -18.26
C SER A 108 -8.17 17.62 -19.67
N GLY A 1 -14.59 -20.25 13.81
CA GLY A 1 -14.83 -18.85 13.42
C GLY A 1 -13.93 -18.45 12.26
N PRO A 2 -14.27 -18.81 11.00
CA PRO A 2 -13.44 -18.49 9.85
C PRO A 2 -13.52 -17.00 9.53
N LEU A 3 -12.54 -16.22 9.99
CA LEU A 3 -12.36 -14.84 9.54
C LEU A 3 -12.05 -14.80 8.05
N GLY A 4 -11.36 -15.83 7.54
CA GLY A 4 -10.88 -15.95 6.17
C GLY A 4 -9.39 -15.59 6.12
N SER A 5 -9.00 -14.52 6.82
CA SER A 5 -7.63 -14.05 6.97
C SER A 5 -6.86 -13.99 5.65
N LEU A 6 -7.51 -13.44 4.62
CA LEU A 6 -7.16 -13.53 3.21
C LEU A 6 -7.20 -14.99 2.80
N ASP A 7 -8.28 -15.37 2.10
CA ASP A 7 -8.43 -16.69 1.50
C ASP A 7 -7.18 -17.07 0.72
N GLN A 8 -6.95 -18.36 0.57
CA GLN A 8 -5.79 -18.95 -0.06
C GLN A 8 -5.52 -18.36 -1.45
N LYS A 9 -6.57 -18.18 -2.27
CA LYS A 9 -6.38 -17.58 -3.59
C LYS A 9 -6.05 -16.10 -3.44
N THR A 10 -6.82 -15.33 -2.66
CA THR A 10 -6.58 -13.92 -2.42
C THR A 10 -5.15 -13.68 -1.92
N PHE A 11 -4.72 -14.47 -0.94
CA PHE A 11 -3.42 -14.47 -0.27
C PHE A 11 -2.29 -14.71 -1.27
N SER A 12 -2.48 -15.66 -2.20
CA SER A 12 -1.53 -15.90 -3.26
C SER A 12 -1.45 -14.70 -4.21
N ILE A 13 -2.60 -14.15 -4.63
CA ILE A 13 -2.67 -13.09 -5.63
C ILE A 13 -2.04 -11.80 -5.09
N CYS A 14 -2.33 -11.37 -3.85
CA CYS A 14 -1.65 -10.18 -3.31
C CYS A 14 -0.13 -10.34 -3.31
N LYS A 15 0.41 -11.51 -2.92
CA LYS A 15 1.84 -11.76 -2.99
C LYS A 15 2.38 -11.50 -4.40
N GLU A 16 1.70 -11.99 -5.44
CA GLU A 16 2.08 -11.71 -6.83
C GLU A 16 1.90 -10.22 -7.18
N ARG A 17 0.83 -9.56 -6.75
CA ARG A 17 0.62 -8.14 -7.06
C ARG A 17 1.70 -7.27 -6.43
N MET A 18 2.19 -7.61 -5.24
CA MET A 18 3.19 -6.86 -4.49
C MET A 18 4.64 -7.07 -4.96
N ARG A 19 4.87 -7.66 -6.14
CA ARG A 19 6.21 -7.95 -6.66
C ARG A 19 7.00 -6.66 -6.85
N PRO A 20 6.44 -5.64 -7.52
CA PRO A 20 7.15 -4.39 -7.75
C PRO A 20 7.52 -3.59 -6.49
N VAL A 21 6.98 -3.91 -5.33
CA VAL A 21 7.11 -3.09 -4.11
C VAL A 21 7.67 -3.87 -2.91
N LYS A 22 8.23 -5.07 -3.09
CA LYS A 22 8.73 -5.90 -1.99
C LYS A 22 9.72 -5.15 -1.09
N ALA A 23 10.62 -4.34 -1.67
CA ALA A 23 11.53 -3.53 -0.88
C ALA A 23 10.75 -2.57 0.01
N ALA A 24 9.80 -1.84 -0.58
CA ALA A 24 8.98 -0.85 0.12
C ALA A 24 8.21 -1.50 1.26
N LEU A 25 7.62 -2.67 1.02
CA LEU A 25 6.91 -3.44 2.04
C LEU A 25 7.83 -3.74 3.21
N LYS A 26 9.00 -4.34 2.95
CA LYS A 26 9.92 -4.63 4.04
C LYS A 26 10.38 -3.36 4.73
N GLN A 27 10.62 -2.27 3.99
CA GLN A 27 11.02 -0.99 4.57
C GLN A 27 9.96 -0.47 5.55
N LEU A 28 8.67 -0.67 5.25
CA LEU A 28 7.55 -0.26 6.09
C LEU A 28 7.37 -1.16 7.33
N ASP A 29 8.21 -2.17 7.54
CA ASP A 29 8.24 -3.03 8.72
C ASP A 29 9.65 -3.05 9.30
N ARG A 30 10.55 -3.80 8.65
CA ARG A 30 11.92 -4.06 9.08
C ARG A 30 12.84 -3.58 7.96
N PRO A 31 13.18 -2.28 7.91
CA PRO A 31 14.09 -1.74 6.92
C PRO A 31 15.51 -2.24 7.19
N GLU A 32 16.46 -1.90 6.31
CA GLU A 32 17.84 -2.43 6.37
C GLU A 32 18.83 -1.42 6.97
N LYS A 33 18.36 -0.22 7.30
CA LYS A 33 19.03 0.82 8.06
C LYS A 33 20.47 1.06 7.60
N GLY A 34 20.70 1.09 6.29
CA GLY A 34 21.98 1.45 5.70
C GLY A 34 22.00 2.88 5.19
N LEU A 35 20.85 3.58 5.18
CA LEU A 35 20.76 4.94 4.73
C LEU A 35 21.22 5.83 5.88
N SER A 36 21.14 7.11 5.60
CA SER A 36 21.23 8.20 6.54
C SER A 36 19.95 8.29 7.35
N GLU A 37 20.00 9.01 8.46
CA GLU A 37 18.91 9.16 9.40
C GLU A 37 17.80 10.00 8.79
N ARG A 38 18.17 11.15 8.20
CA ARG A 38 17.22 12.01 7.50
C ARG A 38 16.59 11.26 6.34
N GLU A 39 17.31 10.29 5.77
CA GLU A 39 16.83 9.54 4.64
C GLU A 39 15.80 8.51 5.04
N GLN A 40 15.82 7.97 6.27
CA GLN A 40 14.79 7.07 6.77
C GLN A 40 13.40 7.69 6.56
N LEU A 41 13.31 8.98 6.92
CA LEU A 41 12.09 9.77 6.92
C LEU A 41 11.52 9.78 5.50
N GLU A 42 12.30 10.26 4.54
CA GLU A 42 11.86 10.39 3.16
C GLU A 42 11.66 9.02 2.52
N HIS A 43 12.54 8.05 2.82
CA HIS A 43 12.47 6.69 2.28
C HIS A 43 11.11 6.08 2.60
N THR A 44 10.64 6.24 3.84
CA THR A 44 9.33 5.78 4.25
C THR A 44 8.26 6.38 3.32
N ARG A 45 8.26 7.69 3.07
CA ARG A 45 7.25 8.31 2.21
C ARG A 45 7.35 7.75 0.80
N GLN A 46 8.56 7.70 0.23
CA GLN A 46 8.80 7.24 -1.13
C GLN A 46 8.40 5.77 -1.30
N CYS A 47 8.57 4.94 -0.28
CA CYS A 47 8.11 3.56 -0.23
C CYS A 47 6.59 3.51 -0.15
N LEU A 48 6.01 4.27 0.78
CA LEU A 48 4.59 4.23 1.09
C LEU A 48 3.77 4.59 -0.14
N ILE A 49 4.10 5.68 -0.84
CA ILE A 49 3.44 6.01 -2.09
C ILE A 49 3.65 4.93 -3.15
N LYS A 50 4.84 4.32 -3.24
CA LYS A 50 5.08 3.22 -4.17
C LYS A 50 4.07 2.12 -3.94
N ILE A 51 3.83 1.75 -2.68
CA ILE A 51 2.87 0.70 -2.33
C ILE A 51 1.49 1.14 -2.82
N GLY A 52 1.00 2.29 -2.35
CA GLY A 52 -0.35 2.72 -2.64
C GLY A 52 -0.60 2.92 -4.14
N ASP A 53 0.38 3.47 -4.86
CA ASP A 53 0.37 3.64 -6.31
C ASP A 53 0.24 2.27 -6.96
N HIS A 54 1.15 1.32 -6.68
CA HIS A 54 1.18 0.04 -7.36
C HIS A 54 -0.10 -0.75 -7.13
N ILE A 55 -0.68 -0.65 -5.93
CA ILE A 55 -1.98 -1.22 -5.67
C ILE A 55 -2.99 -0.57 -6.61
N THR A 56 -3.06 0.76 -6.63
CA THR A 56 -4.11 1.44 -7.39
C THR A 56 -4.01 1.14 -8.89
N GLU A 57 -2.81 1.02 -9.46
CA GLU A 57 -2.63 0.68 -10.88
C GLU A 57 -3.31 -0.65 -11.22
N CYS A 58 -3.21 -1.63 -10.32
CA CYS A 58 -3.75 -2.96 -10.50
C CYS A 58 -5.26 -3.00 -10.27
N LEU A 59 -5.74 -2.34 -9.21
CA LEU A 59 -7.16 -2.24 -8.91
C LEU A 59 -7.88 -1.48 -10.02
N LYS A 60 -7.21 -0.56 -10.74
CA LYS A 60 -7.75 0.13 -11.91
C LYS A 60 -8.07 -0.81 -13.06
N GLU A 61 -7.53 -2.03 -13.06
CA GLU A 61 -7.81 -2.97 -14.14
C GLU A 61 -9.26 -3.42 -14.05
N TYR A 62 -9.77 -3.68 -12.83
CA TYR A 62 -11.07 -4.30 -12.72
C TYR A 62 -12.17 -3.30 -13.11
N THR A 63 -13.25 -3.79 -13.70
CA THR A 63 -14.41 -3.02 -14.11
C THR A 63 -15.51 -3.08 -13.04
N ASN A 64 -15.72 -4.24 -12.40
CA ASN A 64 -16.84 -4.39 -11.47
C ASN A 64 -16.58 -3.62 -10.18
N PRO A 65 -17.62 -3.02 -9.57
CA PRO A 65 -17.51 -2.33 -8.30
C PRO A 65 -17.17 -3.31 -7.18
N GLU A 66 -17.76 -4.51 -7.16
CA GLU A 66 -17.45 -5.47 -6.12
C GLU A 66 -15.96 -5.83 -6.17
N GLN A 67 -15.37 -6.05 -7.35
CA GLN A 67 -13.97 -6.38 -7.42
C GLN A 67 -13.11 -5.18 -7.06
N ILE A 68 -13.26 -4.04 -7.73
CA ILE A 68 -12.46 -2.86 -7.41
C ILE A 68 -12.55 -2.52 -5.92
N LYS A 69 -13.68 -2.77 -5.24
CA LYS A 69 -13.85 -2.40 -3.83
C LYS A 69 -13.34 -3.48 -2.89
N GLN A 70 -13.67 -4.75 -3.15
CA GLN A 70 -13.22 -5.88 -2.34
C GLN A 70 -11.71 -6.03 -2.46
N TRP A 71 -11.15 -6.02 -3.67
CA TRP A 71 -9.71 -6.02 -3.84
C TRP A 71 -9.09 -4.79 -3.18
N ARG A 72 -9.72 -3.61 -3.28
CA ARG A 72 -9.16 -2.42 -2.64
C ARG A 72 -8.98 -2.64 -1.13
N LYS A 73 -9.95 -3.24 -0.43
CA LYS A 73 -9.78 -3.57 0.99
C LYS A 73 -8.80 -4.74 1.17
N ASN A 74 -8.89 -5.82 0.37
CA ASN A 74 -8.06 -7.00 0.50
C ASN A 74 -6.58 -6.64 0.44
N LEU A 75 -6.19 -5.83 -0.55
CA LEU A 75 -4.81 -5.39 -0.71
C LEU A 75 -4.37 -4.60 0.52
N TRP A 76 -5.20 -3.69 1.02
CA TRP A 76 -4.87 -2.93 2.21
C TRP A 76 -4.68 -3.82 3.45
N ILE A 77 -5.42 -4.92 3.58
CA ILE A 77 -5.22 -5.89 4.64
C ILE A 77 -3.84 -6.55 4.47
N PHE A 78 -3.51 -6.95 3.24
CA PHE A 78 -2.24 -7.59 2.92
C PHE A 78 -1.04 -6.71 3.28
N VAL A 79 -1.10 -5.41 2.98
CA VAL A 79 0.00 -4.50 3.26
C VAL A 79 0.27 -4.49 4.77
N SER A 80 -0.77 -4.34 5.60
CA SER A 80 -0.64 -4.25 7.06
C SER A 80 0.09 -5.42 7.72
N LYS A 81 0.15 -6.59 7.09
CA LYS A 81 0.88 -7.72 7.65
C LYS A 81 2.38 -7.44 7.66
N PHE A 82 2.83 -6.66 6.69
CA PHE A 82 4.19 -6.16 6.49
C PHE A 82 4.35 -4.70 6.94
N THR A 83 3.64 -4.22 7.97
CA THR A 83 3.99 -2.92 8.56
C THR A 83 3.46 -2.84 9.99
N GLU A 84 3.81 -1.77 10.69
CA GLU A 84 3.23 -1.37 11.98
C GLU A 84 1.85 -0.70 11.78
N PHE A 85 1.45 -0.39 10.55
CA PHE A 85 0.29 0.44 10.26
C PHE A 85 -0.90 -0.40 9.84
N ASP A 86 -1.93 -0.42 10.70
CA ASP A 86 -3.22 -1.01 10.35
C ASP A 86 -3.79 -0.27 9.15
N ALA A 87 -4.62 -0.98 8.39
CA ALA A 87 -5.19 -0.54 7.12
C ALA A 87 -5.96 0.78 7.29
N ARG A 88 -6.60 0.94 8.45
CA ARG A 88 -7.34 2.13 8.83
C ARG A 88 -6.44 3.37 8.80
N LYS A 89 -5.19 3.26 9.28
CA LYS A 89 -4.23 4.34 9.18
C LYS A 89 -3.73 4.41 7.74
N LEU A 90 -3.28 3.28 7.19
CA LEU A 90 -2.54 3.21 5.92
C LEU A 90 -3.24 4.02 4.83
N HIS A 91 -4.47 3.68 4.46
CA HIS A 91 -5.03 4.23 3.23
C HIS A 91 -5.17 5.77 3.31
N LYS A 92 -5.41 6.31 4.51
CA LYS A 92 -5.49 7.75 4.71
C LYS A 92 -4.09 8.37 4.61
N LEU A 93 -3.11 7.74 5.29
CA LEU A 93 -1.70 8.07 5.21
C LEU A 93 -1.28 8.17 3.75
N TYR A 94 -1.60 7.17 2.90
CA TYR A 94 -1.29 7.16 1.48
C TYR A 94 -1.94 8.35 0.76
N LYS A 95 -3.27 8.48 0.85
CA LYS A 95 -4.00 9.60 0.21
C LYS A 95 -3.27 10.93 0.46
N HIS A 96 -2.98 11.23 1.72
CA HIS A 96 -2.27 12.46 2.08
C HIS A 96 -0.78 12.43 1.66
N ALA A 97 -0.11 11.28 1.73
CA ALA A 97 1.30 11.13 1.37
C ALA A 97 1.55 11.27 -0.13
N ILE A 98 0.52 11.18 -0.97
CA ILE A 98 0.62 11.61 -2.37
C ILE A 98 0.18 13.08 -2.51
N LYS A 99 -0.89 13.50 -1.83
CA LYS A 99 -1.45 14.85 -2.02
C LYS A 99 -0.41 15.94 -1.74
N LYS A 100 0.38 15.68 -0.71
CA LYS A 100 1.53 16.51 -0.33
C LYS A 100 2.38 16.93 -1.53
N ARG A 101 2.77 15.94 -2.31
CA ARG A 101 3.46 16.10 -3.59
C ARG A 101 2.53 16.84 -4.54
N GLN A 102 1.38 16.24 -4.82
CA GLN A 102 0.39 16.66 -5.81
C GLN A 102 -0.41 17.86 -5.30
N GLU A 103 0.25 18.95 -4.88
CA GLU A 103 -0.37 20.22 -4.54
C GLU A 103 -1.22 20.62 -5.74
N SER A 104 -2.50 20.87 -5.51
CA SER A 104 -3.49 21.08 -6.53
C SER A 104 -4.53 22.04 -5.97
N GLN A 105 -5.24 22.74 -6.85
CA GLN A 105 -6.31 23.65 -6.47
C GLN A 105 -7.65 22.91 -6.51
N GLN A 106 -8.65 23.46 -5.84
CA GLN A 106 -9.99 22.91 -5.69
C GLN A 106 -11.00 24.05 -5.78
N ASN A 107 -12.29 23.73 -5.57
CA ASN A 107 -13.37 24.70 -5.42
C ASN A 107 -13.48 25.59 -6.67
N SER A 108 -14.01 26.81 -6.56
CA SER A 108 -13.61 27.88 -7.46
C SER A 108 -12.24 28.37 -6.99
N GLY A 1 0.46 -22.21 6.85
CA GLY A 1 0.18 -21.96 8.27
C GLY A 1 -1.32 -21.82 8.51
N PRO A 2 -1.74 -21.12 9.58
CA PRO A 2 -3.13 -20.99 9.96
C PRO A 2 -3.94 -20.23 8.90
N LEU A 3 -5.26 -20.32 9.00
CA LEU A 3 -6.27 -19.77 8.10
C LEU A 3 -6.88 -18.53 8.73
N GLY A 4 -8.11 -18.18 8.35
CA GLY A 4 -8.92 -17.17 9.04
C GLY A 4 -8.89 -15.79 8.39
N SER A 5 -7.95 -15.52 7.49
CA SER A 5 -8.01 -14.38 6.60
C SER A 5 -7.27 -14.75 5.32
N LEU A 6 -7.79 -14.27 4.18
CA LEU A 6 -7.22 -14.39 2.84
C LEU A 6 -7.08 -15.85 2.45
N ASP A 7 -8.05 -16.37 1.67
CA ASP A 7 -8.00 -17.74 1.14
C ASP A 7 -6.72 -17.95 0.33
N GLN A 8 -6.41 -19.20 -0.03
CA GLN A 8 -5.16 -19.54 -0.70
C GLN A 8 -5.01 -18.73 -1.99
N LYS A 9 -6.04 -18.67 -2.85
CA LYS A 9 -6.05 -17.83 -4.04
C LYS A 9 -5.75 -16.39 -3.67
N THR A 10 -6.57 -15.81 -2.82
CA THR A 10 -6.49 -14.41 -2.41
C THR A 10 -5.08 -14.04 -1.93
N PHE A 11 -4.55 -14.82 -0.98
CA PHE A 11 -3.23 -14.62 -0.39
C PHE A 11 -2.18 -14.71 -1.51
N SER A 12 -2.29 -15.71 -2.36
CA SER A 12 -1.39 -15.92 -3.50
C SER A 12 -1.46 -14.73 -4.47
N ILE A 13 -2.65 -14.14 -4.69
CA ILE A 13 -2.83 -13.01 -5.60
C ILE A 13 -2.12 -11.78 -5.05
N CYS A 14 -2.31 -11.43 -3.78
CA CYS A 14 -1.53 -10.33 -3.19
C CYS A 14 -0.03 -10.60 -3.13
N LYS A 15 0.37 -11.85 -2.88
CA LYS A 15 1.78 -12.25 -2.97
C LYS A 15 2.35 -11.94 -4.34
N GLU A 16 1.64 -12.30 -5.41
CA GLU A 16 1.97 -11.91 -6.78
C GLU A 16 2.03 -10.39 -6.87
N ARG A 17 0.95 -9.70 -6.49
CA ARG A 17 0.78 -8.29 -6.88
C ARG A 17 1.81 -7.39 -6.20
N MET A 18 2.18 -7.69 -4.96
CA MET A 18 3.23 -6.97 -4.25
C MET A 18 4.62 -7.54 -4.58
N ARG A 19 4.98 -7.65 -5.87
CA ARG A 19 6.29 -8.15 -6.31
C ARG A 19 7.25 -7.03 -6.62
N PRO A 20 6.89 -5.99 -7.40
CA PRO A 20 7.82 -4.89 -7.63
C PRO A 20 8.11 -4.18 -6.32
N VAL A 21 7.06 -3.87 -5.55
CA VAL A 21 7.13 -3.08 -4.33
C VAL A 21 7.54 -3.91 -3.10
N LYS A 22 8.03 -5.15 -3.27
CA LYS A 22 8.30 -6.05 -2.16
C LYS A 22 9.26 -5.45 -1.13
N ALA A 23 10.30 -4.72 -1.56
CA ALA A 23 11.19 -4.04 -0.64
C ALA A 23 10.40 -3.11 0.29
N ALA A 24 9.62 -2.22 -0.31
CA ALA A 24 8.89 -1.17 0.38
C ALA A 24 7.86 -1.79 1.32
N LEU A 25 7.11 -2.78 0.84
CA LEU A 25 6.16 -3.57 1.60
C LEU A 25 6.83 -4.02 2.89
N LYS A 26 7.92 -4.78 2.81
CA LYS A 26 8.55 -5.30 4.01
C LYS A 26 9.26 -4.20 4.80
N GLN A 27 9.73 -3.12 4.18
CA GLN A 27 10.42 -2.07 4.92
C GLN A 27 9.52 -1.33 5.90
N LEU A 28 8.20 -1.26 5.68
CA LEU A 28 7.32 -0.66 6.67
C LEU A 28 7.13 -1.55 7.91
N ASP A 29 7.74 -2.75 7.94
CA ASP A 29 7.95 -3.61 9.10
C ASP A 29 9.42 -3.54 9.52
N ARG A 30 10.36 -3.95 8.65
CA ARG A 30 11.81 -3.91 8.89
C ARG A 30 12.46 -2.84 8.00
N PRO A 31 12.50 -1.56 8.41
CA PRO A 31 13.26 -0.50 7.74
C PRO A 31 14.76 -0.70 8.00
N GLU A 32 15.55 0.32 7.70
CA GLU A 32 16.98 0.40 8.00
C GLU A 32 17.20 1.52 9.03
N LYS A 33 18.36 1.57 9.67
CA LYS A 33 18.80 2.66 10.53
C LYS A 33 20.29 2.98 10.40
N GLY A 34 20.93 2.56 9.32
CA GLY A 34 22.35 2.81 9.03
C GLY A 34 22.57 3.99 8.10
N LEU A 35 21.56 4.85 7.89
CA LEU A 35 21.52 5.85 6.83
C LEU A 35 21.61 7.24 7.47
N SER A 36 20.46 7.78 7.88
CA SER A 36 20.31 9.01 8.62
C SER A 36 18.84 9.14 9.00
N GLU A 37 18.55 10.10 9.87
CA GLU A 37 17.21 10.38 10.33
C GLU A 37 16.43 11.04 9.18
N ARG A 38 17.02 12.05 8.52
CA ARG A 38 16.38 12.72 7.39
C ARG A 38 16.11 11.73 6.27
N GLU A 39 17.10 10.86 6.02
CA GLU A 39 17.08 9.87 4.97
C GLU A 39 15.94 8.90 5.23
N GLN A 40 15.80 8.35 6.43
CA GLN A 40 14.71 7.42 6.72
C GLN A 40 13.35 8.09 6.52
N LEU A 41 13.21 9.36 6.88
CA LEU A 41 11.95 10.09 6.72
C LEU A 41 11.59 10.15 5.24
N GLU A 42 12.50 10.61 4.38
CA GLU A 42 12.35 10.61 2.92
C GLU A 42 12.04 9.19 2.43
N HIS A 43 12.87 8.22 2.80
CA HIS A 43 12.84 6.86 2.28
C HIS A 43 11.48 6.23 2.55
N THR A 44 10.97 6.37 3.77
CA THR A 44 9.68 5.85 4.15
C THR A 44 8.60 6.46 3.27
N ARG A 45 8.61 7.79 3.05
CA ARG A 45 7.58 8.41 2.23
C ARG A 45 7.67 7.88 0.79
N GLN A 46 8.87 7.91 0.20
CA GLN A 46 9.17 7.41 -1.14
C GLN A 46 8.71 5.97 -1.34
N CYS A 47 8.83 5.12 -0.32
CA CYS A 47 8.42 3.74 -0.37
C CYS A 47 6.90 3.64 -0.28
N LEU A 48 6.30 4.24 0.75
CA LEU A 48 4.88 4.15 1.08
C LEU A 48 4.04 4.62 -0.10
N ILE A 49 4.32 5.81 -0.67
CA ILE A 49 3.60 6.28 -1.84
C ILE A 49 3.65 5.26 -2.96
N LYS A 50 4.80 4.62 -3.17
CA LYS A 50 5.00 3.80 -4.33
C LYS A 50 4.29 2.46 -4.19
N ILE A 51 4.15 1.94 -2.96
CA ILE A 51 3.26 0.83 -2.66
C ILE A 51 1.84 1.27 -3.04
N GLY A 52 1.39 2.40 -2.49
CA GLY A 52 0.04 2.89 -2.66
C GLY A 52 -0.30 3.09 -4.13
N ASP A 53 0.60 3.65 -4.92
CA ASP A 53 0.44 3.83 -6.36
C ASP A 53 0.31 2.47 -7.04
N HIS A 54 1.23 1.52 -6.77
CA HIS A 54 1.15 0.19 -7.37
C HIS A 54 -0.14 -0.55 -6.99
N ILE A 55 -0.70 -0.32 -5.80
CA ILE A 55 -2.02 -0.82 -5.41
C ILE A 55 -3.05 -0.18 -6.35
N THR A 56 -3.08 1.15 -6.45
CA THR A 56 -4.06 1.88 -7.27
C THR A 56 -4.06 1.35 -8.70
N GLU A 57 -2.89 1.26 -9.31
CA GLU A 57 -2.68 0.85 -10.69
C GLU A 57 -3.03 -0.63 -10.93
N CYS A 58 -3.09 -1.46 -9.88
CA CYS A 58 -3.56 -2.82 -9.98
C CYS A 58 -5.08 -2.88 -9.85
N LEU A 59 -5.65 -2.12 -8.94
CA LEU A 59 -7.10 -2.07 -8.77
C LEU A 59 -7.77 -1.50 -10.01
N LYS A 60 -7.10 -0.60 -10.75
CA LYS A 60 -7.59 -0.09 -12.05
C LYS A 60 -7.72 -1.17 -13.11
N GLU A 61 -7.13 -2.36 -12.91
CA GLU A 61 -7.29 -3.48 -13.80
C GLU A 61 -8.75 -3.92 -13.80
N TYR A 62 -9.33 -4.07 -12.60
CA TYR A 62 -10.63 -4.69 -12.52
C TYR A 62 -11.67 -3.70 -13.02
N THR A 63 -12.58 -4.19 -13.84
CA THR A 63 -13.78 -3.47 -14.26
C THR A 63 -14.76 -3.46 -13.08
N ASN A 64 -15.09 -4.66 -12.61
CA ASN A 64 -16.33 -4.91 -11.89
C ASN A 64 -16.36 -4.13 -10.57
N PRO A 65 -17.54 -3.63 -10.16
CA PRO A 65 -17.60 -2.68 -9.05
C PRO A 65 -17.32 -3.38 -7.73
N GLU A 66 -17.70 -4.65 -7.62
CA GLU A 66 -17.45 -5.40 -6.41
C GLU A 66 -16.00 -5.85 -6.38
N GLN A 67 -15.40 -6.18 -7.54
CA GLN A 67 -14.01 -6.56 -7.64
C GLN A 67 -13.14 -5.40 -7.17
N ILE A 68 -13.26 -4.23 -7.82
CA ILE A 68 -12.52 -3.06 -7.40
C ILE A 68 -12.80 -2.77 -5.92
N LYS A 69 -14.04 -2.84 -5.44
CA LYS A 69 -14.37 -2.53 -4.04
C LYS A 69 -13.72 -3.51 -3.06
N GLN A 70 -13.73 -4.79 -3.36
CA GLN A 70 -13.24 -5.85 -2.49
C GLN A 70 -11.71 -5.76 -2.46
N TRP A 71 -11.07 -5.81 -3.63
CA TRP A 71 -9.62 -5.68 -3.76
C TRP A 71 -9.11 -4.36 -3.17
N ARG A 72 -9.89 -3.28 -3.28
CA ARG A 72 -9.56 -1.97 -2.69
C ARG A 72 -9.24 -2.08 -1.20
N LYS A 73 -9.76 -3.07 -0.46
CA LYS A 73 -9.31 -3.34 0.91
C LYS A 73 -8.38 -4.53 0.93
N ASN A 74 -8.64 -5.58 0.14
CA ASN A 74 -7.87 -6.83 0.18
C ASN A 74 -6.37 -6.56 0.10
N LEU A 75 -5.95 -5.75 -0.88
CA LEU A 75 -4.55 -5.35 -1.03
C LEU A 75 -4.04 -4.63 0.21
N TRP A 76 -4.74 -3.58 0.68
CA TRP A 76 -4.37 -2.87 1.90
C TRP A 76 -4.23 -3.80 3.11
N ILE A 77 -5.10 -4.81 3.26
CA ILE A 77 -5.10 -5.75 4.38
C ILE A 77 -3.85 -6.62 4.29
N PHE A 78 -3.54 -7.13 3.11
CA PHE A 78 -2.30 -7.88 2.89
C PHE A 78 -1.10 -7.05 3.37
N VAL A 79 -1.03 -5.78 2.97
CA VAL A 79 0.06 -4.89 3.35
C VAL A 79 0.10 -4.71 4.86
N SER A 80 -1.05 -4.66 5.55
CA SER A 80 -1.06 -4.57 7.01
C SER A 80 -0.22 -5.69 7.67
N LYS A 81 -0.15 -6.89 7.10
CA LYS A 81 0.64 -7.99 7.69
C LYS A 81 2.15 -7.76 7.54
N PHE A 82 2.57 -6.67 6.91
CA PHE A 82 3.94 -6.21 6.78
C PHE A 82 4.12 -4.80 7.34
N THR A 83 3.32 -4.35 8.31
CA THR A 83 3.65 -3.12 9.02
C THR A 83 2.94 -3.02 10.37
N GLU A 84 3.37 -2.06 11.18
CA GLU A 84 2.69 -1.52 12.35
C GLU A 84 1.44 -0.71 11.95
N PHE A 85 1.34 -0.27 10.69
CA PHE A 85 0.36 0.71 10.25
C PHE A 85 -0.78 0.02 9.50
N ASP A 86 -1.90 -0.17 10.21
CA ASP A 86 -3.11 -0.79 9.67
C ASP A 86 -3.58 -0.08 8.42
N ALA A 87 -4.42 -0.77 7.65
CA ALA A 87 -5.16 -0.28 6.50
C ALA A 87 -6.00 0.97 6.77
N ARG A 88 -6.23 1.36 8.04
CA ARG A 88 -6.67 2.71 8.38
C ARG A 88 -5.53 3.70 8.19
N LYS A 89 -4.52 3.66 9.08
CA LYS A 89 -3.42 4.61 9.13
C LYS A 89 -2.80 4.72 7.74
N LEU A 90 -2.40 3.58 7.17
CA LEU A 90 -1.65 3.49 5.93
C LEU A 90 -2.40 4.10 4.75
N HIS A 91 -3.69 3.80 4.58
CA HIS A 91 -4.48 4.42 3.52
C HIS A 91 -4.59 5.93 3.71
N LYS A 92 -4.84 6.40 4.94
CA LYS A 92 -4.93 7.83 5.24
C LYS A 92 -3.59 8.51 4.92
N LEU A 93 -2.49 7.98 5.46
CA LEU A 93 -1.13 8.43 5.20
C LEU A 93 -0.90 8.51 3.70
N TYR A 94 -1.27 7.47 2.94
CA TYR A 94 -1.07 7.41 1.51
C TYR A 94 -1.78 8.57 0.81
N LYS A 95 -3.12 8.65 0.89
CA LYS A 95 -3.89 9.66 0.16
C LYS A 95 -3.41 11.07 0.51
N HIS A 96 -3.12 11.32 1.78
CA HIS A 96 -2.62 12.59 2.28
C HIS A 96 -1.26 12.92 1.65
N ALA A 97 -0.36 11.94 1.52
CA ALA A 97 0.95 12.13 0.91
C ALA A 97 0.84 12.52 -0.56
N ILE A 98 0.09 11.74 -1.35
CA ILE A 98 -0.05 12.02 -2.79
C ILE A 98 -0.73 13.37 -2.98
N LYS A 99 -1.84 13.61 -2.27
CA LYS A 99 -2.63 14.82 -2.48
C LYS A 99 -1.85 16.06 -2.07
N LYS A 100 -1.13 16.03 -0.95
CA LYS A 100 -0.34 17.18 -0.50
C LYS A 100 0.81 17.46 -1.45
N ARG A 101 1.52 16.43 -1.94
CA ARG A 101 2.55 16.65 -2.96
C ARG A 101 1.92 17.29 -4.18
N GLN A 102 0.70 16.88 -4.52
CA GLN A 102 -0.07 17.42 -5.62
C GLN A 102 0.65 17.10 -6.95
N GLU A 103 0.18 17.64 -8.07
CA GLU A 103 0.67 17.25 -9.40
C GLU A 103 0.64 18.40 -10.41
N SER A 104 0.44 19.64 -9.96
CA SER A 104 0.65 20.85 -10.77
C SER A 104 2.13 21.19 -10.78
N GLN A 105 2.51 22.23 -11.53
CA GLN A 105 3.75 22.95 -11.29
C GLN A 105 3.53 23.85 -10.08
N GLN A 106 4.50 23.86 -9.17
CA GLN A 106 4.69 24.94 -8.21
C GLN A 106 4.92 26.26 -8.96
N ASN A 107 4.96 27.38 -8.24
CA ASN A 107 5.25 28.67 -8.86
C ASN A 107 6.69 28.65 -9.41
N SER A 108 7.01 29.57 -10.33
CA SER A 108 8.31 29.66 -11.02
C SER A 108 9.47 29.61 -10.03
N GLY A 1 -2.67 -19.21 11.41
CA GLY A 1 -3.13 -19.89 10.19
C GLY A 1 -3.90 -18.92 9.30
N PRO A 2 -4.78 -19.43 8.41
CA PRO A 2 -5.57 -18.65 7.48
C PRO A 2 -6.72 -17.94 8.23
N LEU A 3 -6.36 -16.94 9.03
CA LEU A 3 -7.27 -16.05 9.74
C LEU A 3 -8.11 -15.30 8.73
N GLY A 4 -9.39 -15.11 9.05
CA GLY A 4 -10.41 -14.51 8.20
C GLY A 4 -9.99 -13.16 7.66
N SER A 5 -9.38 -13.14 6.48
CA SER A 5 -8.88 -11.93 5.85
C SER A 5 -8.78 -12.17 4.35
N LEU A 6 -7.82 -12.98 3.93
CA LEU A 6 -7.51 -13.24 2.52
C LEU A 6 -7.56 -14.75 2.35
N ASP A 7 -8.43 -15.22 1.45
CA ASP A 7 -8.50 -16.64 1.08
C ASP A 7 -7.19 -17.08 0.45
N GLN A 8 -6.99 -18.38 0.28
CA GLN A 8 -5.74 -18.93 -0.25
C GLN A 8 -5.44 -18.32 -1.62
N LYS A 9 -6.40 -18.45 -2.56
CA LYS A 9 -6.32 -17.83 -3.89
C LYS A 9 -5.93 -16.36 -3.75
N THR A 10 -6.76 -15.60 -3.06
CA THR A 10 -6.61 -14.17 -2.92
C THR A 10 -5.25 -13.79 -2.29
N PHE A 11 -4.76 -14.54 -1.30
CA PHE A 11 -3.49 -14.33 -0.61
C PHE A 11 -2.31 -14.58 -1.54
N SER A 12 -2.36 -15.67 -2.30
CA SER A 12 -1.36 -16.00 -3.31
C SER A 12 -1.33 -14.92 -4.39
N ILE A 13 -2.51 -14.50 -4.89
CA ILE A 13 -2.65 -13.47 -5.91
C ILE A 13 -2.12 -12.13 -5.38
N CYS A 14 -2.31 -11.79 -4.10
CA CYS A 14 -1.74 -10.56 -3.54
C CYS A 14 -0.20 -10.56 -3.62
N LYS A 15 0.47 -11.69 -3.40
CA LYS A 15 1.91 -11.77 -3.65
C LYS A 15 2.24 -11.57 -5.13
N GLU A 16 1.46 -12.15 -6.04
CA GLU A 16 1.70 -12.05 -7.47
C GLU A 16 1.49 -10.62 -7.98
N ARG A 17 0.51 -9.89 -7.43
CA ARG A 17 0.40 -8.45 -7.61
C ARG A 17 1.66 -7.78 -7.07
N MET A 18 1.89 -7.91 -5.76
CA MET A 18 2.90 -7.16 -5.04
C MET A 18 4.26 -7.83 -5.19
N ARG A 19 4.77 -7.93 -6.42
CA ARG A 19 6.14 -8.34 -6.70
C ARG A 19 7.05 -7.11 -6.70
N PRO A 20 6.81 -6.08 -7.55
CA PRO A 20 7.75 -4.96 -7.71
C PRO A 20 7.96 -4.09 -6.46
N VAL A 21 7.10 -4.20 -5.44
CA VAL A 21 7.21 -3.43 -4.19
C VAL A 21 7.63 -4.32 -3.00
N LYS A 22 8.14 -5.54 -3.22
CA LYS A 22 8.55 -6.44 -2.15
C LYS A 22 9.49 -5.77 -1.15
N ALA A 23 10.50 -5.04 -1.63
CA ALA A 23 11.38 -4.28 -0.74
C ALA A 23 10.59 -3.31 0.11
N ALA A 24 9.69 -2.51 -0.47
CA ALA A 24 8.95 -1.51 0.28
C ALA A 24 8.11 -2.16 1.37
N LEU A 25 7.50 -3.32 1.11
CA LEU A 25 6.77 -4.08 2.11
C LEU A 25 7.72 -4.50 3.26
N LYS A 26 8.91 -5.02 2.94
CA LYS A 26 9.90 -5.33 3.97
C LYS A 26 10.26 -4.09 4.77
N GLN A 27 10.48 -2.95 4.12
CA GLN A 27 10.84 -1.70 4.78
C GLN A 27 9.71 -1.21 5.70
N LEU A 28 8.45 -1.55 5.42
CA LEU A 28 7.32 -1.14 6.23
C LEU A 28 7.12 -2.02 7.46
N ASP A 29 7.60 -3.26 7.43
CA ASP A 29 7.77 -4.08 8.63
C ASP A 29 8.98 -3.55 9.41
N ARG A 30 10.15 -3.49 8.77
CA ARG A 30 11.44 -3.27 9.41
C ARG A 30 12.25 -2.26 8.61
N PRO A 31 12.08 -0.95 8.84
CA PRO A 31 12.91 0.06 8.22
C PRO A 31 14.34 -0.03 8.75
N GLU A 32 15.30 0.59 8.07
CA GLU A 32 16.65 0.86 8.60
C GLU A 32 16.63 2.26 9.23
N LYS A 33 17.80 2.85 9.53
CA LYS A 33 17.88 4.23 10.05
C LYS A 33 19.12 5.00 9.60
N GLY A 34 20.01 4.34 8.87
CA GLY A 34 21.40 4.76 8.65
C GLY A 34 21.58 5.83 7.60
N LEU A 35 20.62 6.73 7.44
CA LEU A 35 20.64 7.83 6.50
C LEU A 35 20.49 9.11 7.32
N SER A 36 20.31 10.24 6.66
CA SER A 36 20.14 11.50 7.34
C SER A 36 18.85 11.49 8.15
N GLU A 37 18.75 12.44 9.06
CA GLU A 37 17.59 12.62 9.91
C GLU A 37 16.39 12.94 9.03
N ARG A 38 16.59 13.84 8.06
CA ARG A 38 15.58 14.23 7.10
C ARG A 38 15.29 13.13 6.07
N GLU A 39 16.27 12.27 5.78
CA GLU A 39 16.17 11.35 4.66
C GLU A 39 15.36 10.13 5.02
N GLN A 40 15.38 9.71 6.29
CA GLN A 40 14.51 8.65 6.78
C GLN A 40 13.03 9.01 6.59
N LEU A 41 12.70 10.27 6.88
CA LEU A 41 11.36 10.82 6.74
C LEU A 41 10.93 10.64 5.27
N GLU A 42 11.80 11.05 4.34
CA GLU A 42 11.55 10.99 2.92
C GLU A 42 11.41 9.52 2.46
N HIS A 43 12.28 8.64 2.97
CA HIS A 43 12.34 7.22 2.61
C HIS A 43 11.00 6.57 2.89
N THR A 44 10.49 6.82 4.10
CA THR A 44 9.21 6.31 4.57
C THR A 44 8.13 6.71 3.55
N ARG A 45 8.07 8.01 3.18
CA ARG A 45 7.04 8.49 2.29
C ARG A 45 7.17 7.86 0.91
N GLN A 46 8.36 7.85 0.33
CA GLN A 46 8.61 7.21 -0.95
C GLN A 46 8.17 5.74 -0.95
N CYS A 47 8.53 4.96 0.07
CA CYS A 47 8.02 3.60 0.25
C CYS A 47 6.49 3.59 0.26
N LEU A 48 5.87 4.44 1.10
CA LEU A 48 4.43 4.54 1.24
C LEU A 48 3.76 4.76 -0.13
N ILE A 49 4.18 5.79 -0.86
CA ILE A 49 3.57 6.13 -2.13
C ILE A 49 3.80 5.06 -3.19
N LYS A 50 4.93 4.36 -3.19
CA LYS A 50 5.17 3.32 -4.18
C LYS A 50 4.24 2.14 -3.94
N ILE A 51 4.07 1.71 -2.68
CA ILE A 51 3.12 0.66 -2.35
C ILE A 51 1.74 1.08 -2.80
N GLY A 52 1.30 2.29 -2.43
CA GLY A 52 -0.08 2.73 -2.66
C GLY A 52 -0.38 2.91 -4.13
N ASP A 53 0.61 3.35 -4.91
CA ASP A 53 0.57 3.41 -6.36
C ASP A 53 0.37 2.01 -6.92
N HIS A 54 1.26 1.07 -6.60
CA HIS A 54 1.18 -0.28 -7.15
C HIS A 54 -0.09 -1.02 -6.72
N ILE A 55 -0.70 -0.68 -5.59
CA ILE A 55 -2.05 -1.10 -5.23
C ILE A 55 -3.03 -0.50 -6.24
N THR A 56 -3.14 0.83 -6.28
CA THR A 56 -4.16 1.55 -7.04
C THR A 56 -4.11 1.16 -8.52
N GLU A 57 -2.92 1.03 -9.11
CA GLU A 57 -2.76 0.65 -10.49
C GLU A 57 -3.30 -0.75 -10.75
N CYS A 58 -3.10 -1.67 -9.80
CA CYS A 58 -3.61 -3.02 -9.89
C CYS A 58 -5.13 -3.11 -9.76
N LEU A 59 -5.76 -2.22 -8.98
CA LEU A 59 -7.21 -2.20 -8.79
C LEU A 59 -7.92 -1.44 -9.91
N LYS A 60 -7.37 -0.36 -10.51
CA LYS A 60 -8.12 0.40 -11.53
C LYS A 60 -8.54 -0.50 -12.69
N GLU A 61 -7.71 -1.52 -12.91
CA GLU A 61 -7.73 -2.43 -14.03
C GLU A 61 -9.01 -3.23 -14.06
N TYR A 62 -9.59 -3.51 -12.89
CA TYR A 62 -10.84 -4.25 -12.88
C TYR A 62 -12.01 -3.38 -13.29
N THR A 63 -12.92 -3.98 -14.04
CA THR A 63 -14.20 -3.42 -14.37
C THR A 63 -15.17 -3.65 -13.21
N ASN A 64 -15.36 -4.90 -12.78
CA ASN A 64 -16.46 -5.26 -11.87
C ASN A 64 -16.42 -4.46 -10.57
N PRO A 65 -17.59 -4.10 -10.02
CA PRO A 65 -17.67 -3.30 -8.80
C PRO A 65 -17.19 -4.10 -7.59
N GLU A 66 -17.58 -5.37 -7.49
CA GLU A 66 -17.15 -6.24 -6.44
C GLU A 66 -15.61 -6.29 -6.41
N GLN A 67 -14.97 -6.50 -7.56
CA GLN A 67 -13.53 -6.56 -7.70
C GLN A 67 -12.89 -5.24 -7.27
N ILE A 68 -13.26 -4.09 -7.85
CA ILE A 68 -12.60 -2.82 -7.52
C ILE A 68 -12.82 -2.42 -6.05
N LYS A 69 -13.87 -2.92 -5.37
CA LYS A 69 -14.05 -2.72 -3.94
C LYS A 69 -13.20 -3.72 -3.16
N GLN A 70 -13.43 -5.02 -3.39
CA GLN A 70 -12.88 -6.15 -2.66
C GLN A 70 -11.37 -6.11 -2.73
N TRP A 71 -10.79 -6.08 -3.95
CA TRP A 71 -9.35 -6.12 -4.11
C TRP A 71 -8.70 -4.90 -3.48
N ARG A 72 -9.38 -3.74 -3.48
CA ARG A 72 -8.82 -2.53 -2.88
C ARG A 72 -8.55 -2.81 -1.40
N LYS A 73 -9.55 -3.32 -0.67
CA LYS A 73 -9.35 -3.73 0.72
C LYS A 73 -8.35 -4.87 0.80
N ASN A 74 -8.46 -5.92 -0.02
CA ASN A 74 -7.60 -7.10 0.06
C ASN A 74 -6.14 -6.70 0.03
N LEU A 75 -5.72 -5.88 -0.94
CA LEU A 75 -4.36 -5.38 -1.06
C LEU A 75 -3.95 -4.63 0.21
N TRP A 76 -4.75 -3.66 0.64
CA TRP A 76 -4.43 -2.89 1.83
C TRP A 76 -4.32 -3.78 3.09
N ILE A 77 -5.10 -4.86 3.19
CA ILE A 77 -5.02 -5.86 4.27
C ILE A 77 -3.74 -6.68 4.11
N PHE A 78 -3.41 -7.09 2.90
CA PHE A 78 -2.19 -7.82 2.58
C PHE A 78 -0.97 -7.03 3.08
N VAL A 79 -0.92 -5.74 2.78
CA VAL A 79 0.16 -4.85 3.23
C VAL A 79 0.15 -4.73 4.74
N SER A 80 -1.03 -4.60 5.37
CA SER A 80 -1.22 -4.55 6.82
C SER A 80 -0.40 -5.63 7.54
N LYS A 81 -0.37 -6.85 7.00
CA LYS A 81 0.31 -7.99 7.65
C LYS A 81 1.82 -7.85 7.56
N PHE A 82 2.35 -7.25 6.50
CA PHE A 82 3.74 -6.80 6.37
C PHE A 82 4.04 -5.48 7.09
N THR A 83 3.25 -5.01 8.06
CA THR A 83 3.63 -3.80 8.79
C THR A 83 2.99 -3.77 10.19
N GLU A 84 3.23 -2.67 10.89
CA GLU A 84 2.68 -2.23 12.16
C GLU A 84 1.55 -1.20 11.94
N PHE A 85 1.27 -0.84 10.68
CA PHE A 85 0.26 0.12 10.26
C PHE A 85 -0.95 -0.62 9.74
N ASP A 86 -2.07 -0.56 10.47
CA ASP A 86 -3.32 -1.15 10.02
C ASP A 86 -3.67 -0.61 8.64
N ALA A 87 -4.47 -1.39 7.91
CA ALA A 87 -5.17 -1.01 6.68
C ALA A 87 -6.06 0.23 6.88
N ARG A 88 -6.35 0.56 8.14
CA ARG A 88 -6.96 1.77 8.65
C ARG A 88 -6.05 2.96 8.36
N LYS A 89 -4.87 3.02 9.00
CA LYS A 89 -3.97 4.17 8.91
C LYS A 89 -3.11 4.14 7.64
N LEU A 90 -2.86 2.98 7.04
CA LEU A 90 -2.15 2.83 5.77
C LEU A 90 -2.75 3.77 4.72
N HIS A 91 -4.07 3.71 4.52
CA HIS A 91 -4.69 4.50 3.46
C HIS A 91 -4.50 6.00 3.75
N LYS A 92 -4.56 6.43 5.02
CA LYS A 92 -4.47 7.86 5.32
C LYS A 92 -3.04 8.36 5.20
N LEU A 93 -2.03 7.52 5.44
CA LEU A 93 -0.63 7.85 5.17
C LEU A 93 -0.48 8.17 3.69
N TYR A 94 -0.98 7.29 2.84
CA TYR A 94 -0.97 7.43 1.38
C TYR A 94 -1.73 8.70 1.00
N LYS A 95 -3.03 8.76 1.28
CA LYS A 95 -3.91 9.86 0.93
C LYS A 95 -3.34 11.20 1.37
N HIS A 96 -2.71 11.29 2.54
CA HIS A 96 -2.02 12.49 3.00
C HIS A 96 -0.87 12.84 2.07
N ALA A 97 0.09 11.93 1.89
CA ALA A 97 1.27 12.19 1.06
C ALA A 97 0.84 12.65 -0.33
N ILE A 98 -0.04 11.87 -0.94
CA ILE A 98 -0.68 12.07 -2.23
C ILE A 98 -1.36 13.44 -2.28
N LYS A 99 -2.37 13.68 -1.45
CA LYS A 99 -3.21 14.87 -1.54
C LYS A 99 -2.42 16.15 -1.23
N LYS A 100 -1.32 16.06 -0.47
CA LYS A 100 -0.47 17.21 -0.19
C LYS A 100 0.55 17.44 -1.31
N ARG A 101 1.02 16.40 -2.00
CA ARG A 101 1.92 16.57 -3.14
C ARG A 101 1.14 17.03 -4.37
N GLN A 102 -0.07 16.48 -4.53
CA GLN A 102 -0.80 16.16 -5.77
C GLN A 102 0.09 15.48 -6.81
N GLU A 103 -0.49 14.86 -7.83
CA GLU A 103 0.25 14.46 -9.03
C GLU A 103 -0.30 15.14 -10.29
N SER A 104 -1.35 15.95 -10.12
CA SER A 104 -2.16 16.50 -11.19
C SER A 104 -2.00 18.01 -11.23
N GLN A 105 -1.51 18.53 -12.36
CA GLN A 105 -1.34 19.95 -12.60
C GLN A 105 -2.69 20.66 -12.50
N GLN A 106 -2.66 21.96 -12.21
CA GLN A 106 -3.85 22.75 -11.91
C GLN A 106 -3.67 24.15 -12.49
N ASN A 107 -4.79 24.74 -12.89
CA ASN A 107 -4.87 25.80 -13.89
C ASN A 107 -4.10 25.39 -15.17
N SER A 108 -3.83 26.31 -16.10
CA SER A 108 -2.74 26.15 -17.05
C SER A 108 -1.54 26.88 -16.46
N GLY A 1 -15.13 -4.55 8.35
CA GLY A 1 -15.09 -5.90 8.87
C GLY A 1 -13.76 -6.57 8.56
N PRO A 2 -12.72 -6.39 9.40
CA PRO A 2 -11.50 -7.17 9.29
C PRO A 2 -11.87 -8.64 9.44
N LEU A 3 -11.47 -9.49 8.49
CA LEU A 3 -11.99 -10.84 8.34
C LEU A 3 -11.10 -11.86 9.05
N GLY A 4 -9.77 -11.68 8.98
CA GLY A 4 -8.78 -12.60 9.50
C GLY A 4 -7.43 -12.30 8.87
N SER A 5 -6.81 -13.28 8.20
CA SER A 5 -5.47 -13.20 7.62
C SER A 5 -5.50 -13.33 6.08
N LEU A 6 -6.67 -13.10 5.46
CA LEU A 6 -7.01 -13.28 4.05
C LEU A 6 -7.17 -14.77 3.73
N ASP A 7 -7.98 -15.06 2.70
CA ASP A 7 -8.20 -16.41 2.21
C ASP A 7 -6.95 -16.85 1.46
N GLN A 8 -6.70 -18.17 1.40
CA GLN A 8 -5.53 -18.75 0.74
C GLN A 8 -5.32 -18.23 -0.68
N LYS A 9 -6.36 -18.20 -1.52
CA LYS A 9 -6.26 -17.70 -2.88
C LYS A 9 -5.95 -16.21 -2.86
N THR A 10 -6.76 -15.42 -2.14
CA THR A 10 -6.62 -13.97 -2.06
C THR A 10 -5.21 -13.57 -1.64
N PHE A 11 -4.68 -14.23 -0.60
CA PHE A 11 -3.35 -14.05 -0.05
C PHE A 11 -2.29 -14.28 -1.14
N SER A 12 -2.34 -15.44 -1.80
CA SER A 12 -1.39 -15.84 -2.83
C SER A 12 -1.41 -14.89 -4.03
N ILE A 13 -2.59 -14.40 -4.43
CA ILE A 13 -2.77 -13.43 -5.50
C ILE A 13 -2.10 -12.11 -5.11
N CYS A 14 -2.33 -11.61 -3.88
CA CYS A 14 -1.69 -10.39 -3.41
C CYS A 14 -0.16 -10.51 -3.49
N LYS A 15 0.38 -11.68 -3.13
CA LYS A 15 1.83 -11.92 -3.14
C LYS A 15 2.44 -11.76 -4.53
N GLU A 16 1.72 -12.09 -5.60
CA GLU A 16 2.16 -11.81 -6.96
C GLU A 16 1.85 -10.37 -7.38
N ARG A 17 0.74 -9.78 -6.93
CA ARG A 17 0.44 -8.38 -7.25
C ARG A 17 1.57 -7.48 -6.73
N MET A 18 2.09 -7.79 -5.54
CA MET A 18 3.21 -7.11 -4.89
C MET A 18 4.56 -7.59 -5.46
N ARG A 19 4.71 -7.59 -6.78
CA ARG A 19 5.98 -7.81 -7.46
C ARG A 19 6.73 -6.49 -7.70
N PRO A 20 6.12 -5.46 -8.34
CA PRO A 20 6.82 -4.21 -8.61
C PRO A 20 7.39 -3.58 -7.33
N VAL A 21 6.57 -3.47 -6.29
CA VAL A 21 6.87 -2.73 -5.06
C VAL A 21 7.40 -3.65 -3.94
N LYS A 22 7.89 -4.85 -4.25
CA LYS A 22 8.21 -5.87 -3.24
C LYS A 22 9.23 -5.38 -2.20
N ALA A 23 10.27 -4.67 -2.63
CA ALA A 23 11.19 -4.04 -1.67
C ALA A 23 10.41 -3.10 -0.78
N ALA A 24 9.64 -2.16 -1.34
CA ALA A 24 8.91 -1.16 -0.57
C ALA A 24 7.98 -1.81 0.45
N LEU A 25 7.30 -2.91 0.09
CA LEU A 25 6.54 -3.73 1.02
C LEU A 25 7.42 -4.12 2.20
N LYS A 26 8.54 -4.81 1.94
CA LYS A 26 9.36 -5.32 3.04
C LYS A 26 10.03 -4.20 3.84
N GLN A 27 10.38 -3.09 3.20
CA GLN A 27 11.02 -1.92 3.80
C GLN A 27 10.12 -1.22 4.82
N LEU A 28 8.81 -1.49 4.77
CA LEU A 28 7.81 -0.94 5.66
C LEU A 28 7.43 -1.93 6.77
N ASP A 29 8.02 -3.13 6.80
CA ASP A 29 8.05 -3.94 8.01
C ASP A 29 9.00 -3.24 8.99
N ARG A 30 10.29 -3.25 8.69
CA ARG A 30 11.33 -2.55 9.44
C ARG A 30 12.45 -2.13 8.47
N PRO A 31 13.28 -1.14 8.85
CA PRO A 31 14.38 -0.64 8.03
C PRO A 31 15.41 -1.70 7.63
N GLU A 32 16.25 -1.37 6.64
CA GLU A 32 17.36 -2.20 6.19
C GLU A 32 18.73 -1.66 6.61
N LYS A 33 18.78 -0.52 7.31
CA LYS A 33 19.99 0.12 7.83
C LYS A 33 20.99 0.53 6.73
N GLY A 34 20.60 0.51 5.46
CA GLY A 34 21.49 0.69 4.32
C GLY A 34 21.67 2.15 3.89
N LEU A 35 21.14 3.14 4.63
CA LEU A 35 21.15 4.54 4.23
C LEU A 35 21.60 5.41 5.40
N SER A 36 21.57 6.72 5.19
CA SER A 36 21.61 7.71 6.23
C SER A 36 20.23 7.78 6.91
N GLU A 37 20.18 8.25 8.16
CA GLU A 37 18.99 8.18 9.00
C GLU A 37 17.86 9.02 8.43
N ARG A 38 18.16 10.28 8.09
CA ARG A 38 17.17 11.19 7.53
C ARG A 38 16.74 10.70 6.15
N GLU A 39 17.54 9.87 5.49
CA GLU A 39 17.19 9.26 4.21
C GLU A 39 16.29 8.05 4.43
N GLN A 40 16.46 7.30 5.52
CA GLN A 40 15.48 6.28 5.89
C GLN A 40 14.11 6.95 6.03
N LEU A 41 14.10 8.09 6.72
CA LEU A 41 12.91 8.91 6.94
C LEU A 41 12.27 9.34 5.62
N GLU A 42 13.06 9.51 4.56
CA GLU A 42 12.57 9.87 3.24
C GLU A 42 12.05 8.62 2.53
N HIS A 43 12.83 7.55 2.59
CA HIS A 43 12.59 6.28 1.95
C HIS A 43 11.23 5.74 2.36
N THR A 44 10.81 5.92 3.62
CA THR A 44 9.51 5.46 4.08
C THR A 44 8.41 6.16 3.28
N ARG A 45 8.46 7.48 3.10
CA ARG A 45 7.40 8.19 2.37
C ARG A 45 7.41 7.77 0.90
N GLN A 46 8.59 7.71 0.27
CA GLN A 46 8.69 7.36 -1.14
C GLN A 46 8.16 5.94 -1.37
N CYS A 47 8.56 4.97 -0.52
CA CYS A 47 8.02 3.64 -0.51
C CYS A 47 6.50 3.69 -0.39
N LEU A 48 5.98 4.33 0.67
CA LEU A 48 4.56 4.41 1.00
C LEU A 48 3.73 4.93 -0.19
N ILE A 49 4.10 6.04 -0.82
CA ILE A 49 3.39 6.55 -1.98
C ILE A 49 3.52 5.62 -3.19
N LYS A 50 4.68 5.00 -3.41
CA LYS A 50 4.87 4.11 -4.57
C LYS A 50 4.05 2.84 -4.40
N ILE A 51 3.90 2.32 -3.18
CA ILE A 51 2.99 1.22 -2.85
C ILE A 51 1.58 1.64 -3.21
N GLY A 52 1.10 2.73 -2.61
CA GLY A 52 -0.32 3.05 -2.69
C GLY A 52 -0.76 3.30 -4.13
N ASP A 53 0.12 3.88 -4.96
CA ASP A 53 -0.19 4.09 -6.37
C ASP A 53 -0.09 2.82 -7.20
N HIS A 54 0.96 2.00 -7.01
CA HIS A 54 1.04 0.73 -7.74
C HIS A 54 -0.14 -0.16 -7.40
N ILE A 55 -0.65 -0.10 -6.17
CA ILE A 55 -1.86 -0.79 -5.82
C ILE A 55 -3.00 -0.14 -6.59
N THR A 56 -3.17 1.18 -6.53
CA THR A 56 -4.24 1.87 -7.24
C THR A 56 -4.32 1.39 -8.70
N GLU A 57 -3.20 1.42 -9.42
CA GLU A 57 -3.04 1.12 -10.83
C GLU A 57 -3.24 -0.37 -11.16
N CYS A 58 -3.02 -1.25 -10.18
CA CYS A 58 -3.30 -2.68 -10.29
C CYS A 58 -4.77 -2.96 -9.99
N LEU A 59 -5.33 -2.28 -9.00
CA LEU A 59 -6.76 -2.31 -8.70
C LEU A 59 -7.49 -1.85 -9.96
N LYS A 60 -7.09 -0.76 -10.64
CA LYS A 60 -7.75 -0.30 -11.87
C LYS A 60 -7.91 -1.42 -12.89
N GLU A 61 -6.95 -2.34 -12.91
CA GLU A 61 -6.87 -3.42 -13.89
C GLU A 61 -8.13 -4.27 -13.88
N TYR A 62 -8.74 -4.45 -12.70
CA TYR A 62 -9.88 -5.35 -12.58
C TYR A 62 -11.07 -4.89 -13.38
N THR A 63 -11.23 -3.57 -13.55
CA THR A 63 -12.32 -2.85 -14.20
C THR A 63 -13.75 -3.30 -13.80
N ASN A 64 -13.93 -4.26 -12.88
CA ASN A 64 -15.20 -4.59 -12.26
C ASN A 64 -15.30 -3.78 -10.97
N PRO A 65 -16.49 -3.27 -10.62
CA PRO A 65 -16.63 -2.43 -9.45
C PRO A 65 -16.47 -3.26 -8.19
N GLU A 66 -17.01 -4.47 -8.14
CA GLU A 66 -16.89 -5.28 -6.93
C GLU A 66 -15.44 -5.72 -6.75
N GLN A 67 -14.67 -5.99 -7.83
CA GLN A 67 -13.29 -6.35 -7.68
C GLN A 67 -12.51 -5.15 -7.20
N ILE A 68 -12.55 -4.00 -7.90
CA ILE A 68 -11.77 -2.85 -7.48
C ILE A 68 -12.14 -2.46 -6.02
N LYS A 69 -13.42 -2.61 -5.63
CA LYS A 69 -13.89 -2.38 -4.27
C LYS A 69 -13.26 -3.33 -3.27
N GLN A 70 -13.37 -4.64 -3.50
CA GLN A 70 -12.98 -5.67 -2.54
C GLN A 70 -11.46 -5.75 -2.48
N TRP A 71 -10.80 -5.85 -3.64
CA TRP A 71 -9.36 -5.93 -3.75
C TRP A 71 -8.71 -4.70 -3.13
N ARG A 72 -9.34 -3.51 -3.19
CA ARG A 72 -8.84 -2.31 -2.50
C ARG A 72 -8.52 -2.63 -1.04
N LYS A 73 -9.48 -3.20 -0.31
CA LYS A 73 -9.29 -3.57 1.08
C LYS A 73 -8.28 -4.69 1.20
N ASN A 74 -8.41 -5.76 0.40
CA ASN A 74 -7.56 -6.93 0.57
C ASN A 74 -6.08 -6.57 0.44
N LEU A 75 -5.71 -5.70 -0.51
CA LEU A 75 -4.32 -5.23 -0.63
C LEU A 75 -3.90 -4.38 0.57
N TRP A 76 -4.78 -3.51 1.09
CA TRP A 76 -4.49 -2.75 2.30
C TRP A 76 -4.25 -3.66 3.50
N ILE A 77 -5.08 -4.70 3.68
CA ILE A 77 -4.91 -5.71 4.71
C ILE A 77 -3.54 -6.37 4.52
N PHE A 78 -3.25 -6.84 3.29
CA PHE A 78 -2.05 -7.55 2.92
C PHE A 78 -0.79 -6.79 3.38
N VAL A 79 -0.69 -5.50 3.03
CA VAL A 79 0.49 -4.73 3.42
C VAL A 79 0.53 -4.56 4.94
N SER A 80 -0.62 -4.32 5.59
CA SER A 80 -0.73 -4.19 7.06
C SER A 80 -0.45 -5.50 7.84
N LYS A 81 0.14 -6.54 7.23
CA LYS A 81 0.80 -7.60 7.97
C LYS A 81 2.31 -7.45 7.94
N PHE A 82 2.90 -7.01 6.83
CA PHE A 82 4.32 -6.64 6.84
C PHE A 82 4.50 -5.45 7.78
N THR A 83 3.78 -4.36 7.56
CA THR A 83 3.90 -3.18 8.41
C THR A 83 3.02 -3.33 9.66
N GLU A 84 3.23 -2.44 10.62
CA GLU A 84 2.53 -2.42 11.89
C GLU A 84 1.22 -1.61 11.81
N PHE A 85 1.15 -0.65 10.89
CA PHE A 85 -0.02 0.22 10.72
C PHE A 85 -1.19 -0.55 10.14
N ASP A 86 -2.34 -0.53 10.83
CA ASP A 86 -3.56 -1.16 10.36
C ASP A 86 -4.01 -0.55 9.03
N ALA A 87 -4.74 -1.34 8.28
CA ALA A 87 -5.25 -1.04 6.95
C ALA A 87 -5.92 0.33 6.86
N ARG A 88 -6.68 0.76 7.89
CA ARG A 88 -7.29 2.09 7.87
C ARG A 88 -6.23 3.17 8.03
N LYS A 89 -5.32 3.02 9.00
CA LYS A 89 -4.25 3.98 9.26
C LYS A 89 -3.36 4.08 8.04
N LEU A 90 -3.01 2.97 7.40
CA LEU A 90 -2.19 2.92 6.20
C LEU A 90 -2.87 3.67 5.05
N HIS A 91 -4.12 3.31 4.73
CA HIS A 91 -4.84 3.98 3.64
C HIS A 91 -4.92 5.49 3.85
N LYS A 92 -5.28 5.95 5.06
CA LYS A 92 -5.38 7.38 5.31
C LYS A 92 -4.01 8.05 5.29
N LEU A 93 -2.97 7.38 5.81
CA LEU A 93 -1.59 7.84 5.75
C LEU A 93 -1.19 8.06 4.30
N TYR A 94 -1.41 7.08 3.43
CA TYR A 94 -1.16 7.20 2.00
C TYR A 94 -1.90 8.40 1.42
N LYS A 95 -3.22 8.45 1.60
CA LYS A 95 -4.04 9.48 0.97
C LYS A 95 -3.59 10.87 1.40
N HIS A 96 -3.24 11.07 2.68
CA HIS A 96 -2.65 12.34 3.14
C HIS A 96 -1.24 12.54 2.58
N ALA A 97 -0.37 11.53 2.62
CA ALA A 97 1.01 11.62 2.14
C ALA A 97 1.11 11.97 0.65
N ILE A 98 0.06 11.71 -0.15
CA ILE A 98 -0.01 12.16 -1.53
C ILE A 98 -0.67 13.55 -1.64
N LYS A 99 -1.78 13.79 -0.91
CA LYS A 99 -2.47 15.09 -0.92
C LYS A 99 -1.61 16.23 -0.37
N LYS A 100 -0.71 15.98 0.58
CA LYS A 100 0.18 17.00 1.15
C LYS A 100 1.07 17.59 0.06
N ARG A 101 1.88 16.74 -0.56
CA ARG A 101 2.67 17.05 -1.76
C ARG A 101 1.78 17.74 -2.78
N GLN A 102 0.73 17.04 -3.21
CA GLN A 102 -0.18 17.41 -4.30
C GLN A 102 0.49 17.55 -5.67
N GLU A 103 1.78 17.21 -5.77
CA GLU A 103 2.70 17.63 -6.82
C GLU A 103 3.56 16.48 -7.37
N SER A 104 3.43 15.30 -6.78
CA SER A 104 4.37 14.18 -6.87
C SER A 104 4.44 13.58 -8.27
N GLN A 105 5.49 13.88 -9.05
CA GLN A 105 5.86 13.18 -10.26
C GLN A 105 7.35 13.39 -10.54
N GLN A 106 8.00 12.40 -11.17
CA GLN A 106 9.42 12.42 -11.53
C GLN A 106 10.32 12.62 -10.32
N ASN A 107 11.64 12.72 -10.55
CA ASN A 107 12.65 12.98 -9.53
C ASN A 107 12.60 11.92 -8.42
N SER A 108 13.26 10.78 -8.66
CA SER A 108 12.76 9.49 -8.22
C SER A 108 11.31 9.33 -8.70
N GLY A 1 -7.08 -10.95 10.23
CA GLY A 1 -7.74 -10.54 11.47
C GLY A 1 -8.95 -11.40 11.79
N PRO A 2 -9.85 -10.99 12.69
CA PRO A 2 -11.09 -11.72 12.99
C PRO A 2 -12.11 -11.58 11.84
N LEU A 3 -13.20 -12.35 11.91
CA LEU A 3 -14.44 -12.17 11.14
C LEU A 3 -14.26 -11.96 9.63
N GLY A 4 -13.30 -12.67 9.03
CA GLY A 4 -13.04 -12.69 7.59
C GLY A 4 -11.53 -12.82 7.36
N SER A 5 -11.11 -13.15 6.14
CA SER A 5 -9.72 -13.43 5.85
C SER A 5 -9.38 -13.08 4.40
N LEU A 6 -8.08 -12.98 4.11
CA LEU A 6 -7.56 -13.27 2.78
C LEU A 6 -7.73 -14.77 2.61
N ASP A 7 -8.53 -15.16 1.63
CA ASP A 7 -8.66 -16.54 1.16
C ASP A 7 -7.31 -17.08 0.70
N GLN A 8 -7.16 -18.39 0.56
CA GLN A 8 -6.02 -19.03 -0.07
C GLN A 8 -5.78 -18.49 -1.49
N LYS A 9 -6.84 -18.23 -2.25
CA LYS A 9 -6.75 -17.51 -3.53
C LYS A 9 -6.13 -16.14 -3.28
N THR A 10 -6.88 -15.33 -2.55
CA THR A 10 -6.63 -13.90 -2.35
C THR A 10 -5.20 -13.65 -1.87
N PHE A 11 -4.75 -14.41 -0.88
CA PHE A 11 -3.43 -14.31 -0.29
C PHE A 11 -2.34 -14.64 -1.33
N SER A 12 -2.46 -15.74 -2.07
CA SER A 12 -1.50 -16.04 -3.13
C SER A 12 -1.49 -14.94 -4.20
N ILE A 13 -2.67 -14.43 -4.58
CA ILE A 13 -2.81 -13.40 -5.60
C ILE A 13 -2.05 -12.13 -5.18
N CYS A 14 -2.27 -11.59 -3.98
CA CYS A 14 -1.46 -10.44 -3.54
C CYS A 14 0.04 -10.75 -3.46
N LYS A 15 0.42 -11.94 -3.01
CA LYS A 15 1.84 -12.34 -2.99
C LYS A 15 2.44 -12.39 -4.41
N GLU A 16 1.64 -12.61 -5.45
CA GLU A 16 2.05 -12.43 -6.84
C GLU A 16 2.08 -10.96 -7.25
N ARG A 17 1.03 -10.18 -6.93
CA ARG A 17 0.89 -8.80 -7.43
C ARG A 17 1.92 -7.88 -6.81
N MET A 18 2.23 -8.04 -5.52
CA MET A 18 3.27 -7.28 -4.84
C MET A 18 4.63 -7.86 -5.23
N ARG A 19 5.04 -7.61 -6.48
CA ARG A 19 6.29 -8.08 -7.06
C ARG A 19 7.25 -6.91 -7.16
N PRO A 20 6.94 -5.81 -7.87
CA PRO A 20 7.86 -4.70 -7.97
C PRO A 20 8.00 -3.94 -6.65
N VAL A 21 6.93 -3.83 -5.85
CA VAL A 21 6.94 -3.11 -4.57
C VAL A 21 7.30 -4.02 -3.39
N LYS A 22 7.88 -5.22 -3.61
CA LYS A 22 8.10 -6.19 -2.54
C LYS A 22 9.02 -5.62 -1.43
N ALA A 23 10.19 -5.09 -1.79
CA ALA A 23 11.06 -4.42 -0.84
C ALA A 23 10.41 -3.17 -0.27
N ALA A 24 9.74 -2.37 -1.10
CA ALA A 24 9.11 -1.13 -0.66
C ALA A 24 8.13 -1.44 0.47
N LEU A 25 7.27 -2.44 0.27
CA LEU A 25 6.32 -2.88 1.28
C LEU A 25 7.04 -3.44 2.49
N LYS A 26 8.10 -4.25 2.31
CA LYS A 26 8.80 -4.79 3.47
C LYS A 26 9.38 -3.66 4.31
N GLN A 27 9.81 -2.55 3.71
CA GLN A 27 10.31 -1.40 4.47
C GLN A 27 9.25 -0.74 5.36
N LEU A 28 7.96 -1.07 5.25
CA LEU A 28 6.98 -0.56 6.21
C LEU A 28 7.01 -1.36 7.52
N ASP A 29 7.55 -2.58 7.52
CA ASP A 29 7.86 -3.35 8.72
C ASP A 29 9.33 -3.14 9.10
N ARG A 30 10.25 -3.24 8.14
CA ARG A 30 11.69 -3.23 8.34
C ARG A 30 12.32 -2.17 7.44
N PRO A 31 12.13 -0.87 7.78
CA PRO A 31 12.76 0.21 7.05
C PRO A 31 14.28 0.11 7.15
N GLU A 32 14.98 0.88 6.33
CA GLU A 32 16.43 0.90 6.33
C GLU A 32 16.94 1.30 7.72
N LYS A 33 18.00 0.65 8.19
CA LYS A 33 18.64 0.86 9.48
C LYS A 33 20.12 1.11 9.23
N GLY A 34 20.44 2.14 8.44
CA GLY A 34 21.80 2.38 7.95
C GLY A 34 21.95 3.72 7.23
N LEU A 35 20.99 4.64 7.36
CA LEU A 35 21.04 5.97 6.76
C LEU A 35 21.01 6.99 7.89
N SER A 36 20.98 8.26 7.53
CA SER A 36 20.95 9.38 8.44
C SER A 36 19.56 9.53 9.06
N GLU A 37 19.39 10.53 9.93
CA GLU A 37 18.11 10.91 10.50
C GLU A 37 17.15 11.38 9.40
N ARG A 38 17.56 12.38 8.61
CA ARG A 38 16.62 13.02 7.68
C ARG A 38 16.29 12.13 6.48
N GLU A 39 17.22 11.24 6.13
CA GLU A 39 17.05 10.30 5.02
C GLU A 39 15.92 9.32 5.31
N GLN A 40 15.67 8.97 6.58
CA GLN A 40 14.60 8.05 6.96
C GLN A 40 13.28 8.51 6.36
N LEU A 41 12.87 9.73 6.69
CA LEU A 41 11.57 10.24 6.34
C LEU A 41 11.35 10.25 4.83
N GLU A 42 12.39 10.57 4.03
CA GLU A 42 12.23 10.52 2.59
C GLU A 42 12.13 9.07 2.10
N HIS A 43 12.87 8.16 2.73
CA HIS A 43 12.76 6.75 2.39
C HIS A 43 11.35 6.22 2.67
N THR A 44 10.70 6.73 3.71
CA THR A 44 9.46 6.17 4.23
C THR A 44 8.32 6.65 3.34
N ARG A 45 8.24 7.95 3.01
CA ARG A 45 7.22 8.33 2.03
C ARG A 45 7.48 7.67 0.69
N GLN A 46 8.70 7.62 0.19
CA GLN A 46 8.98 6.91 -1.06
C GLN A 46 8.53 5.45 -1.05
N CYS A 47 8.66 4.72 0.05
CA CYS A 47 8.09 3.40 0.22
C CYS A 47 6.56 3.50 0.14
N LEU A 48 5.96 4.27 1.05
CA LEU A 48 4.51 4.43 1.19
C LEU A 48 3.84 4.75 -0.15
N ILE A 49 4.38 5.72 -0.89
CA ILE A 49 3.75 6.20 -2.11
C ILE A 49 3.85 5.18 -3.22
N LYS A 50 5.00 4.52 -3.43
CA LYS A 50 5.15 3.50 -4.44
C LYS A 50 4.16 2.38 -4.20
N ILE A 51 3.99 1.97 -2.94
CA ILE A 51 3.03 0.95 -2.59
C ILE A 51 1.63 1.43 -2.97
N GLY A 52 1.23 2.61 -2.49
CA GLY A 52 -0.15 3.08 -2.63
C GLY A 52 -0.52 3.31 -4.09
N ASP A 53 0.44 3.78 -4.90
CA ASP A 53 0.33 3.94 -6.34
C ASP A 53 0.15 2.57 -6.98
N HIS A 54 1.04 1.61 -6.71
CA HIS A 54 0.99 0.28 -7.32
C HIS A 54 -0.33 -0.41 -6.98
N ILE A 55 -0.78 -0.31 -5.71
CA ILE A 55 -2.07 -0.78 -5.29
C ILE A 55 -3.13 -0.17 -6.20
N THR A 56 -3.22 1.16 -6.26
CA THR A 56 -4.27 1.82 -7.01
C THR A 56 -4.23 1.44 -8.49
N GLU A 57 -3.05 1.40 -9.11
CA GLU A 57 -2.89 1.06 -10.51
C GLU A 57 -3.32 -0.37 -10.79
N CYS A 58 -2.98 -1.33 -9.91
CA CYS A 58 -3.52 -2.68 -10.00
C CYS A 58 -5.05 -2.69 -9.91
N LEU A 59 -5.64 -1.84 -9.07
CA LEU A 59 -7.09 -1.81 -8.90
C LEU A 59 -7.77 -1.05 -10.03
N LYS A 60 -7.06 -0.21 -10.78
CA LYS A 60 -7.56 0.31 -12.04
C LYS A 60 -7.69 -0.81 -13.08
N GLU A 61 -7.02 -1.96 -12.91
CA GLU A 61 -7.11 -3.06 -13.87
C GLU A 61 -8.55 -3.56 -13.99
N TYR A 62 -9.23 -3.73 -12.87
CA TYR A 62 -10.51 -4.40 -12.84
C TYR A 62 -11.62 -3.49 -13.35
N THR A 63 -12.72 -4.08 -13.80
CA THR A 63 -13.87 -3.37 -14.32
C THR A 63 -15.04 -3.42 -13.33
N ASN A 64 -15.39 -4.61 -12.80
CA ASN A 64 -16.62 -4.74 -12.01
C ASN A 64 -16.47 -3.92 -10.73
N PRO A 65 -17.55 -3.29 -10.24
CA PRO A 65 -17.52 -2.49 -9.04
C PRO A 65 -17.24 -3.37 -7.81
N GLU A 66 -17.76 -4.60 -7.83
CA GLU A 66 -17.50 -5.56 -6.77
C GLU A 66 -16.01 -5.87 -6.64
N GLN A 67 -15.28 -5.96 -7.76
CA GLN A 67 -13.89 -6.39 -7.80
C GLN A 67 -12.98 -5.25 -7.37
N ILE A 68 -13.14 -4.07 -7.98
CA ILE A 68 -12.39 -2.88 -7.57
C ILE A 68 -12.59 -2.65 -6.07
N LYS A 69 -13.81 -2.83 -5.52
CA LYS A 69 -14.05 -2.73 -4.08
C LYS A 69 -13.33 -3.84 -3.31
N GLN A 70 -13.57 -5.10 -3.68
CA GLN A 70 -13.04 -6.27 -2.97
C GLN A 70 -11.52 -6.17 -2.88
N TRP A 71 -10.85 -5.88 -4.00
CA TRP A 71 -9.41 -5.76 -4.03
C TRP A 71 -8.93 -4.48 -3.37
N ARG A 72 -9.69 -3.37 -3.37
CA ARG A 72 -9.28 -2.14 -2.68
C ARG A 72 -8.95 -2.43 -1.22
N LYS A 73 -9.83 -3.16 -0.53
CA LYS A 73 -9.56 -3.62 0.84
C LYS A 73 -8.47 -4.68 0.82
N ASN A 74 -8.60 -5.73 0.00
CA ASN A 74 -7.77 -6.92 0.15
C ASN A 74 -6.28 -6.63 -0.04
N LEU A 75 -5.90 -5.73 -0.96
CA LEU A 75 -4.51 -5.31 -1.14
C LEU A 75 -4.03 -4.52 0.08
N TRP A 76 -4.82 -3.55 0.55
CA TRP A 76 -4.48 -2.78 1.73
C TRP A 76 -4.31 -3.68 2.97
N ILE A 77 -5.14 -4.72 3.13
CA ILE A 77 -5.03 -5.70 4.22
C ILE A 77 -3.73 -6.49 4.06
N PHE A 78 -3.43 -6.94 2.84
CA PHE A 78 -2.21 -7.72 2.57
C PHE A 78 -0.97 -6.95 3.02
N VAL A 79 -0.87 -5.67 2.66
CA VAL A 79 0.27 -4.86 3.05
C VAL A 79 0.28 -4.73 4.58
N SER A 80 -0.87 -4.43 5.20
CA SER A 80 -1.04 -4.20 6.64
C SER A 80 -0.55 -5.34 7.56
N LYS A 81 -0.27 -6.54 7.02
CA LYS A 81 0.33 -7.61 7.80
C LYS A 81 1.83 -7.39 8.00
N PHE A 82 2.50 -6.87 6.97
CA PHE A 82 3.91 -6.48 6.94
C PHE A 82 4.09 -5.00 7.31
N THR A 83 3.46 -4.55 8.39
CA THR A 83 3.73 -3.24 8.96
C THR A 83 3.20 -3.26 10.40
N GLU A 84 3.38 -2.15 11.09
CA GLU A 84 2.73 -1.83 12.35
C GLU A 84 1.38 -1.14 12.10
N PHE A 85 1.10 -0.68 10.88
CA PHE A 85 -0.04 0.15 10.56
C PHE A 85 -1.21 -0.68 10.03
N ASP A 86 -2.38 -0.50 10.63
CA ASP A 86 -3.63 -1.05 10.11
C ASP A 86 -3.92 -0.41 8.77
N ALA A 87 -4.71 -1.09 7.94
CA ALA A 87 -5.11 -0.62 6.62
C ALA A 87 -5.83 0.73 6.68
N ARG A 88 -6.55 1.01 7.78
CA ARG A 88 -7.13 2.33 8.05
C ARG A 88 -6.04 3.40 8.08
N LYS A 89 -5.04 3.22 8.95
CA LYS A 89 -3.97 4.18 9.13
C LYS A 89 -3.16 4.26 7.85
N LEU A 90 -2.87 3.12 7.19
CA LEU A 90 -2.08 3.04 5.98
C LEU A 90 -2.71 3.86 4.86
N HIS A 91 -3.98 3.61 4.52
CA HIS A 91 -4.55 4.26 3.34
C HIS A 91 -4.71 5.76 3.64
N LYS A 92 -5.00 6.12 4.91
CA LYS A 92 -5.05 7.51 5.37
C LYS A 92 -3.69 8.18 5.16
N LEU A 93 -2.59 7.55 5.60
CA LEU A 93 -1.24 8.04 5.39
C LEU A 93 -0.99 8.26 3.91
N TYR A 94 -1.26 7.27 3.06
CA TYR A 94 -1.02 7.35 1.63
C TYR A 94 -1.76 8.55 1.01
N LYS A 95 -3.09 8.59 1.12
CA LYS A 95 -3.87 9.64 0.47
C LYS A 95 -3.46 11.03 0.99
N HIS A 96 -3.12 11.16 2.26
CA HIS A 96 -2.66 12.43 2.81
C HIS A 96 -1.25 12.79 2.31
N ALA A 97 -0.39 11.80 2.01
CA ALA A 97 0.94 12.03 1.47
C ALA A 97 0.85 12.57 0.05
N ILE A 98 0.15 11.87 -0.85
CA ILE A 98 -0.03 12.30 -2.23
C ILE A 98 -0.75 13.66 -2.25
N LYS A 99 -1.84 13.83 -1.49
CA LYS A 99 -2.58 15.09 -1.48
C LYS A 99 -1.70 16.23 -1.01
N LYS A 100 -0.87 16.03 0.02
CA LYS A 100 0.02 17.09 0.51
C LYS A 100 0.89 17.64 -0.63
N ARG A 101 1.26 16.81 -1.61
CA ARG A 101 2.06 17.19 -2.76
C ARG A 101 1.32 18.05 -3.77
N GLN A 102 0.03 18.35 -3.59
CA GLN A 102 -0.81 19.01 -4.59
C GLN A 102 -1.52 20.19 -3.92
N GLU A 103 -0.86 21.34 -3.99
CA GLU A 103 -1.28 22.63 -3.43
C GLU A 103 -1.61 22.54 -1.94
N SER A 104 -2.16 23.62 -1.38
CA SER A 104 -2.30 23.82 0.04
C SER A 104 -3.57 24.57 0.39
N GLN A 105 -4.66 24.19 -0.27
CA GLN A 105 -5.98 24.77 -0.10
C GLN A 105 -6.90 23.68 0.43
N GLN A 106 -8.04 24.05 1.01
CA GLN A 106 -9.06 23.16 1.53
C GLN A 106 -10.40 23.71 1.05
N ASN A 107 -11.43 22.86 1.02
CA ASN A 107 -12.79 23.35 0.89
C ASN A 107 -13.18 24.01 2.20
N SER A 108 -14.00 25.05 2.12
CA SER A 108 -14.71 25.59 3.28
C SER A 108 -15.66 24.51 3.76
N GLY A 1 -15.33 -21.23 2.12
CA GLY A 1 -15.25 -20.22 1.07
C GLY A 1 -15.48 -18.84 1.63
N PRO A 2 -16.73 -18.31 1.57
CA PRO A 2 -17.05 -16.97 2.05
C PRO A 2 -16.59 -16.77 3.50
N LEU A 3 -16.00 -15.60 3.79
CA LEU A 3 -15.43 -15.16 5.07
C LEU A 3 -14.87 -13.73 4.97
N GLY A 4 -14.72 -13.18 3.75
CA GLY A 4 -14.09 -11.89 3.48
C GLY A 4 -12.57 -11.93 3.53
N SER A 5 -11.99 -12.79 4.38
CA SER A 5 -10.56 -12.94 4.63
C SER A 5 -9.74 -13.22 3.37
N LEU A 6 -8.41 -13.09 3.47
CA LEU A 6 -7.49 -13.53 2.44
C LEU A 6 -7.46 -15.05 2.45
N ASP A 7 -8.31 -15.64 1.60
CA ASP A 7 -8.34 -17.05 1.24
C ASP A 7 -6.96 -17.51 0.74
N GLN A 8 -6.78 -18.83 0.58
CA GLN A 8 -5.66 -19.41 -0.15
C GLN A 8 -5.47 -18.68 -1.49
N LYS A 9 -6.52 -18.59 -2.32
CA LYS A 9 -6.44 -17.99 -3.64
C LYS A 9 -6.08 -16.50 -3.52
N THR A 10 -6.83 -15.75 -2.71
CA THR A 10 -6.62 -14.32 -2.59
C THR A 10 -5.20 -14.01 -2.13
N PHE A 11 -4.71 -14.66 -1.06
CA PHE A 11 -3.37 -14.42 -0.54
C PHE A 11 -2.31 -14.74 -1.60
N SER A 12 -2.47 -15.87 -2.31
CA SER A 12 -1.59 -16.28 -3.40
C SER A 12 -1.47 -15.14 -4.41
N ILE A 13 -2.59 -14.63 -4.91
CA ILE A 13 -2.63 -13.55 -5.89
C ILE A 13 -2.00 -12.28 -5.29
N CYS A 14 -2.24 -11.95 -4.02
CA CYS A 14 -1.66 -10.75 -3.41
C CYS A 14 -0.13 -10.76 -3.44
N LYS A 15 0.50 -11.92 -3.27
CA LYS A 15 1.96 -12.05 -3.44
C LYS A 15 2.38 -11.60 -4.83
N GLU A 16 1.64 -11.99 -5.87
CA GLU A 16 1.91 -11.61 -7.25
C GLU A 16 1.70 -10.11 -7.45
N ARG A 17 0.62 -9.57 -6.87
CA ARG A 17 0.25 -8.16 -7.01
C ARG A 17 1.36 -7.29 -6.47
N MET A 18 1.81 -7.55 -5.24
CA MET A 18 2.81 -6.76 -4.57
C MET A 18 4.23 -7.22 -4.93
N ARG A 19 4.48 -7.53 -6.20
CA ARG A 19 5.79 -7.94 -6.70
C ARG A 19 6.72 -6.75 -6.89
N PRO A 20 6.30 -5.66 -7.57
CA PRO A 20 7.23 -4.59 -7.89
C PRO A 20 7.85 -3.97 -6.64
N VAL A 21 7.03 -3.70 -5.64
CA VAL A 21 7.38 -2.97 -4.43
C VAL A 21 7.73 -3.91 -3.28
N LYS A 22 8.20 -5.13 -3.55
CA LYS A 22 8.45 -6.12 -2.50
C LYS A 22 9.33 -5.57 -1.37
N ALA A 23 10.45 -4.93 -1.70
CA ALA A 23 11.31 -4.38 -0.66
C ALA A 23 10.73 -3.13 -0.03
N ALA A 24 9.96 -2.32 -0.78
CA ALA A 24 9.31 -1.15 -0.19
C ALA A 24 8.30 -1.60 0.86
N LEU A 25 7.43 -2.57 0.52
CA LEU A 25 6.45 -3.11 1.45
C LEU A 25 7.19 -3.67 2.67
N LYS A 26 8.28 -4.43 2.48
CA LYS A 26 8.95 -5.02 3.63
C LYS A 26 9.81 -4.03 4.42
N GLN A 27 10.27 -2.91 3.85
CA GLN A 27 10.93 -1.85 4.60
C GLN A 27 10.01 -1.31 5.69
N LEU A 28 8.69 -1.32 5.49
CA LEU A 28 7.77 -0.82 6.48
C LEU A 28 7.54 -1.84 7.61
N ASP A 29 7.93 -3.10 7.41
CA ASP A 29 7.94 -4.12 8.45
C ASP A 29 9.21 -3.96 9.27
N ARG A 30 10.38 -4.05 8.62
CA ARG A 30 11.70 -3.98 9.24
C ARG A 30 12.54 -2.97 8.45
N PRO A 31 12.46 -1.67 8.77
CA PRO A 31 13.24 -0.66 8.06
C PRO A 31 14.72 -0.83 8.36
N GLU A 32 15.59 -0.36 7.47
CA GLU A 32 17.02 -0.23 7.74
C GLU A 32 17.27 1.01 8.61
N LYS A 33 18.49 1.18 9.14
CA LYS A 33 18.93 2.30 9.98
C LYS A 33 20.36 2.72 9.62
N GLY A 34 20.74 2.64 8.35
CA GLY A 34 22.07 3.02 7.90
C GLY A 34 22.27 4.53 7.79
N LEU A 35 21.21 5.33 7.86
CA LEU A 35 21.19 6.69 7.36
C LEU A 35 21.00 7.66 8.53
N SER A 36 20.87 8.93 8.17
CA SER A 36 20.49 9.99 9.05
C SER A 36 19.00 9.89 9.39
N GLU A 37 18.59 10.48 10.51
CA GLU A 37 17.24 10.39 11.07
C GLU A 37 16.16 10.91 10.11
N ARG A 38 16.36 12.07 9.49
CA ARG A 38 15.34 12.65 8.60
C ARG A 38 15.20 11.83 7.31
N GLU A 39 16.28 11.18 6.86
CA GLU A 39 16.26 10.37 5.63
C GLU A 39 15.24 9.25 5.75
N GLN A 40 15.05 8.72 6.96
CA GLN A 40 14.09 7.67 7.26
C GLN A 40 12.69 8.14 6.95
N LEU A 41 12.37 9.37 7.37
CA LEU A 41 11.07 9.96 7.20
C LEU A 41 10.79 10.09 5.71
N GLU A 42 11.76 10.59 4.95
CA GLU A 42 11.68 10.73 3.51
C GLU A 42 11.43 9.37 2.85
N HIS A 43 12.15 8.34 3.31
CA HIS A 43 11.99 6.98 2.84
C HIS A 43 10.57 6.45 3.10
N THR A 44 9.97 6.82 4.24
CA THR A 44 8.58 6.47 4.53
C THR A 44 7.66 7.07 3.45
N ARG A 45 7.89 8.34 3.05
CA ARG A 45 7.02 9.00 2.07
C ARG A 45 7.18 8.32 0.71
N GLN A 46 8.42 8.05 0.29
CA GLN A 46 8.80 7.43 -0.93
C GLN A 46 8.22 6.02 -1.05
N CYS A 47 8.31 5.24 0.02
CA CYS A 47 7.67 3.94 0.11
C CYS A 47 6.16 4.07 0.02
N LEU A 48 5.54 4.95 0.82
CA LEU A 48 4.09 5.15 0.82
C LEU A 48 3.59 5.43 -0.58
N ILE A 49 4.14 6.44 -1.25
CA ILE A 49 3.66 6.79 -2.57
C ILE A 49 3.81 5.59 -3.52
N LYS A 50 4.96 4.91 -3.52
CA LYS A 50 5.20 3.86 -4.50
C LYS A 50 4.33 2.63 -4.23
N ILE A 51 4.21 2.18 -2.98
CA ILE A 51 3.37 1.05 -2.61
C ILE A 51 1.92 1.40 -2.96
N GLY A 52 1.43 2.54 -2.47
CA GLY A 52 0.03 2.90 -2.58
C GLY A 52 -0.36 3.13 -4.04
N ASP A 53 0.57 3.57 -4.88
CA ASP A 53 0.37 3.79 -6.31
C ASP A 53 0.33 2.46 -7.07
N HIS A 54 1.26 1.55 -6.80
CA HIS A 54 1.25 0.22 -7.42
C HIS A 54 0.01 -0.59 -7.01
N ILE A 55 -0.54 -0.35 -5.82
CA ILE A 55 -1.88 -0.83 -5.46
C ILE A 55 -2.90 -0.13 -6.37
N THR A 56 -2.91 1.21 -6.41
CA THR A 56 -3.88 1.99 -7.16
C THR A 56 -4.03 1.51 -8.61
N GLU A 57 -2.93 1.30 -9.34
CA GLU A 57 -2.96 0.86 -10.73
C GLU A 57 -3.55 -0.54 -10.88
N CYS A 58 -3.14 -1.48 -10.02
CA CYS A 58 -3.68 -2.84 -9.97
C CYS A 58 -5.21 -2.83 -9.85
N LEU A 59 -5.75 -2.02 -8.94
CA LEU A 59 -7.19 -1.96 -8.72
C LEU A 59 -7.89 -1.19 -9.83
N LYS A 60 -7.28 -0.20 -10.50
CA LYS A 60 -7.92 0.41 -11.66
C LYS A 60 -8.14 -0.60 -12.79
N GLU A 61 -7.45 -1.74 -12.78
CA GLU A 61 -7.59 -2.70 -13.86
C GLU A 61 -9.03 -3.20 -13.93
N TYR A 62 -9.61 -3.46 -12.75
CA TYR A 62 -10.90 -4.14 -12.70
C TYR A 62 -12.05 -3.22 -13.09
N THR A 63 -13.15 -3.84 -13.54
CA THR A 63 -14.33 -3.21 -14.10
C THR A 63 -15.52 -3.27 -13.13
N ASN A 64 -15.53 -4.27 -12.24
CA ASN A 64 -16.72 -4.58 -11.44
C ASN A 64 -16.56 -4.06 -10.01
N PRO A 65 -17.65 -3.59 -9.37
CA PRO A 65 -17.62 -2.88 -8.10
C PRO A 65 -17.18 -3.80 -6.96
N GLU A 66 -17.57 -5.08 -7.02
CA GLU A 66 -17.10 -6.08 -6.08
C GLU A 66 -15.58 -6.20 -6.16
N GLN A 67 -15.02 -6.40 -7.36
CA GLN A 67 -13.60 -6.60 -7.56
C GLN A 67 -12.82 -5.39 -7.11
N ILE A 68 -13.12 -4.20 -7.64
CA ILE A 68 -12.40 -2.99 -7.25
C ILE A 68 -12.46 -2.82 -5.73
N LYS A 69 -13.62 -2.97 -5.09
CA LYS A 69 -13.76 -2.67 -3.66
C LYS A 69 -13.14 -3.77 -2.78
N GLN A 70 -13.28 -5.03 -3.17
CA GLN A 70 -12.70 -6.14 -2.43
C GLN A 70 -11.18 -6.07 -2.55
N TRP A 71 -10.65 -5.94 -3.76
CA TRP A 71 -9.22 -5.90 -3.96
C TRP A 71 -8.63 -4.63 -3.33
N ARG A 72 -9.35 -3.49 -3.38
CA ARG A 72 -8.95 -2.24 -2.70
C ARG A 72 -8.57 -2.53 -1.26
N LYS A 73 -9.46 -3.21 -0.51
CA LYS A 73 -9.17 -3.56 0.88
C LYS A 73 -8.15 -4.70 0.95
N ASN A 74 -8.24 -5.73 0.10
CA ASN A 74 -7.39 -6.92 0.19
C ASN A 74 -5.91 -6.56 0.12
N LEU A 75 -5.50 -5.72 -0.85
CA LEU A 75 -4.09 -5.34 -1.03
C LEU A 75 -3.63 -4.54 0.19
N TRP A 76 -4.44 -3.58 0.64
CA TRP A 76 -4.17 -2.85 1.87
C TRP A 76 -3.94 -3.82 3.04
N ILE A 77 -4.84 -4.78 3.26
CA ILE A 77 -4.80 -5.77 4.36
C ILE A 77 -3.55 -6.67 4.22
N PHE A 78 -3.22 -7.03 2.99
CA PHE A 78 -2.05 -7.83 2.68
C PHE A 78 -0.79 -7.14 3.17
N VAL A 79 -0.64 -5.83 2.89
CA VAL A 79 0.53 -5.11 3.40
C VAL A 79 0.38 -4.77 4.88
N SER A 80 -0.84 -4.63 5.41
CA SER A 80 -1.18 -4.38 6.82
C SER A 80 -0.54 -5.36 7.81
N LYS A 81 0.00 -6.49 7.34
CA LYS A 81 0.73 -7.43 8.19
C LYS A 81 2.21 -7.07 8.31
N PHE A 82 2.81 -6.55 7.25
CA PHE A 82 4.20 -6.13 7.16
C PHE A 82 4.34 -4.63 7.50
N THR A 83 3.70 -4.14 8.55
CA THR A 83 3.87 -2.74 8.94
C THR A 83 3.36 -2.52 10.36
N GLU A 84 3.78 -1.41 10.97
CA GLU A 84 3.15 -0.86 12.16
C GLU A 84 1.85 -0.14 11.82
N PHE A 85 1.61 0.20 10.56
CA PHE A 85 0.50 1.04 10.13
C PHE A 85 -0.59 0.18 9.51
N ASP A 86 -1.56 -0.23 10.34
CA ASP A 86 -2.67 -1.05 9.84
C ASP A 86 -3.46 -0.28 8.77
N ALA A 87 -4.26 -1.00 7.99
CA ALA A 87 -4.85 -0.56 6.72
C ALA A 87 -5.61 0.77 6.83
N ARG A 88 -6.31 1.01 7.94
CA ARG A 88 -6.93 2.30 8.25
C ARG A 88 -5.89 3.41 8.31
N LYS A 89 -4.81 3.23 9.08
CA LYS A 89 -3.71 4.19 9.18
C LYS A 89 -3.06 4.34 7.80
N LEU A 90 -2.76 3.23 7.15
CA LEU A 90 -1.98 3.20 5.92
C LEU A 90 -2.61 4.04 4.83
N HIS A 91 -3.91 3.85 4.59
CA HIS A 91 -4.63 4.54 3.53
C HIS A 91 -4.74 6.05 3.79
N LYS A 92 -4.95 6.48 5.06
CA LYS A 92 -4.92 7.91 5.38
C LYS A 92 -3.52 8.45 5.09
N LEU A 93 -2.46 7.74 5.52
CA LEU A 93 -1.07 8.14 5.31
C LEU A 93 -0.77 8.29 3.83
N TYR A 94 -1.11 7.30 2.98
CA TYR A 94 -0.84 7.33 1.55
C TYR A 94 -1.55 8.50 0.89
N LYS A 95 -2.87 8.64 1.07
CA LYS A 95 -3.58 9.73 0.40
C LYS A 95 -2.99 11.08 0.79
N HIS A 96 -2.69 11.28 2.07
CA HIS A 96 -2.01 12.51 2.49
C HIS A 96 -0.58 12.59 1.92
N ALA A 97 0.15 11.49 1.73
CA ALA A 97 1.52 11.52 1.23
C ALA A 97 1.59 12.02 -0.21
N ILE A 98 0.71 11.54 -1.08
CA ILE A 98 0.66 12.01 -2.46
C ILE A 98 0.13 13.46 -2.47
N LYS A 99 -0.97 13.75 -1.75
CA LYS A 99 -1.52 15.11 -1.64
C LYS A 99 -0.56 16.13 -1.03
N LYS A 100 0.46 15.70 -0.26
CA LYS A 100 1.47 16.60 0.30
C LYS A 100 2.21 17.30 -0.82
N ARG A 101 2.60 16.57 -1.87
CA ARG A 101 3.36 17.14 -2.98
C ARG A 101 2.47 18.11 -3.76
N GLN A 102 1.17 17.81 -3.89
CA GLN A 102 0.15 18.61 -4.58
C GLN A 102 0.43 18.87 -6.06
N GLU A 103 1.42 18.16 -6.62
CA GLU A 103 1.78 18.15 -8.03
C GLU A 103 1.83 16.68 -8.44
N SER A 104 0.67 16.08 -8.73
CA SER A 104 0.61 14.67 -9.08
C SER A 104 -0.56 14.42 -10.02
N GLN A 105 -1.76 14.20 -9.49
CA GLN A 105 -2.93 13.68 -10.20
C GLN A 105 -2.75 12.29 -10.84
N GLN A 106 -1.52 11.81 -10.97
CA GLN A 106 -1.09 10.72 -11.83
C GLN A 106 0.07 9.95 -11.15
N ASN A 107 0.69 9.04 -11.90
CA ASN A 107 1.76 8.15 -11.44
C ASN A 107 3.09 8.91 -11.32
N SER A 108 4.08 8.36 -10.59
CA SER A 108 5.45 8.85 -10.43
C SER A 108 6.44 7.72 -10.71
N GLY A 1 -20.76 -12.89 -0.43
CA GLY A 1 -19.46 -12.22 -0.27
C GLY A 1 -19.24 -11.85 1.19
N PRO A 2 -18.73 -12.75 2.03
CA PRO A 2 -18.26 -12.42 3.38
C PRO A 2 -17.03 -11.50 3.36
N LEU A 3 -16.48 -11.24 4.55
CA LEU A 3 -15.11 -10.76 4.77
C LEU A 3 -14.38 -11.77 5.65
N GLY A 4 -13.07 -11.59 5.86
CA GLY A 4 -12.30 -12.46 6.72
C GLY A 4 -10.81 -12.19 6.57
N SER A 5 -9.98 -13.12 7.04
CA SER A 5 -8.61 -13.20 6.58
C SER A 5 -8.56 -13.80 5.17
N LEU A 6 -7.43 -13.60 4.49
CA LEU A 6 -7.37 -13.67 3.04
C LEU A 6 -7.68 -15.09 2.54
N ASP A 7 -8.46 -15.17 1.47
CA ASP A 7 -8.75 -16.40 0.77
C ASP A 7 -7.46 -16.94 0.13
N GLN A 8 -7.44 -18.19 -0.32
CA GLN A 8 -6.26 -18.81 -0.92
C GLN A 8 -5.93 -18.15 -2.25
N LYS A 9 -6.89 -18.11 -3.19
CA LYS A 9 -6.72 -17.39 -4.46
C LYS A 9 -6.27 -15.98 -4.19
N THR A 10 -6.99 -15.29 -3.30
CA THR A 10 -6.74 -13.91 -2.94
C THR A 10 -5.28 -13.74 -2.50
N PHE A 11 -4.78 -14.56 -1.58
CA PHE A 11 -3.44 -14.46 -1.05
C PHE A 11 -2.39 -14.69 -2.14
N SER A 12 -2.54 -15.75 -2.93
CA SER A 12 -1.60 -16.05 -4.02
C SER A 12 -1.50 -14.88 -5.00
N ILE A 13 -2.63 -14.29 -5.40
CA ILE A 13 -2.69 -13.10 -6.24
C ILE A 13 -1.96 -11.95 -5.55
N CYS A 14 -2.18 -11.74 -4.25
CA CYS A 14 -1.54 -10.66 -3.50
C CYS A 14 -0.02 -10.79 -3.53
N LYS A 15 0.52 -11.98 -3.30
CA LYS A 15 1.97 -12.22 -3.34
C LYS A 15 2.53 -11.87 -4.72
N GLU A 16 1.82 -12.19 -5.79
CA GLU A 16 2.17 -11.82 -7.16
C GLU A 16 2.05 -10.31 -7.40
N ARG A 17 1.07 -9.66 -6.76
CA ARG A 17 0.79 -8.24 -6.92
C ARG A 17 1.96 -7.42 -6.40
N MET A 18 2.43 -7.72 -5.18
CA MET A 18 3.59 -7.06 -4.60
C MET A 18 4.88 -7.68 -5.16
N ARG A 19 5.05 -7.69 -6.48
CA ARG A 19 6.35 -7.95 -7.12
C ARG A 19 7.14 -6.65 -7.12
N PRO A 20 6.69 -5.56 -7.78
CA PRO A 20 7.50 -4.37 -8.01
C PRO A 20 7.88 -3.60 -6.73
N VAL A 21 7.21 -3.87 -5.60
CA VAL A 21 7.36 -3.13 -4.35
C VAL A 21 7.70 -4.08 -3.20
N LYS A 22 8.41 -5.18 -3.45
CA LYS A 22 8.74 -6.17 -2.41
C LYS A 22 9.70 -5.59 -1.36
N ALA A 23 10.69 -4.81 -1.80
CA ALA A 23 11.52 -4.06 -0.86
C ALA A 23 10.61 -3.14 -0.04
N ALA A 24 9.74 -2.34 -0.68
CA ALA A 24 8.86 -1.40 -0.01
C ALA A 24 8.01 -2.12 1.04
N LEU A 25 7.54 -3.33 0.74
CA LEU A 25 6.89 -4.21 1.70
C LEU A 25 7.78 -4.39 2.92
N LYS A 26 8.95 -5.00 2.77
CA LYS A 26 9.76 -5.35 3.95
C LYS A 26 10.42 -4.13 4.63
N GLN A 27 10.50 -3.00 3.94
CA GLN A 27 11.03 -1.74 4.39
C GLN A 27 10.02 -1.04 5.31
N LEU A 28 8.72 -1.24 5.10
CA LEU A 28 7.66 -0.71 5.95
C LEU A 28 7.52 -1.51 7.26
N ASP A 29 8.06 -2.73 7.29
CA ASP A 29 8.05 -3.66 8.41
C ASP A 29 8.74 -3.05 9.61
N ARG A 30 10.04 -2.73 9.48
CA ARG A 30 10.86 -2.14 10.53
C ARG A 30 12.08 -1.43 9.93
N PRO A 31 12.65 -0.45 10.65
CA PRO A 31 13.80 0.32 10.19
C PRO A 31 15.04 -0.54 9.94
N GLU A 32 15.92 0.03 9.10
CA GLU A 32 17.26 -0.44 8.79
C GLU A 32 18.22 0.04 9.89
N LYS A 33 19.53 -0.16 9.70
CA LYS A 33 20.58 0.40 10.51
C LYS A 33 21.76 0.92 9.66
N GLY A 34 21.70 0.71 8.35
CA GLY A 34 22.77 1.04 7.40
C GLY A 34 22.70 2.48 6.87
N LEU A 35 21.66 3.22 7.21
CA LEU A 35 21.29 4.53 6.71
C LEU A 35 21.04 5.38 7.96
N SER A 36 20.60 6.63 7.79
CA SER A 36 20.53 7.65 8.81
C SER A 36 19.08 8.03 9.16
N GLU A 37 18.89 8.74 10.28
CA GLU A 37 17.61 8.91 10.95
C GLU A 37 16.54 9.57 10.06
N ARG A 38 16.92 10.51 9.19
CA ARG A 38 15.97 11.19 8.32
C ARG A 38 15.96 10.61 6.92
N GLU A 39 16.92 9.76 6.59
CA GLU A 39 16.83 8.92 5.40
C GLU A 39 15.64 7.98 5.60
N GLN A 40 15.48 7.42 6.82
CA GLN A 40 14.41 6.48 7.15
C GLN A 40 13.06 7.08 6.74
N LEU A 41 12.85 8.34 7.13
CA LEU A 41 11.62 9.06 6.93
C LEU A 41 11.25 9.06 5.46
N GLU A 42 12.11 9.59 4.59
CA GLU A 42 11.80 9.66 3.16
C GLU A 42 11.81 8.29 2.50
N HIS A 43 12.56 7.31 3.02
CA HIS A 43 12.46 5.93 2.54
C HIS A 43 11.03 5.43 2.70
N THR A 44 10.47 5.54 3.91
CA THR A 44 9.09 5.14 4.17
C THR A 44 8.13 5.88 3.24
N ARG A 45 8.30 7.19 3.01
CA ARG A 45 7.35 7.98 2.19
C ARG A 45 7.37 7.53 0.74
N GLN A 46 8.56 7.43 0.15
CA GLN A 46 8.71 6.96 -1.22
C GLN A 46 8.12 5.55 -1.38
N CYS A 47 8.38 4.64 -0.45
CA CYS A 47 7.79 3.32 -0.46
C CYS A 47 6.27 3.37 -0.32
N LEU A 48 5.72 4.22 0.55
CA LEU A 48 4.29 4.43 0.76
C LEU A 48 3.62 4.75 -0.57
N ILE A 49 4.10 5.77 -1.29
CA ILE A 49 3.54 6.15 -2.57
C ILE A 49 3.70 5.03 -3.60
N LYS A 50 4.85 4.38 -3.70
CA LYS A 50 5.07 3.31 -4.67
C LYS A 50 4.07 2.20 -4.46
N ILE A 51 3.87 1.77 -3.20
CA ILE A 51 2.93 0.71 -2.87
C ILE A 51 1.55 1.17 -3.32
N GLY A 52 1.09 2.31 -2.79
CA GLY A 52 -0.27 2.78 -2.99
C GLY A 52 -0.60 2.99 -4.46
N ASP A 53 0.37 3.44 -5.24
CA ASP A 53 0.28 3.64 -6.67
C ASP A 53 0.13 2.30 -7.39
N HIS A 54 1.05 1.35 -7.16
CA HIS A 54 1.00 0.06 -7.83
C HIS A 54 -0.26 -0.73 -7.43
N ILE A 55 -0.79 -0.54 -6.21
CA ILE A 55 -2.09 -1.04 -5.81
C ILE A 55 -3.15 -0.41 -6.73
N THR A 56 -3.19 0.92 -6.82
CA THR A 56 -4.21 1.64 -7.58
C THR A 56 -4.27 1.15 -9.03
N GLU A 57 -3.12 1.02 -9.71
CA GLU A 57 -3.05 0.59 -11.10
C GLU A 57 -3.74 -0.77 -11.26
N CYS A 58 -3.44 -1.71 -10.37
CA CYS A 58 -3.99 -3.06 -10.41
C CYS A 58 -5.49 -3.07 -10.18
N LEU A 59 -5.99 -2.24 -9.28
CA LEU A 59 -7.42 -2.18 -9.00
C LEU A 59 -8.16 -1.60 -10.20
N LYS A 60 -7.55 -0.68 -10.96
CA LYS A 60 -8.12 -0.21 -12.23
C LYS A 60 -8.09 -1.27 -13.33
N GLU A 61 -7.55 -2.47 -13.10
CA GLU A 61 -7.81 -3.62 -13.96
C GLU A 61 -9.31 -3.90 -13.98
N TYR A 62 -9.93 -3.97 -12.80
CA TYR A 62 -11.25 -4.52 -12.66
C TYR A 62 -12.28 -3.46 -13.01
N THR A 63 -13.24 -3.84 -13.83
CA THR A 63 -14.44 -3.04 -14.07
C THR A 63 -15.35 -3.16 -12.84
N ASN A 64 -15.66 -4.40 -12.43
CA ASN A 64 -16.75 -4.74 -11.51
C ASN A 64 -16.63 -4.00 -10.17
N PRO A 65 -17.75 -3.59 -9.55
CA PRO A 65 -17.76 -2.87 -8.29
C PRO A 65 -17.37 -3.78 -7.11
N GLU A 66 -17.78 -5.05 -7.14
CA GLU A 66 -17.45 -6.01 -6.10
C GLU A 66 -15.95 -6.29 -6.11
N GLN A 67 -15.34 -6.53 -7.28
CA GLN A 67 -13.92 -6.77 -7.47
C GLN A 67 -13.14 -5.57 -6.97
N ILE A 68 -13.34 -4.37 -7.56
CA ILE A 68 -12.58 -3.19 -7.18
C ILE A 68 -12.68 -2.97 -5.66
N LYS A 69 -13.88 -3.08 -5.04
CA LYS A 69 -13.97 -2.84 -3.60
C LYS A 69 -13.18 -3.89 -2.83
N GLN A 70 -13.42 -5.18 -3.11
CA GLN A 70 -12.82 -6.28 -2.37
C GLN A 70 -11.31 -6.15 -2.45
N TRP A 71 -10.78 -6.10 -3.67
CA TRP A 71 -9.35 -5.98 -3.89
C TRP A 71 -8.77 -4.71 -3.32
N ARG A 72 -9.50 -3.57 -3.35
CA ARG A 72 -8.95 -2.30 -2.84
C ARG A 72 -8.59 -2.46 -1.37
N LYS A 73 -9.36 -3.23 -0.60
CA LYS A 73 -9.08 -3.52 0.79
C LYS A 73 -8.03 -4.61 0.89
N ASN A 74 -8.19 -5.73 0.15
CA ASN A 74 -7.34 -6.90 0.32
C ASN A 74 -5.86 -6.55 0.12
N LEU A 75 -5.53 -5.79 -0.92
CA LEU A 75 -4.17 -5.33 -1.20
C LEU A 75 -3.62 -4.55 0.00
N TRP A 76 -4.38 -3.56 0.47
CA TRP A 76 -4.01 -2.76 1.62
C TRP A 76 -3.76 -3.60 2.88
N ILE A 77 -4.58 -4.63 3.14
CA ILE A 77 -4.43 -5.48 4.32
C ILE A 77 -3.21 -6.40 4.15
N PHE A 78 -3.01 -6.93 2.95
CA PHE A 78 -1.86 -7.76 2.61
C PHE A 78 -0.55 -7.04 2.89
N VAL A 79 -0.49 -5.73 2.59
CA VAL A 79 0.62 -4.87 2.98
C VAL A 79 0.66 -4.70 4.49
N SER A 80 -0.47 -4.35 5.11
CA SER A 80 -0.55 -4.03 6.53
C SER A 80 0.05 -5.10 7.45
N LYS A 81 0.07 -6.38 7.06
CA LYS A 81 0.62 -7.42 7.94
C LYS A 81 2.15 -7.28 8.07
N PHE A 82 2.81 -6.76 7.05
CA PHE A 82 4.23 -6.45 7.02
C PHE A 82 4.51 -5.03 7.56
N THR A 83 3.68 -4.46 8.45
CA THR A 83 4.03 -3.18 9.06
C THR A 83 3.26 -2.98 10.36
N GLU A 84 3.67 -2.00 11.16
CA GLU A 84 2.92 -1.53 12.32
C GLU A 84 1.84 -0.52 11.90
N PHE A 85 1.84 -0.07 10.65
CA PHE A 85 0.80 0.81 10.13
C PHE A 85 -0.39 -0.04 9.69
N ASP A 86 -1.50 0.09 10.42
CA ASP A 86 -2.78 -0.49 10.02
C ASP A 86 -3.10 -0.06 8.59
N ALA A 87 -3.89 -0.88 7.91
CA ALA A 87 -4.45 -0.61 6.60
C ALA A 87 -5.27 0.68 6.60
N ARG A 88 -5.75 1.09 7.78
CA ARG A 88 -6.37 2.36 8.07
C ARG A 88 -5.37 3.50 7.87
N LYS A 89 -4.36 3.66 8.74
CA LYS A 89 -3.43 4.78 8.64
C LYS A 89 -2.58 4.72 7.37
N LEU A 90 -2.30 3.52 6.83
CA LEU A 90 -1.62 3.33 5.55
C LEU A 90 -2.29 4.18 4.47
N HIS A 91 -3.58 3.93 4.18
CA HIS A 91 -4.25 4.65 3.10
C HIS A 91 -4.42 6.13 3.42
N LYS A 92 -4.60 6.50 4.70
CA LYS A 92 -4.69 7.89 5.13
C LYS A 92 -3.41 8.62 4.74
N LEU A 93 -2.26 8.08 5.18
CA LEU A 93 -0.95 8.63 4.91
C LEU A 93 -0.73 8.74 3.42
N TYR A 94 -0.93 7.64 2.67
CA TYR A 94 -0.78 7.60 1.24
C TYR A 94 -1.61 8.71 0.59
N LYS A 95 -2.91 8.78 0.86
CA LYS A 95 -3.81 9.76 0.25
C LYS A 95 -3.35 11.18 0.56
N HIS A 96 -3.00 11.48 1.81
CA HIS A 96 -2.45 12.80 2.16
C HIS A 96 -1.10 13.07 1.47
N ALA A 97 -0.30 12.03 1.19
CA ALA A 97 0.99 12.17 0.53
C ALA A 97 0.79 12.61 -0.91
N ILE A 98 0.07 11.79 -1.68
CA ILE A 98 -0.20 12.05 -3.09
C ILE A 98 -0.96 13.37 -3.23
N LYS A 99 -1.96 13.63 -2.38
CA LYS A 99 -2.68 14.90 -2.44
C LYS A 99 -1.74 16.07 -2.14
N LYS A 100 -0.82 15.98 -1.15
CA LYS A 100 0.09 17.10 -0.91
C LYS A 100 0.94 17.36 -2.14
N ARG A 101 1.45 16.32 -2.80
CA ARG A 101 2.19 16.45 -4.05
C ARG A 101 1.32 17.10 -5.13
N GLN A 102 0.07 16.65 -5.27
CA GLN A 102 -0.88 17.14 -6.25
C GLN A 102 -1.16 18.63 -6.09
N GLU A 103 -0.51 19.44 -6.92
CA GLU A 103 -0.79 20.86 -7.03
C GLU A 103 -2.18 21.09 -7.61
N SER A 104 -2.61 22.35 -7.65
CA SER A 104 -3.81 22.81 -8.33
C SER A 104 -3.52 22.83 -9.82
N GLN A 105 -2.66 23.75 -10.28
CA GLN A 105 -2.24 23.92 -11.66
C GLN A 105 -0.71 24.07 -11.65
N GLN A 106 -0.08 24.28 -12.81
CA GLN A 106 1.38 24.27 -12.93
C GLN A 106 2.02 25.49 -12.24
N ASN A 107 1.24 26.55 -11.95
CA ASN A 107 1.68 27.81 -11.33
C ASN A 107 2.85 28.42 -12.14
N SER A 108 3.57 29.39 -11.57
CA SER A 108 4.85 29.83 -12.09
C SER A 108 5.91 29.39 -11.09
N GLY A 1 -20.45 -12.91 1.59
CA GLY A 1 -20.88 -12.02 2.68
C GLY A 1 -19.80 -11.96 3.74
N PRO A 2 -19.89 -12.78 4.81
CA PRO A 2 -18.89 -12.83 5.85
C PRO A 2 -17.54 -13.26 5.27
N LEU A 3 -16.59 -12.33 5.25
CA LEU A 3 -15.20 -12.56 4.87
C LEU A 3 -14.33 -11.58 5.65
N GLY A 4 -13.55 -12.07 6.62
CA GLY A 4 -12.65 -11.25 7.42
C GLY A 4 -11.17 -11.42 7.06
N SER A 5 -10.83 -12.34 6.15
CA SER A 5 -9.46 -12.73 5.86
C SER A 5 -9.26 -12.99 4.37
N LEU A 6 -8.01 -13.00 3.90
CA LEU A 6 -7.68 -13.36 2.52
C LEU A 6 -7.85 -14.87 2.38
N ASP A 7 -8.34 -15.33 1.24
CA ASP A 7 -8.51 -16.75 0.93
C ASP A 7 -7.16 -17.39 0.56
N GLN A 8 -7.17 -18.67 0.18
CA GLN A 8 -6.04 -19.34 -0.45
C GLN A 8 -5.58 -18.51 -1.65
N LYS A 9 -6.43 -18.40 -2.67
CA LYS A 9 -6.07 -17.79 -3.94
C LYS A 9 -5.73 -16.32 -3.74
N THR A 10 -6.52 -15.61 -2.92
CA THR A 10 -6.36 -14.19 -2.69
C THR A 10 -4.94 -13.83 -2.24
N PHE A 11 -4.37 -14.64 -1.34
CA PHE A 11 -3.01 -14.49 -0.81
C PHE A 11 -1.98 -14.54 -1.93
N SER A 12 -2.17 -15.43 -2.90
CA SER A 12 -1.30 -15.54 -4.05
C SER A 12 -1.46 -14.33 -4.97
N ILE A 13 -2.68 -13.84 -5.18
CA ILE A 13 -2.92 -12.73 -6.09
C ILE A 13 -2.19 -11.48 -5.56
N CYS A 14 -2.34 -11.15 -4.27
CA CYS A 14 -1.54 -10.08 -3.69
C CYS A 14 -0.03 -10.35 -3.73
N LYS A 15 0.42 -11.57 -3.46
CA LYS A 15 1.84 -11.91 -3.60
C LYS A 15 2.37 -11.59 -5.00
N GLU A 16 1.62 -11.90 -6.05
CA GLU A 16 2.00 -11.53 -7.41
C GLU A 16 2.05 -10.00 -7.54
N ARG A 17 0.99 -9.29 -7.10
CA ARG A 17 0.89 -7.83 -7.28
C ARG A 17 2.00 -7.09 -6.56
N MET A 18 2.37 -7.51 -5.36
CA MET A 18 3.38 -6.89 -4.53
C MET A 18 4.81 -7.26 -5.00
N ARG A 19 5.02 -7.45 -6.31
CA ARG A 19 6.31 -7.79 -6.88
C ARG A 19 7.18 -6.55 -6.95
N PRO A 20 6.76 -5.50 -7.69
CA PRO A 20 7.56 -4.30 -7.82
C PRO A 20 7.75 -3.55 -6.50
N VAL A 21 6.94 -3.85 -5.49
CA VAL A 21 6.98 -3.20 -4.18
C VAL A 21 7.35 -4.21 -3.08
N LYS A 22 7.90 -5.39 -3.41
CA LYS A 22 8.26 -6.37 -2.38
C LYS A 22 9.27 -5.77 -1.40
N ALA A 23 10.32 -5.12 -1.91
CA ALA A 23 11.28 -4.43 -1.06
C ALA A 23 10.62 -3.32 -0.25
N ALA A 24 9.74 -2.54 -0.87
CA ALA A 24 9.09 -1.41 -0.23
C ALA A 24 8.23 -1.91 0.95
N LEU A 25 7.34 -2.86 0.71
CA LEU A 25 6.51 -3.42 1.77
C LEU A 25 7.41 -4.01 2.88
N LYS A 26 8.51 -4.67 2.51
CA LYS A 26 9.51 -5.15 3.46
C LYS A 26 10.17 -4.03 4.28
N GLN A 27 10.44 -2.86 3.70
CA GLN A 27 10.98 -1.69 4.41
C GLN A 27 10.07 -1.27 5.55
N LEU A 28 8.75 -1.42 5.37
CA LEU A 28 7.73 -1.03 6.32
C LEU A 28 7.37 -2.19 7.28
N ASP A 29 7.76 -3.43 6.95
CA ASP A 29 7.62 -4.62 7.81
C ASP A 29 8.72 -4.65 8.86
N ARG A 30 9.96 -4.40 8.44
CA ARG A 30 11.13 -4.39 9.31
C ARG A 30 12.17 -3.44 8.71
N PRO A 31 12.12 -2.12 8.97
CA PRO A 31 13.22 -1.23 8.61
C PRO A 31 14.49 -1.60 9.37
N GLU A 32 15.61 -0.98 9.00
CA GLU A 32 16.85 -1.03 9.75
C GLU A 32 17.40 0.33 10.17
N LYS A 33 16.78 1.43 9.73
CA LYS A 33 17.17 2.82 9.97
C LYS A 33 18.69 3.06 9.81
N GLY A 34 19.34 2.30 8.93
CA GLY A 34 20.77 2.26 8.79
C GLY A 34 21.31 3.38 7.88
N LEU A 35 20.45 4.14 7.23
CA LEU A 35 20.81 4.99 6.10
C LEU A 35 21.26 6.35 6.63
N SER A 36 20.30 7.14 7.11
CA SER A 36 20.45 8.35 7.89
C SER A 36 19.18 8.44 8.73
N GLU A 37 18.90 9.57 9.37
CA GLU A 37 17.58 9.89 9.85
C GLU A 37 16.92 10.92 8.91
N ARG A 38 17.74 11.78 8.29
CA ARG A 38 17.23 12.84 7.43
C ARG A 38 16.67 12.23 6.16
N GLU A 39 17.33 11.19 5.67
CA GLU A 39 16.89 10.48 4.48
C GLU A 39 15.59 9.71 4.81
N GLN A 40 15.49 9.09 6.01
CA GLN A 40 14.36 8.26 6.43
C GLN A 40 13.04 9.00 6.28
N LEU A 41 13.08 10.30 6.55
CA LEU A 41 11.92 11.16 6.45
C LEU A 41 11.36 11.21 5.05
N GLU A 42 12.18 11.07 4.03
CA GLU A 42 11.69 10.99 2.67
C GLU A 42 11.50 9.52 2.32
N HIS A 43 12.37 8.61 2.82
CA HIS A 43 12.27 7.18 2.57
C HIS A 43 10.90 6.63 2.92
N THR A 44 10.33 6.93 4.10
CA THR A 44 9.06 6.31 4.49
C THR A 44 7.94 6.80 3.58
N ARG A 45 7.91 8.10 3.26
CA ARG A 45 6.90 8.59 2.32
C ARG A 45 7.09 7.90 0.97
N GLN A 46 8.29 7.95 0.41
CA GLN A 46 8.58 7.44 -0.93
C GLN A 46 8.22 5.96 -1.04
N CYS A 47 8.49 5.18 0.01
CA CYS A 47 8.04 3.80 0.14
C CYS A 47 6.51 3.76 0.06
N LEU A 48 5.85 4.37 1.05
CA LEU A 48 4.41 4.25 1.24
C LEU A 48 3.64 4.72 -0.01
N ILE A 49 4.12 5.76 -0.71
CA ILE A 49 3.53 6.18 -1.97
C ILE A 49 3.77 5.19 -3.10
N LYS A 50 4.93 4.55 -3.20
CA LYS A 50 5.16 3.53 -4.20
C LYS A 50 4.18 2.41 -3.95
N ILE A 51 4.07 1.93 -2.72
CA ILE A 51 3.18 0.83 -2.37
C ILE A 51 1.73 1.23 -2.67
N GLY A 52 1.27 2.38 -2.17
CA GLY A 52 -0.10 2.85 -2.32
C GLY A 52 -0.48 3.07 -3.77
N ASP A 53 0.43 3.62 -4.56
CA ASP A 53 0.21 3.86 -5.97
C ASP A 53 0.22 2.55 -6.75
N HIS A 54 1.15 1.64 -6.47
CA HIS A 54 1.20 0.33 -7.11
C HIS A 54 -0.08 -0.47 -6.84
N ILE A 55 -0.60 -0.41 -5.60
CA ILE A 55 -1.90 -0.97 -5.26
C ILE A 55 -2.92 -0.35 -6.20
N THR A 56 -3.06 0.97 -6.19
CA THR A 56 -4.12 1.67 -6.91
C THR A 56 -4.03 1.42 -8.44
N GLU A 57 -2.81 1.29 -8.98
CA GLU A 57 -2.52 1.02 -10.37
C GLU A 57 -2.81 -0.43 -10.76
N CYS A 58 -2.86 -1.36 -9.82
CA CYS A 58 -3.38 -2.71 -10.05
C CYS A 58 -4.90 -2.69 -9.99
N LEU A 59 -5.46 -2.08 -8.95
CA LEU A 59 -6.89 -2.05 -8.69
C LEU A 59 -7.66 -1.35 -9.80
N LYS A 60 -7.08 -0.40 -10.54
CA LYS A 60 -7.82 0.18 -11.68
C LYS A 60 -8.10 -0.85 -12.77
N GLU A 61 -7.35 -1.96 -12.83
CA GLU A 61 -7.52 -2.93 -13.89
C GLU A 61 -8.90 -3.57 -13.76
N TYR A 62 -9.36 -3.79 -12.53
CA TYR A 62 -10.70 -4.36 -12.35
C TYR A 62 -11.75 -3.32 -12.76
N THR A 63 -12.86 -3.83 -13.28
CA THR A 63 -13.97 -3.05 -13.79
C THR A 63 -15.24 -3.28 -12.95
N ASN A 64 -15.41 -4.48 -12.38
CA ASN A 64 -16.57 -4.81 -11.55
C ASN A 64 -16.49 -4.04 -10.23
N PRO A 65 -17.62 -3.59 -9.66
CA PRO A 65 -17.63 -2.75 -8.47
C PRO A 65 -17.11 -3.49 -7.24
N GLU A 66 -17.49 -4.76 -7.11
CA GLU A 66 -17.06 -5.54 -5.97
C GLU A 66 -15.60 -5.93 -6.10
N GLN A 67 -15.04 -6.20 -7.30
CA GLN A 67 -13.63 -6.38 -7.44
C GLN A 67 -12.87 -5.13 -7.01
N ILE A 68 -13.13 -3.96 -7.60
CA ILE A 68 -12.40 -2.75 -7.23
C ILE A 68 -12.50 -2.52 -5.71
N LYS A 69 -13.68 -2.74 -5.10
CA LYS A 69 -13.92 -2.43 -3.70
C LYS A 69 -13.38 -3.50 -2.76
N GLN A 70 -13.45 -4.78 -3.11
CA GLN A 70 -12.95 -5.88 -2.32
C GLN A 70 -11.44 -5.93 -2.45
N TRP A 71 -10.91 -5.99 -3.68
CA TRP A 71 -9.48 -6.02 -3.90
C TRP A 71 -8.81 -4.81 -3.26
N ARG A 72 -9.44 -3.63 -3.24
CA ARG A 72 -8.81 -2.48 -2.59
C ARG A 72 -8.48 -2.80 -1.14
N LYS A 73 -9.48 -3.21 -0.36
CA LYS A 73 -9.23 -3.57 1.03
C LYS A 73 -8.33 -4.80 1.11
N ASN A 74 -8.49 -5.80 0.24
CA ASN A 74 -7.67 -7.00 0.26
C ASN A 74 -6.18 -6.66 0.17
N LEU A 75 -5.79 -5.80 -0.78
CA LEU A 75 -4.40 -5.39 -0.99
C LEU A 75 -3.91 -4.57 0.20
N TRP A 76 -4.67 -3.56 0.65
CA TRP A 76 -4.30 -2.78 1.81
C TRP A 76 -4.15 -3.63 3.08
N ILE A 77 -4.97 -4.67 3.26
CA ILE A 77 -4.86 -5.63 4.36
C ILE A 77 -3.57 -6.43 4.18
N PHE A 78 -3.35 -6.96 2.98
CA PHE A 78 -2.17 -7.76 2.68
C PHE A 78 -0.91 -7.05 3.13
N VAL A 79 -0.74 -5.79 2.75
CA VAL A 79 0.42 -5.02 3.14
C VAL A 79 0.39 -4.72 4.63
N SER A 80 -0.76 -4.34 5.19
CA SER A 80 -0.86 -3.96 6.59
C SER A 80 -0.38 -5.06 7.56
N LYS A 81 -0.39 -6.34 7.18
CA LYS A 81 0.22 -7.38 8.03
C LYS A 81 1.72 -7.12 8.13
N PHE A 82 2.36 -6.93 6.97
CA PHE A 82 3.75 -6.55 6.82
C PHE A 82 4.02 -5.07 7.18
N THR A 83 3.39 -4.50 8.20
CA THR A 83 3.87 -3.26 8.79
C THR A 83 3.22 -3.07 10.16
N GLU A 84 3.71 -2.09 10.93
CA GLU A 84 3.05 -1.61 12.13
C GLU A 84 1.83 -0.73 11.82
N PHE A 85 1.69 -0.24 10.58
CA PHE A 85 0.62 0.65 10.18
C PHE A 85 -0.59 -0.17 9.72
N ASP A 86 -1.68 -0.04 10.46
CA ASP A 86 -2.96 -0.66 10.13
C ASP A 86 -3.41 -0.25 8.73
N ALA A 87 -4.24 -1.06 8.10
CA ALA A 87 -4.98 -0.73 6.90
C ALA A 87 -5.91 0.46 7.19
N ARG A 88 -6.39 0.54 8.44
CA ARG A 88 -7.21 1.64 8.93
C ARG A 88 -6.49 3.00 8.86
N LYS A 89 -5.15 3.06 8.94
CA LYS A 89 -4.40 4.31 8.77
C LYS A 89 -3.54 4.37 7.51
N LEU A 90 -3.11 3.24 6.94
CA LEU A 90 -2.22 3.18 5.78
C LEU A 90 -2.81 3.94 4.60
N HIS A 91 -4.04 3.61 4.23
CA HIS A 91 -4.75 4.24 3.11
C HIS A 91 -4.99 5.73 3.39
N LYS A 92 -5.00 6.15 4.66
CA LYS A 92 -5.20 7.53 5.10
C LYS A 92 -3.89 8.31 4.97
N LEU A 93 -2.79 7.76 5.50
CA LEU A 93 -1.40 8.18 5.32
C LEU A 93 -1.14 8.39 3.83
N TYR A 94 -1.40 7.37 3.01
CA TYR A 94 -1.25 7.42 1.56
C TYR A 94 -2.04 8.57 0.95
N LYS A 95 -3.34 8.68 1.26
CA LYS A 95 -4.18 9.80 0.82
C LYS A 95 -3.48 11.14 1.07
N HIS A 96 -2.96 11.35 2.28
CA HIS A 96 -2.45 12.67 2.64
C HIS A 96 -1.19 12.90 1.80
N ALA A 97 -0.38 11.84 1.69
CA ALA A 97 0.93 11.84 1.06
C ALA A 97 0.85 12.09 -0.44
N ILE A 98 -0.10 11.45 -1.14
CA ILE A 98 -0.36 11.78 -2.55
C ILE A 98 -0.80 13.24 -2.63
N LYS A 99 -1.72 13.67 -1.78
CA LYS A 99 -2.21 15.04 -1.85
C LYS A 99 -1.09 16.07 -1.63
N LYS A 100 -0.09 15.79 -0.78
CA LYS A 100 1.07 16.68 -0.64
C LYS A 100 1.80 16.84 -1.97
N ARG A 101 1.88 15.80 -2.80
CA ARG A 101 2.41 15.94 -4.16
C ARG A 101 1.41 16.57 -5.11
N GLN A 102 0.11 16.36 -4.95
CA GLN A 102 -0.95 16.82 -5.85
C GLN A 102 -2.17 17.30 -5.05
N GLU A 103 -2.20 18.57 -4.65
CA GLU A 103 -3.44 19.15 -4.15
C GLU A 103 -4.39 19.25 -5.36
N SER A 104 -5.56 18.63 -5.24
CA SER A 104 -6.56 18.47 -6.30
C SER A 104 -7.90 18.97 -5.77
N GLN A 105 -8.43 18.31 -4.73
CA GLN A 105 -9.29 18.87 -3.68
C GLN A 105 -10.74 19.15 -4.09
N GLN A 106 -10.98 19.40 -5.37
CA GLN A 106 -12.28 19.36 -6.02
C GLN A 106 -12.77 17.90 -6.13
N ASN A 107 -13.76 17.65 -6.99
CA ASN A 107 -14.11 16.30 -7.39
C ASN A 107 -12.97 15.76 -8.27
N SER A 108 -12.15 14.86 -7.71
CA SER A 108 -10.84 14.46 -8.24
C SER A 108 -9.83 15.61 -8.14
N GLY A 1 -16.12 -18.15 -4.64
CA GLY A 1 -15.80 -16.82 -4.16
C GLY A 1 -16.15 -16.66 -2.69
N PRO A 2 -15.28 -17.12 -1.77
CA PRO A 2 -15.42 -16.86 -0.34
C PRO A 2 -15.01 -15.42 0.00
N LEU A 3 -15.66 -14.88 1.02
CA LEU A 3 -15.27 -13.67 1.73
C LEU A 3 -14.57 -14.11 3.03
N GLY A 4 -14.21 -13.13 3.86
CA GLY A 4 -13.60 -13.38 5.16
C GLY A 4 -12.09 -13.49 4.99
N SER A 5 -11.35 -12.55 5.60
CA SER A 5 -9.90 -12.48 5.47
C SER A 5 -9.49 -12.32 4.00
N LEU A 6 -8.23 -12.59 3.68
CA LEU A 6 -7.82 -13.01 2.35
C LEU A 6 -8.07 -14.50 2.27
N ASP A 7 -8.68 -14.97 1.19
CA ASP A 7 -8.76 -16.41 0.90
C ASP A 7 -7.44 -16.93 0.33
N GLN A 8 -7.33 -18.23 0.09
CA GLN A 8 -6.13 -18.86 -0.43
C GLN A 8 -5.67 -18.19 -1.72
N LYS A 9 -6.55 -18.09 -2.72
CA LYS A 9 -6.17 -17.52 -4.00
C LYS A 9 -5.90 -16.03 -3.84
N THR A 10 -6.82 -15.32 -3.16
CA THR A 10 -6.77 -13.88 -2.93
C THR A 10 -5.41 -13.47 -2.34
N PHE A 11 -4.95 -14.21 -1.33
CA PHE A 11 -3.63 -14.07 -0.69
C PHE A 11 -2.49 -14.18 -1.70
N SER A 12 -2.51 -15.23 -2.53
CA SER A 12 -1.47 -15.46 -3.52
C SER A 12 -1.46 -14.36 -4.58
N ILE A 13 -2.62 -13.80 -4.91
CA ILE A 13 -2.71 -12.73 -5.90
C ILE A 13 -2.05 -11.48 -5.32
N CYS A 14 -2.46 -10.99 -4.15
CA CYS A 14 -1.73 -9.87 -3.53
C CYS A 14 -0.23 -10.08 -3.41
N LYS A 15 0.21 -11.30 -3.09
CA LYS A 15 1.64 -11.62 -3.06
C LYS A 15 2.31 -11.29 -4.39
N GLU A 16 1.82 -11.82 -5.50
CA GLU A 16 2.39 -11.52 -6.82
C GLU A 16 2.18 -10.05 -7.21
N ARG A 17 1.05 -9.43 -6.85
CA ARG A 17 0.79 -8.04 -7.23
C ARG A 17 1.75 -7.07 -6.51
N MET A 18 2.16 -7.36 -5.28
CA MET A 18 3.12 -6.56 -4.51
C MET A 18 4.59 -6.86 -4.86
N ARG A 19 4.87 -7.54 -5.97
CA ARG A 19 6.21 -7.93 -6.38
C ARG A 19 7.09 -6.70 -6.52
N PRO A 20 6.65 -5.65 -7.25
CA PRO A 20 7.44 -4.44 -7.42
C PRO A 20 7.73 -3.65 -6.14
N VAL A 21 7.09 -3.97 -5.01
CA VAL A 21 7.18 -3.25 -3.74
C VAL A 21 7.46 -4.17 -2.54
N LYS A 22 8.01 -5.36 -2.77
CA LYS A 22 8.45 -6.27 -1.72
C LYS A 22 9.46 -5.62 -0.76
N ALA A 23 10.44 -4.88 -1.29
CA ALA A 23 11.40 -4.18 -0.43
C ALA A 23 10.68 -3.14 0.41
N ALA A 24 9.74 -2.38 -0.18
CA ALA A 24 8.95 -1.39 0.54
C ALA A 24 8.15 -2.05 1.68
N LEU A 25 7.56 -3.22 1.39
CA LEU A 25 6.88 -4.09 2.34
C LEU A 25 7.77 -4.39 3.54
N LYS A 26 9.01 -4.81 3.31
CA LYS A 26 9.92 -5.02 4.44
C LYS A 26 10.21 -3.70 5.17
N GLN A 27 10.56 -2.65 4.44
CA GLN A 27 11.00 -1.36 4.97
C GLN A 27 9.96 -0.69 5.89
N LEU A 28 8.68 -1.08 5.84
CA LEU A 28 7.61 -0.52 6.68
C LEU A 28 7.38 -1.32 7.97
N ASP A 29 8.12 -2.41 8.17
CA ASP A 29 8.06 -3.33 9.32
C ASP A 29 9.42 -3.51 9.97
N ARG A 30 10.48 -3.30 9.19
CA ARG A 30 11.85 -3.13 9.62
C ARG A 30 12.42 -1.95 8.82
N PRO A 31 12.23 -0.69 9.25
CA PRO A 31 12.80 0.47 8.57
C PRO A 31 14.32 0.48 8.72
N GLU A 32 15.01 1.18 7.83
CA GLU A 32 16.45 1.34 7.90
C GLU A 32 16.81 2.46 8.89
N LYS A 33 18.08 2.55 9.28
CA LYS A 33 18.53 3.33 10.44
C LYS A 33 19.93 3.92 10.27
N GLY A 34 20.53 3.75 9.10
CA GLY A 34 21.93 4.05 8.82
C GLY A 34 22.12 5.10 7.74
N LEU A 35 21.11 5.95 7.48
CA LEU A 35 21.16 7.01 6.49
C LEU A 35 21.12 8.34 7.24
N SER A 36 21.09 9.42 6.47
CA SER A 36 20.98 10.79 6.94
C SER A 36 19.61 11.06 7.56
N GLU A 37 19.53 12.18 8.27
CA GLU A 37 18.40 12.62 9.06
C GLU A 37 17.12 12.75 8.23
N ARG A 38 17.11 13.54 7.15
CA ARG A 38 15.93 13.68 6.31
C ARG A 38 15.83 12.54 5.32
N GLU A 39 16.97 11.93 4.97
CA GLU A 39 17.03 10.82 4.03
C GLU A 39 16.12 9.70 4.48
N GLN A 40 16.11 9.41 5.79
CA GLN A 40 15.30 8.37 6.38
C GLN A 40 13.83 8.60 6.07
N LEU A 41 13.35 9.82 6.33
CA LEU A 41 11.96 10.16 6.17
C LEU A 41 11.56 10.05 4.71
N GLU A 42 12.37 10.62 3.83
CA GLU A 42 12.14 10.51 2.39
C GLU A 42 12.12 9.05 1.94
N HIS A 43 12.97 8.18 2.47
CA HIS A 43 12.99 6.76 2.17
C HIS A 43 11.63 6.15 2.52
N THR A 44 11.10 6.44 3.71
CA THR A 44 9.80 5.95 4.13
C THR A 44 8.70 6.50 3.22
N ARG A 45 8.71 7.79 2.87
CA ARG A 45 7.71 8.38 1.99
C ARG A 45 7.73 7.71 0.62
N GLN A 46 8.91 7.52 0.04
CA GLN A 46 9.12 6.79 -1.20
C GLN A 46 8.55 5.38 -1.13
N CYS A 47 8.79 4.63 -0.05
CA CYS A 47 8.18 3.34 0.16
C CYS A 47 6.65 3.47 0.13
N LEU A 48 6.10 4.35 0.97
CA LEU A 48 4.67 4.52 1.17
C LEU A 48 3.95 4.79 -0.17
N ILE A 49 4.40 5.79 -0.92
CA ILE A 49 3.81 6.14 -2.20
C ILE A 49 3.95 4.99 -3.18
N LYS A 50 5.12 4.36 -3.32
CA LYS A 50 5.30 3.34 -4.34
C LYS A 50 4.37 2.16 -4.06
N ILE A 51 4.13 1.82 -2.80
CA ILE A 51 3.14 0.80 -2.44
C ILE A 51 1.76 1.28 -2.89
N GLY A 52 1.30 2.43 -2.39
CA GLY A 52 -0.05 2.88 -2.65
C GLY A 52 -0.32 3.08 -4.15
N ASP A 53 0.71 3.47 -4.90
CA ASP A 53 0.72 3.61 -6.35
C ASP A 53 0.52 2.24 -6.98
N HIS A 54 1.39 1.25 -6.74
CA HIS A 54 1.23 -0.07 -7.37
C HIS A 54 -0.07 -0.75 -6.94
N ILE A 55 -0.54 -0.55 -5.71
CA ILE A 55 -1.87 -1.00 -5.28
C ILE A 55 -2.90 -0.37 -6.20
N THR A 56 -2.90 0.96 -6.36
CA THR A 56 -3.88 1.64 -7.19
C THR A 56 -3.83 1.11 -8.64
N GLU A 57 -2.62 0.84 -9.15
CA GLU A 57 -2.42 0.38 -10.50
C GLU A 57 -3.01 -1.01 -10.72
N CYS A 58 -3.06 -1.82 -9.67
CA CYS A 58 -3.81 -3.07 -9.67
C CYS A 58 -5.30 -2.76 -9.71
N LEU A 59 -5.84 -2.03 -8.73
CA LEU A 59 -7.29 -1.95 -8.56
C LEU A 59 -7.97 -1.14 -9.65
N LYS A 60 -7.30 -0.21 -10.36
CA LYS A 60 -7.95 0.44 -11.50
C LYS A 60 -8.23 -0.57 -12.62
N GLU A 61 -7.58 -1.73 -12.61
CA GLU A 61 -7.76 -2.76 -13.61
C GLU A 61 -9.20 -3.21 -13.60
N TYR A 62 -9.77 -3.41 -12.40
CA TYR A 62 -11.14 -3.89 -12.35
C TYR A 62 -12.10 -2.79 -12.74
N THR A 63 -13.17 -3.18 -13.42
CA THR A 63 -14.26 -2.31 -13.77
C THR A 63 -15.34 -2.39 -12.68
N ASN A 64 -15.61 -3.59 -12.15
CA ASN A 64 -16.82 -3.84 -11.37
C ASN A 64 -16.70 -3.29 -9.94
N PRO A 65 -17.79 -2.77 -9.34
CA PRO A 65 -17.74 -2.07 -8.06
C PRO A 65 -17.41 -3.03 -6.92
N GLU A 66 -17.93 -4.26 -6.95
CA GLU A 66 -17.60 -5.27 -5.95
C GLU A 66 -16.10 -5.52 -5.96
N GLN A 67 -15.51 -5.66 -7.15
CA GLN A 67 -14.12 -6.04 -7.30
C GLN A 67 -13.20 -4.91 -6.87
N ILE A 68 -13.40 -3.68 -7.37
CA ILE A 68 -12.59 -2.56 -6.92
C ILE A 68 -12.68 -2.44 -5.39
N LYS A 69 -13.89 -2.57 -4.80
CA LYS A 69 -14.11 -2.44 -3.35
C LYS A 69 -13.43 -3.57 -2.57
N GLN A 70 -13.62 -4.81 -3.00
CA GLN A 70 -13.06 -5.98 -2.34
C GLN A 70 -11.55 -5.98 -2.48
N TRP A 71 -11.02 -5.87 -3.70
CA TRP A 71 -9.59 -5.95 -3.93
C TRP A 71 -8.86 -4.76 -3.32
N ARG A 72 -9.45 -3.55 -3.32
CA ARG A 72 -8.75 -2.42 -2.69
C ARG A 72 -8.53 -2.72 -1.22
N LYS A 73 -9.56 -3.22 -0.54
CA LYS A 73 -9.43 -3.74 0.82
C LYS A 73 -8.37 -4.83 0.86
N ASN A 74 -8.51 -5.89 0.06
CA ASN A 74 -7.66 -7.07 0.15
C ASN A 74 -6.17 -6.71 0.06
N LEU A 75 -5.78 -5.85 -0.89
CA LEU A 75 -4.38 -5.43 -1.05
C LEU A 75 -3.92 -4.60 0.14
N TRP A 76 -4.70 -3.62 0.59
CA TRP A 76 -4.36 -2.86 1.79
C TRP A 76 -4.23 -3.76 3.02
N ILE A 77 -5.12 -4.75 3.19
CA ILE A 77 -5.07 -5.72 4.29
C ILE A 77 -3.81 -6.57 4.17
N PHE A 78 -3.50 -7.04 2.96
CA PHE A 78 -2.31 -7.84 2.68
C PHE A 78 -1.07 -7.14 3.22
N VAL A 79 -0.89 -5.88 2.81
CA VAL A 79 0.30 -5.13 3.22
C VAL A 79 0.24 -4.84 4.73
N SER A 80 -0.94 -4.52 5.26
CA SER A 80 -1.19 -4.23 6.68
C SER A 80 -0.79 -5.37 7.62
N LYS A 81 -0.54 -6.59 7.15
CA LYS A 81 0.04 -7.64 7.98
C LYS A 81 1.52 -7.33 8.20
N PHE A 82 2.24 -7.14 7.11
CA PHE A 82 3.64 -6.75 7.01
C PHE A 82 3.91 -5.29 7.42
N THR A 83 3.17 -4.71 8.35
CA THR A 83 3.59 -3.47 8.97
C THR A 83 2.86 -3.32 10.30
N GLU A 84 3.21 -2.26 11.02
CA GLU A 84 2.63 -1.86 12.28
C GLU A 84 1.25 -1.25 12.08
N PHE A 85 0.98 -0.68 10.91
CA PHE A 85 -0.14 0.21 10.65
C PHE A 85 -1.27 -0.51 9.95
N ASP A 86 -2.47 -0.45 10.55
CA ASP A 86 -3.70 -0.94 9.97
C ASP A 86 -3.90 -0.33 8.60
N ALA A 87 -4.57 -1.08 7.76
CA ALA A 87 -5.04 -0.67 6.44
C ALA A 87 -5.75 0.69 6.56
N ARG A 88 -6.58 0.84 7.60
CA ARG A 88 -7.25 2.10 7.97
C ARG A 88 -6.31 3.29 7.96
N LYS A 89 -5.23 3.28 8.77
CA LYS A 89 -4.35 4.44 8.87
C LYS A 89 -3.39 4.47 7.68
N LEU A 90 -2.90 3.33 7.19
CA LEU A 90 -1.96 3.26 6.07
C LEU A 90 -2.55 4.01 4.87
N HIS A 91 -3.83 3.75 4.59
CA HIS A 91 -4.62 4.40 3.55
C HIS A 91 -4.60 5.93 3.66
N LYS A 92 -4.73 6.47 4.88
CA LYS A 92 -4.62 7.90 5.14
C LYS A 92 -3.21 8.37 4.86
N LEU A 93 -2.19 7.72 5.44
CA LEU A 93 -0.79 8.09 5.26
C LEU A 93 -0.44 8.18 3.78
N TYR A 94 -0.89 7.21 2.96
CA TYR A 94 -0.71 7.24 1.53
C TYR A 94 -1.40 8.45 0.91
N LYS A 95 -2.71 8.63 1.13
CA LYS A 95 -3.41 9.71 0.41
C LYS A 95 -2.82 11.08 0.75
N HIS A 96 -2.41 11.30 2.01
CA HIS A 96 -1.69 12.50 2.39
C HIS A 96 -0.30 12.57 1.72
N ALA A 97 0.43 11.46 1.57
CA ALA A 97 1.75 11.47 0.93
C ALA A 97 1.67 11.91 -0.53
N ILE A 98 0.72 11.37 -1.29
CA ILE A 98 0.54 11.80 -2.67
C ILE A 98 -0.04 13.21 -2.69
N LYS A 99 -1.16 13.47 -2.01
CA LYS A 99 -1.87 14.76 -2.11
C LYS A 99 -0.99 15.93 -1.66
N LYS A 100 -0.02 15.73 -0.76
CA LYS A 100 1.03 16.72 -0.47
C LYS A 100 1.65 17.22 -1.78
N ARG A 101 2.28 16.31 -2.52
CA ARG A 101 3.07 16.64 -3.70
C ARG A 101 2.21 16.82 -4.95
N GLN A 102 0.96 16.35 -4.92
CA GLN A 102 0.04 16.28 -6.05
C GLN A 102 -1.30 16.87 -5.60
N GLU A 103 -1.26 18.17 -5.26
CA GLU A 103 -2.36 18.86 -4.62
C GLU A 103 -3.59 18.85 -5.52
N SER A 104 -4.76 18.67 -4.91
CA SER A 104 -6.00 18.43 -5.63
C SER A 104 -7.18 19.23 -5.10
N GLN A 105 -7.20 19.63 -3.81
CA GLN A 105 -8.44 19.98 -3.10
C GLN A 105 -9.47 18.84 -3.26
N GLN A 106 -10.73 19.06 -2.88
CA GLN A 106 -11.90 18.40 -3.47
C GLN A 106 -13.14 19.18 -3.03
N ASN A 107 -14.15 19.27 -3.89
CA ASN A 107 -15.44 19.86 -3.56
C ASN A 107 -16.31 18.88 -2.76
N SER A 108 -15.89 18.55 -1.53
CA SER A 108 -16.86 18.41 -0.46
C SER A 108 -17.52 19.78 -0.27
#